data_5YTB
#
_entry.id   5YTB
#
_cell.length_a   105.285
_cell.length_b   105.285
_cell.length_c   305.726
_cell.angle_alpha   90.000
_cell.angle_beta   90.000
_cell.angle_gamma   90.000
#
_symmetry.space_group_name_H-M   'P 43 21 2'
#
loop_
_entity.id
_entity.type
_entity.pdbx_description
1 polymer 'GTP-binding nuclear protein Ran'
2 polymer 'Ran-specific GTPase-activating protein 1'
3 polymer Exportin-1,Exportin-1
4 non-polymer "GUANOSINE-5'-TRIPHOSPHATE"
5 non-polymer 'MAGNESIUM ION'
6 non-polymer 1,2-ETHANEDIOL
7 non-polymer 'CHLORIDE ION'
8 non-polymer GLYCEROL
9 non-polymer 'ACETATE ION'
10 water water
#
loop_
_entity_poly.entity_id
_entity_poly.type
_entity_poly.pdbx_seq_one_letter_code
_entity_poly.pdbx_strand_id
1 'polypeptide(L)'
;MAAQGEPQVQFKLVLVGDGGTGKTTFVKRHLTGEFEKKYVATLGVEVHPLVFHTNRGPIKFNVWDTAGQEKFGGLRDGYY
IQAQCAIIMFDVTSRVTYKNVPNWHRDLVRVCENIPIVLCGNKVDIKDRKVKAKSIVFHRKKNLQYYDISAKSNYNFEKP
FLWLARKLIGDPNLEFVAMPALAPPEVVMDPALAAQAEHDLEVAQTTALPDEDDDL
;
A
2 'polypeptide(L)'
;DIHFEPVVHLEKVDVKTMEEDEEVLYKVRAKLFRFDADAKEWKERGTGDCKFLKNKKTNKVRILMRRDKTLKICANHIIA
PEYTLKPNVGSDRSWVYACTADIAEGEAEAFTFAIRFGSKENADKFKEEFEKAQEINKK
;
B
3 'polypeptide(L)'
;GAMEGILDFSNDLDIALLDQVVSTFYQGSGVQQKQAQEILTKFQDNPDAWQKADQILQFSTNPQSKFIALSILDKLITRK
WKLLPNDHRIGIRNFVVGMIISMCQDDEVFKTQKNLINKSDLTLVQILKQEWPQNWPEFIPELIGSSSSSVNVCENNMIV
LKLLSEEVFDFSAEQMTQAKALHLKNSMSKEFEQIFKLCFQVLEQGSSSSLIVATLESLLRYLHWIPYRYIYETNILELL
STKFMTSPDTRAITLKCLTEVSNLKIPQDNDLIKRQTVLFFQNTLQQIATSVMPVTADLKATYANANGNDQSFLQDLAMF
LTTYLARNRALLESDESLRELLLNAHQYLIQLSKIEERELFKTTLDYWHNLVADLFYEPLKKHIYEEICSQLRLVIIENM
VRPEEVLVVENDEGEIVREFVKESDTIQLYKSEREVLVYLTHLNVIDTEEIMISKLARQIDGSEWSWHNINTLSWAIGSI
SGTMSEDTEKRFVVTVIKDLLGLCEQKRGKDNKAVVASDIMYVVGQYPRFLKAHWNFLRTVILKLFEFMHETHEGVQDMA
CDTFIKIVQKCKYHFVIQQPRESEPFIQTIIRDIQKTTADLQPQQVHTFYKACGIIISEERSVAERNRLLSDLMQLPNMA
WDTIVEQSTANPTLLLDSETVKIIANIIKTNVAVCTSMGADFYPQLGHIYYNMLQLYRAVSSMISAQVAAEGLIATKTPK
VRGLRTIKKEILKLVETYISKARNLDDVVKVLVEPLLNAVLEDYMNNVPDARDAEVLNCMTTVVEKVGHMIPQGVILILQ
SVFECTLDMINKDFTEYPEHRVEFYKLLKVINEKSFAAFLELPPAAFKLFVDAICWAFKHNNRDVEVNGLQIALDLVKNI
ERMGNVPFANEFHKNYFFIFVSETFFVLTDSDHKSGFSKQALLLMKLISLVYDNKISVPLYQEAEVPQGTSNQVYLSQYL
ANMLSNAFPHLTSEQIASFLSALTKQCKDLVVFKGTLRDFLVQIKEVGGDPTDYLFA
;
C
#
loop_
_chem_comp.id
_chem_comp.type
_chem_comp.name
_chem_comp.formula
ACT non-polymer 'ACETATE ION' 'C2 H3 O2 -1'
CL non-polymer 'CHLORIDE ION' 'Cl -1'
EDO non-polymer 1,2-ETHANEDIOL 'C2 H6 O2'
GOL non-polymer GLYCEROL 'C3 H8 O3'
GTP non-polymer GUANOSINE-5'-TRIPHOSPHATE 'C10 H16 N5 O14 P3'
MG non-polymer 'MAGNESIUM ION' 'Mg 2'
#
# COMPACT_ATOMS: atom_id res chain seq x y z
N GLN A 8 12.68 29.77 15.08
CA GLN A 8 12.23 28.46 14.53
C GLN A 8 10.77 28.20 14.90
N VAL A 9 9.89 28.27 13.91
CA VAL A 9 8.48 27.98 14.08
C VAL A 9 8.24 26.46 14.05
N GLN A 10 7.29 26.02 14.85
CA GLN A 10 6.95 24.60 14.96
C GLN A 10 5.47 24.35 14.69
N PHE A 11 5.16 23.15 14.21
CA PHE A 11 3.79 22.76 13.84
C PHE A 11 3.44 21.38 14.40
N LYS A 12 2.27 21.26 15.01
CA LYS A 12 1.78 19.99 15.50
C LYS A 12 1.21 19.16 14.33
N LEU A 13 1.73 17.94 14.18
CA LEU A 13 1.31 17.01 13.15
C LEU A 13 0.75 15.78 13.83
N VAL A 14 -0.47 15.37 13.45
CA VAL A 14 -1.03 14.11 13.92
C VAL A 14 -1.05 13.05 12.82
N LEU A 15 -0.67 11.85 13.21
CA LEU A 15 -0.51 10.74 12.32
C LEU A 15 -1.46 9.65 12.81
N VAL A 16 -2.42 9.29 11.95
CA VAL A 16 -3.47 8.32 12.27
C VAL A 16 -3.60 7.25 11.19
N GLY A 17 -4.23 6.15 11.56
CA GLY A 17 -4.47 5.03 10.65
C GLY A 17 -4.49 3.72 11.40
N ASP A 18 -4.98 2.67 10.74
CA ASP A 18 -5.08 1.36 11.36
C ASP A 18 -3.74 0.83 11.87
N GLY A 19 -3.83 -0.08 12.84
CA GLY A 19 -2.68 -0.81 13.37
C GLY A 19 -1.94 -1.57 12.28
N GLY A 20 -0.61 -1.51 12.35
CA GLY A 20 0.24 -2.22 11.41
C GLY A 20 0.43 -1.58 10.04
N THR A 21 -0.14 -0.39 9.81
CA THR A 21 -0.05 0.26 8.49
C THR A 21 1.32 0.87 8.21
N GLY A 22 2.12 1.12 9.25
CA GLY A 22 3.49 1.63 9.10
C GLY A 22 3.75 3.05 9.58
N LYS A 23 2.89 3.56 10.45
CA LYS A 23 3.01 4.93 10.95
C LYS A 23 4.30 5.13 11.75
N THR A 24 4.54 4.26 12.73
CA THR A 24 5.75 4.36 13.57
C THR A 24 7.04 4.09 12.77
N THR A 25 7.01 3.08 11.90
CA THR A 25 8.12 2.80 10.98
C THR A 25 8.47 4.02 10.13
N PHE A 26 7.44 4.64 9.57
CA PHE A 26 7.60 5.84 8.74
C PHE A 26 8.25 6.99 9.50
N VAL A 27 7.77 7.24 10.73
CA VAL A 27 8.35 8.26 11.59
C VAL A 27 9.79 7.92 11.98
N LYS A 28 10.04 6.68 12.41
CA LYS A 28 11.40 6.28 12.79
C LYS A 28 12.40 6.42 11.65
N ARG A 29 11.96 6.08 10.42
CA ARG A 29 12.81 6.30 9.24
C ARG A 29 13.24 7.74 9.14
N HIS A 30 12.32 8.67 9.35
CA HIS A 30 12.63 10.10 9.28
C HIS A 30 13.48 10.61 10.45
N LEU A 31 13.30 10.06 11.65
CA LEU A 31 14.05 10.46 12.84
C LEU A 31 15.52 10.01 12.83
N THR A 32 15.74 8.73 12.61
CA THR A 32 17.06 8.09 12.73
C THR A 32 17.67 7.52 11.46
N GLY A 33 16.85 7.40 10.40
CA GLY A 33 17.27 6.71 9.17
C GLY A 33 16.97 5.22 9.13
N GLU A 34 16.56 4.64 10.25
CA GLU A 34 16.44 3.18 10.36
C GLU A 34 15.20 2.63 9.69
N PHE A 35 15.19 1.33 9.49
CA PHE A 35 13.99 0.59 9.10
C PHE A 35 13.65 -0.45 10.17
N GLU A 36 12.68 -0.14 11.01
CA GLU A 36 12.22 -1.08 12.02
C GLU A 36 11.36 -2.17 11.35
N LYS A 37 11.79 -3.42 11.46
CA LYS A 37 11.10 -4.57 10.88
C LYS A 37 10.03 -5.19 11.77
N LYS A 38 10.17 -5.05 13.08
CA LYS A 38 9.21 -5.65 14.01
C LYS A 38 7.99 -4.76 14.18
N TYR A 39 6.86 -5.38 14.52
CA TYR A 39 5.65 -4.65 14.84
C TYR A 39 5.47 -4.55 16.36
N VAL A 40 5.82 -3.40 16.92
CA VAL A 40 5.56 -3.11 18.33
C VAL A 40 4.49 -2.04 18.33
N ALA A 41 3.25 -2.44 18.63
CA ALA A 41 2.11 -1.53 18.65
C ALA A 41 2.31 -0.32 19.56
N THR A 42 2.05 0.86 19.00
CA THR A 42 2.07 2.10 19.77
C THR A 42 0.96 2.07 20.83
N LEU A 43 1.29 2.58 22.01
CA LEU A 43 0.33 2.66 23.12
C LEU A 43 -0.06 4.12 23.33
N GLY A 44 -1.27 4.47 22.93
CA GLY A 44 -1.75 5.85 22.97
C GLY A 44 -1.12 6.72 21.91
N VAL A 45 0.01 7.34 22.25
CA VAL A 45 0.72 8.23 21.34
C VAL A 45 2.20 8.33 21.74
N GLU A 46 3.06 8.47 20.74
CA GLU A 46 4.44 8.89 20.96
C GLU A 46 4.67 10.18 20.20
N VAL A 47 5.21 11.16 20.91
CA VAL A 47 5.51 12.49 20.38
C VAL A 47 7.00 12.56 20.06
N HIS A 48 7.35 12.95 18.85
CA HIS A 48 8.74 13.05 18.41
C HIS A 48 8.96 14.35 17.64
N PRO A 49 9.91 15.20 18.08
CA PRO A 49 10.30 16.33 17.25
C PRO A 49 11.01 15.89 15.96
N LEU A 50 10.73 16.58 14.87
CA LEU A 50 11.35 16.30 13.59
C LEU A 50 11.56 17.61 12.84
N VAL A 51 12.82 17.99 12.62
CA VAL A 51 13.14 19.23 11.91
C VAL A 51 13.54 18.91 10.47
N PHE A 52 13.13 19.75 9.52
CA PHE A 52 13.69 19.75 8.16
C PHE A 52 14.24 21.12 7.82
N HIS A 53 15.37 21.14 7.14
CA HIS A 53 15.97 22.38 6.66
C HIS A 53 15.47 22.72 5.27
N THR A 54 14.98 23.93 5.11
CA THR A 54 14.40 24.40 3.86
C THR A 54 15.03 25.72 3.45
N ASN A 55 14.73 26.14 2.23
CA ASN A 55 15.18 27.45 1.71
C ASN A 55 14.46 28.66 2.34
N ARG A 56 13.52 28.40 3.26
CA ARG A 56 12.90 29.44 4.09
C ARG A 56 13.17 29.21 5.59
N GLY A 57 14.29 28.55 5.90
CA GLY A 57 14.67 28.25 7.28
C GLY A 57 14.27 26.85 7.72
N PRO A 58 14.63 26.48 8.97
CA PRO A 58 14.19 25.19 9.50
C PRO A 58 12.69 25.18 9.82
N ILE A 59 12.05 24.04 9.57
CA ILE A 59 10.66 23.81 9.97
C ILE A 59 10.65 22.59 10.89
N LYS A 60 10.00 22.74 12.04
CA LYS A 60 9.89 21.69 13.04
C LYS A 60 8.48 21.14 13.08
N PHE A 61 8.36 19.82 12.95
CA PHE A 61 7.10 19.12 13.16
C PHE A 61 7.13 18.41 14.49
N ASN A 62 6.17 18.70 15.36
CA ASN A 62 5.94 17.86 16.52
C ASN A 62 5.00 16.75 16.08
N VAL A 63 5.57 15.57 15.83
CA VAL A 63 4.85 14.45 15.26
C VAL A 63 4.18 13.62 16.37
N TRP A 64 2.85 13.69 16.40
CA TRP A 64 2.04 12.92 17.32
C TRP A 64 1.66 11.62 16.62
N ASP A 65 2.45 10.59 16.87
CA ASP A 65 2.29 9.28 16.25
C ASP A 65 1.32 8.44 17.10
N THR A 66 0.05 8.39 16.67
CA THR A 66 -1.02 7.78 17.47
C THR A 66 -1.17 6.27 17.24
N ALA A 67 -1.82 5.62 18.19
CA ALA A 67 -2.10 4.19 18.14
C ALA A 67 -3.30 3.93 17.24
N GLY A 68 -3.20 2.88 16.42
CA GLY A 68 -4.25 2.47 15.49
C GLY A 68 -5.11 1.32 15.95
N GLN A 69 -4.59 0.48 16.85
CA GLN A 69 -5.36 -0.59 17.47
C GLN A 69 -6.35 0.03 18.46
N GLU A 70 -7.63 -0.33 18.33
CA GLU A 70 -8.67 0.19 19.24
C GLU A 70 -8.28 -0.01 20.70
N LYS A 71 -7.86 -1.22 21.05
CA LYS A 71 -7.53 -1.56 22.44
C LYS A 71 -6.37 -0.74 23.05
N PHE A 72 -5.49 -0.20 22.20
CA PHE A 72 -4.39 0.68 22.61
C PHE A 72 -4.59 2.15 22.22
N GLY A 73 -5.82 2.53 21.90
CA GLY A 73 -6.15 3.86 21.38
C GLY A 73 -5.88 5.04 22.28
N GLY A 74 -5.84 4.80 23.59
CA GLY A 74 -5.59 5.84 24.57
C GLY A 74 -6.65 6.92 24.47
N LEU A 75 -6.21 8.17 24.40
CA LEU A 75 -7.12 9.33 24.29
C LEU A 75 -7.83 9.50 22.94
N ARG A 76 -7.42 8.75 21.91
CA ARG A 76 -8.11 8.72 20.62
C ARG A 76 -8.17 10.14 20.00
N ASP A 77 -9.37 10.67 19.75
CA ASP A 77 -9.52 12.03 19.20
C ASP A 77 -9.01 13.16 20.10
N GLY A 78 -8.82 12.88 21.39
CA GLY A 78 -8.08 13.76 22.29
C GLY A 78 -6.70 14.18 21.81
N TYR A 79 -6.02 13.32 21.08
CA TYR A 79 -4.72 13.66 20.49
C TYR A 79 -4.78 14.72 19.38
N TYR A 80 -5.95 14.92 18.78
CA TYR A 80 -6.07 15.79 17.60
C TYR A 80 -6.17 17.28 17.93
N ILE A 81 -6.42 17.60 19.20
CA ILE A 81 -6.67 18.99 19.60
C ILE A 81 -5.45 19.85 19.24
N GLN A 82 -5.72 20.94 18.54
CA GLN A 82 -4.71 21.91 18.11
C GLN A 82 -3.66 21.39 17.09
N ALA A 83 -3.95 20.29 16.42
CA ALA A 83 -3.11 19.83 15.32
C ALA A 83 -3.22 20.84 14.19
N GLN A 84 -2.08 21.14 13.56
CA GLN A 84 -2.05 22.09 12.46
C GLN A 84 -1.89 21.41 11.10
N CYS A 85 -1.68 20.09 11.12
CA CYS A 85 -1.62 19.26 9.91
C CYS A 85 -1.79 17.80 10.31
N ALA A 86 -1.97 16.92 9.32
CA ALA A 86 -2.11 15.50 9.59
C ALA A 86 -1.72 14.63 8.41
N ILE A 87 -1.34 13.39 8.73
CA ILE A 87 -1.16 12.32 7.77
C ILE A 87 -2.11 11.19 8.16
N ILE A 88 -2.91 10.71 7.20
CA ILE A 88 -3.72 9.49 7.37
C ILE A 88 -3.01 8.40 6.60
N MET A 89 -2.75 7.29 7.28
CA MET A 89 -1.97 6.18 6.74
C MET A 89 -2.85 4.96 6.53
N PHE A 90 -2.66 4.30 5.38
CA PHE A 90 -3.18 2.95 5.19
C PHE A 90 -2.14 2.08 4.50
N ASP A 91 -2.48 0.82 4.31
CA ASP A 91 -1.58 -0.20 3.82
C ASP A 91 -2.18 -0.77 2.55
N VAL A 92 -1.49 -0.59 1.43
CA VAL A 92 -1.99 -1.04 0.13
C VAL A 92 -2.05 -2.57 -0.01
N THR A 93 -1.47 -3.31 0.95
CA THR A 93 -1.64 -4.77 1.01
C THR A 93 -2.82 -5.22 1.87
N SER A 94 -3.55 -4.28 2.45
CA SER A 94 -4.67 -4.61 3.33
C SER A 94 -5.87 -3.69 3.05
N ARG A 95 -6.88 -4.25 2.36
CA ARG A 95 -8.08 -3.50 1.95
C ARG A 95 -8.86 -2.92 3.13
N VAL A 96 -8.92 -3.66 4.23
CA VAL A 96 -9.56 -3.18 5.45
C VAL A 96 -9.03 -1.81 5.89
N THR A 97 -7.71 -1.62 5.78
CA THR A 97 -7.09 -0.37 6.21
C THR A 97 -7.49 0.81 5.32
N TYR A 98 -7.77 0.55 4.05
CA TYR A 98 -8.32 1.59 3.17
C TYR A 98 -9.81 1.86 3.46
N LYS A 99 -10.59 0.81 3.66
CA LYS A 99 -11.98 0.96 4.08
C LYS A 99 -12.15 1.71 5.41
N ASN A 100 -11.14 1.69 6.29
CA ASN A 100 -11.16 2.50 7.51
C ASN A 100 -10.72 3.98 7.36
N VAL A 101 -10.18 4.35 6.21
CA VAL A 101 -9.72 5.73 5.99
C VAL A 101 -10.83 6.80 6.21
N PRO A 102 -12.05 6.58 5.70
CA PRO A 102 -13.12 7.55 5.99
C PRO A 102 -13.45 7.72 7.48
N ASN A 103 -13.28 6.67 8.27
CA ASN A 103 -13.51 6.71 9.72
C ASN A 103 -12.45 7.54 10.45
N TRP A 104 -11.17 7.32 10.12
CA TRP A 104 -10.09 8.13 10.68
C TRP A 104 -10.24 9.60 10.26
N HIS A 105 -10.58 9.82 8.99
CA HIS A 105 -10.78 11.17 8.47
C HIS A 105 -11.90 11.89 9.20
N ARG A 106 -13.03 11.21 9.34
CA ARG A 106 -14.18 11.73 10.09
C ARG A 106 -13.80 12.18 11.50
N ASP A 107 -13.15 11.30 12.26
CA ASP A 107 -12.77 11.61 13.63
C ASP A 107 -11.81 12.80 13.67
N LEU A 108 -10.89 12.82 12.71
CA LEU A 108 -9.89 13.87 12.61
C LEU A 108 -10.46 15.27 12.30
N VAL A 109 -11.26 15.39 11.24
CA VAL A 109 -11.77 16.72 10.81
C VAL A 109 -12.86 17.31 11.70
N ARG A 110 -13.53 16.48 12.49
CA ARG A 110 -14.47 16.96 13.50
C ARG A 110 -13.76 17.78 14.59
N VAL A 111 -12.50 17.42 14.87
CA VAL A 111 -11.65 18.17 15.79
C VAL A 111 -10.81 19.24 15.07
N CYS A 112 -10.29 18.92 13.88
CA CYS A 112 -9.44 19.86 13.11
C CYS A 112 -10.11 20.20 11.77
N GLU A 113 -10.92 21.25 11.78
CA GLU A 113 -11.83 21.55 10.66
C GLU A 113 -11.18 22.04 9.37
N ASN A 114 -10.03 22.70 9.48
CA ASN A 114 -9.38 23.33 8.33
C ASN A 114 -7.87 23.21 8.45
N ILE A 115 -7.38 21.99 8.24
CA ILE A 115 -5.93 21.72 8.23
C ILE A 115 -5.54 21.01 6.95
N PRO A 116 -4.28 21.17 6.53
CA PRO A 116 -3.78 20.39 5.41
C PRO A 116 -3.54 18.94 5.85
N ILE A 117 -4.00 18.02 5.03
CA ILE A 117 -3.94 16.60 5.32
C ILE A 117 -3.42 15.81 4.11
N VAL A 118 -2.49 14.91 4.39
CA VAL A 118 -1.96 13.99 3.39
C VAL A 118 -2.50 12.60 3.66
N LEU A 119 -2.99 11.94 2.62
CA LEU A 119 -3.33 10.52 2.66
C LEU A 119 -2.16 9.74 2.07
N CYS A 120 -1.67 8.74 2.79
CA CYS A 120 -0.54 7.92 2.32
C CYS A 120 -0.91 6.45 2.29
N GLY A 121 -0.73 5.83 1.12
CA GLY A 121 -0.83 4.38 0.97
C GLY A 121 0.56 3.78 1.06
N ASN A 122 0.84 3.15 2.18
CA ASN A 122 2.16 2.61 2.49
C ASN A 122 2.31 1.20 1.96
N LYS A 123 3.54 0.72 1.91
CA LYS A 123 3.91 -0.67 1.55
C LYS A 123 3.77 -0.98 0.05
N VAL A 124 4.02 0.03 -0.78
CA VAL A 124 3.91 -0.13 -2.24
C VAL A 124 5.09 -0.92 -2.85
N ASP A 125 6.12 -1.19 -2.04
CA ASP A 125 7.20 -2.13 -2.40
C ASP A 125 6.77 -3.59 -2.54
N ILE A 126 5.72 -3.98 -1.82
CA ILE A 126 5.21 -5.36 -1.86
C ILE A 126 4.52 -5.61 -3.19
N LYS A 127 4.79 -6.77 -3.77
CA LYS A 127 4.45 -7.07 -5.18
C LYS A 127 2.96 -7.37 -5.31
N ASP A 128 2.45 -8.16 -4.37
CA ASP A 128 1.03 -8.51 -4.31
C ASP A 128 0.21 -7.38 -3.63
N ARG A 129 -0.07 -6.34 -4.41
CA ARG A 129 -0.79 -5.16 -3.97
C ARG A 129 -2.28 -5.40 -4.07
N LYS A 130 -3.01 -5.13 -2.99
CA LYS A 130 -4.47 -5.35 -2.96
C LYS A 130 -5.31 -4.08 -3.20
N VAL A 131 -4.87 -2.92 -2.71
CA VAL A 131 -5.57 -1.65 -2.95
C VAL A 131 -4.87 -0.96 -4.11
N LYS A 132 -5.42 -1.12 -5.29
CA LYS A 132 -4.77 -0.66 -6.52
C LYS A 132 -5.01 0.82 -6.73
N ALA A 133 -4.11 1.44 -7.49
CA ALA A 133 -4.11 2.87 -7.77
C ALA A 133 -5.48 3.44 -8.12
N LYS A 134 -6.22 2.76 -9.00
CA LYS A 134 -7.53 3.27 -9.47
C LYS A 134 -8.66 3.17 -8.43
N SER A 135 -8.51 2.35 -7.41
CA SER A 135 -9.47 2.32 -6.29
C SER A 135 -9.33 3.51 -5.31
N ILE A 136 -8.17 4.15 -5.30
CA ILE A 136 -7.86 5.20 -4.31
C ILE A 136 -8.35 6.56 -4.82
N VAL A 137 -9.55 6.93 -4.37
CA VAL A 137 -10.18 8.20 -4.76
C VAL A 137 -10.79 9.00 -3.60
N PHE A 138 -10.73 8.48 -2.37
CA PHE A 138 -11.37 9.14 -1.23
C PHE A 138 -10.86 10.57 -0.98
N HIS A 139 -9.58 10.79 -1.27
CA HIS A 139 -8.96 12.11 -1.16
C HIS A 139 -9.55 13.24 -2.03
N ARG A 140 -10.22 12.89 -3.12
CA ARG A 140 -10.65 13.88 -4.11
C ARG A 140 -11.66 14.87 -3.56
N LYS A 141 -12.76 14.36 -3.03
CA LYS A 141 -13.81 15.23 -2.44
C LYS A 141 -13.42 15.86 -1.11
N LYS A 142 -12.45 15.29 -0.42
CA LYS A 142 -12.00 15.80 0.88
C LYS A 142 -10.81 16.74 0.82
N ASN A 143 -10.29 17.00 -0.38
CA ASN A 143 -9.18 17.91 -0.63
C ASN A 143 -7.87 17.49 0.06
N LEU A 144 -7.66 16.18 0.18
CA LEU A 144 -6.42 15.65 0.75
C LEU A 144 -5.43 15.45 -0.40
N GLN A 145 -4.14 15.65 -0.10
CA GLN A 145 -3.09 15.25 -1.01
C GLN A 145 -2.93 13.75 -0.84
N TYR A 146 -2.64 13.04 -1.93
CA TYR A 146 -2.40 11.59 -1.86
C TYR A 146 -1.00 11.26 -2.34
N TYR A 147 -0.31 10.35 -1.65
CA TYR A 147 0.92 9.72 -2.17
C TYR A 147 0.97 8.23 -1.89
N ASP A 148 1.28 7.43 -2.92
CA ASP A 148 1.88 6.10 -2.73
C ASP A 148 3.22 6.31 -2.01
N ILE A 149 3.43 5.61 -0.90
CA ILE A 149 4.73 5.61 -0.23
C ILE A 149 5.19 4.21 0.14
N SER A 150 6.48 4.10 0.44
CA SER A 150 7.03 2.94 1.12
C SER A 150 8.10 3.41 2.09
N ALA A 151 7.90 3.14 3.38
CA ALA A 151 8.94 3.32 4.39
C ALA A 151 10.15 2.41 4.16
N LYS A 152 9.94 1.27 3.49
CA LYS A 152 11.02 0.31 3.27
C LYS A 152 11.97 0.70 2.14
N SER A 153 11.40 0.97 0.96
CA SER A 153 12.17 1.41 -0.20
C SER A 153 12.44 2.93 -0.21
N ASN A 154 11.79 3.66 0.70
CA ASN A 154 11.79 5.13 0.73
C ASN A 154 11.11 5.86 -0.45
N TYR A 155 10.33 5.14 -1.25
CA TYR A 155 9.61 5.75 -2.36
C TYR A 155 8.64 6.82 -1.85
N ASN A 156 8.79 8.05 -2.37
CA ASN A 156 8.00 9.24 -1.97
C ASN A 156 8.01 9.56 -0.46
N PHE A 157 8.99 9.05 0.29
CA PHE A 157 8.96 9.15 1.76
C PHE A 157 9.07 10.59 2.28
N GLU A 158 9.68 11.45 1.48
CA GLU A 158 9.81 12.88 1.79
C GLU A 158 8.61 13.74 1.38
N LYS A 159 7.76 13.21 0.51
CA LYS A 159 6.67 14.00 -0.09
C LYS A 159 5.66 14.52 0.91
N PRO A 160 5.20 13.68 1.85
CA PRO A 160 4.18 14.18 2.79
C PRO A 160 4.64 15.42 3.56
N PHE A 161 5.83 15.36 4.12
CA PHE A 161 6.42 16.50 4.85
C PHE A 161 6.67 17.69 3.95
N LEU A 162 7.16 17.45 2.73
CA LEU A 162 7.42 18.54 1.80
C LEU A 162 6.13 19.29 1.42
N TRP A 163 5.09 18.53 1.10
CA TRP A 163 3.80 19.13 0.77
C TRP A 163 3.24 19.92 1.95
N LEU A 164 3.26 19.32 3.15
CA LEU A 164 2.77 20.02 4.34
C LEU A 164 3.54 21.30 4.64
N ALA A 165 4.87 21.24 4.53
CA ALA A 165 5.73 22.39 4.76
C ALA A 165 5.36 23.55 3.83
N ARG A 166 5.06 23.23 2.57
CA ARG A 166 4.62 24.22 1.59
C ARG A 166 3.29 24.86 1.97
N LYS A 167 2.37 24.03 2.47
CA LYS A 167 1.06 24.51 2.90
C LYS A 167 1.13 25.33 4.20
N LEU A 168 1.92 24.87 5.16
CA LEU A 168 2.03 25.52 6.47
C LEU A 168 2.75 26.87 6.40
N ILE A 169 3.84 26.92 5.64
CA ILE A 169 4.60 28.16 5.43
C ILE A 169 3.90 29.09 4.42
N GLY A 170 3.10 28.52 3.52
CA GLY A 170 2.39 29.30 2.50
C GLY A 170 3.33 29.71 1.38
N ASP A 171 4.19 28.79 0.96
CA ASP A 171 5.17 29.02 -0.11
C ASP A 171 5.25 27.74 -0.94
N PRO A 172 4.73 27.76 -2.18
CA PRO A 172 4.76 26.56 -3.02
C PRO A 172 6.11 26.24 -3.68
N ASN A 173 7.09 27.15 -3.60
CA ASN A 173 8.45 26.91 -4.14
C ASN A 173 9.46 26.53 -3.05
N LEU A 174 8.97 26.21 -1.85
CA LEU A 174 9.79 25.72 -0.76
C LEU A 174 10.41 24.38 -1.14
N GLU A 175 11.68 24.21 -0.80
CA GLU A 175 12.45 23.00 -1.10
C GLU A 175 13.29 22.67 0.12
N PHE A 176 13.51 21.37 0.34
CA PHE A 176 14.51 20.93 1.31
C PHE A 176 15.89 21.32 0.78
N VAL A 177 16.77 21.70 1.69
CA VAL A 177 18.14 22.12 1.34
C VAL A 177 19.15 21.37 2.20
N ALA A 178 20.36 21.29 1.69
CA ALA A 178 21.46 20.63 2.39
C ALA A 178 21.82 21.41 3.65
N MET A 179 21.57 20.80 4.79
CA MET A 179 21.96 21.35 6.11
C MET A 179 23.48 21.64 6.16
N PRO A 180 23.90 22.72 6.84
CA PRO A 180 25.34 23.08 6.84
C PRO A 180 26.20 22.05 7.56
N ALA A 181 27.42 21.85 7.06
CA ALA A 181 28.33 20.81 7.55
C ALA A 181 29.50 21.43 8.33
N LEU A 182 29.37 21.45 9.66
CA LEU A 182 30.41 21.98 10.55
C LEU A 182 31.64 21.08 10.46
N ALA A 183 32.83 21.67 10.56
CA ALA A 183 34.07 20.90 10.53
C ALA A 183 34.12 19.95 11.75
N PRO A 184 34.39 18.64 11.53
CA PRO A 184 34.35 17.68 12.63
C PRO A 184 35.61 17.69 13.52
N PRO A 185 35.47 17.32 14.81
CA PRO A 185 36.60 17.34 15.75
C PRO A 185 37.58 16.19 15.55
N GLU A 186 38.71 16.25 16.26
CA GLU A 186 39.76 15.22 16.20
C GLU A 186 39.99 14.56 17.57
N VAL A 187 38.91 14.00 18.13
CA VAL A 187 38.94 13.43 19.49
C VAL A 187 39.94 12.25 19.57
N VAL A 188 40.91 12.39 20.47
CA VAL A 188 41.87 11.32 20.78
C VAL A 188 41.14 10.19 21.50
N MET A 189 41.49 8.95 21.16
CA MET A 189 40.91 7.79 21.82
C MET A 189 41.50 7.63 23.22
N ASP A 190 40.60 7.38 24.18
CA ASP A 190 40.95 7.21 25.60
C ASP A 190 40.85 5.72 25.96
N PRO A 191 41.99 5.06 26.26
CA PRO A 191 41.99 3.69 26.80
C PRO A 191 41.09 3.38 28.02
N ALA A 192 40.65 4.40 28.75
CA ALA A 192 39.65 4.24 29.83
C ALA A 192 38.23 3.83 29.37
N LEU A 193 37.95 3.88 28.07
CA LEU A 193 36.83 3.13 27.48
C LEU A 193 37.18 2.61 26.08
N ALA A 194 38.34 1.94 26.00
CA ALA A 194 38.80 1.24 24.79
C ALA A 194 38.32 -0.20 24.80
N ALA A 195 38.56 -0.90 25.91
CA ALA A 195 38.13 -2.29 26.12
C ALA A 195 36.68 -2.55 25.73
N GLN A 196 35.77 -1.68 26.18
CA GLN A 196 34.34 -1.76 25.80
C GLN A 196 34.10 -1.34 24.33
N ALA A 197 34.86 -0.35 23.84
CA ALA A 197 34.76 0.08 22.43
C ALA A 197 35.22 -0.98 21.41
N GLU A 198 36.24 -1.78 21.77
CA GLU A 198 36.70 -2.90 20.91
C GLU A 198 36.01 -4.24 21.23
N HIS A 199 35.40 -4.35 22.42
CA HIS A 199 34.42 -5.41 22.70
C HIS A 199 33.24 -5.27 21.73
N ASP A 200 32.70 -4.05 21.66
CA ASP A 200 31.57 -3.73 20.77
C ASP A 200 31.91 -3.91 19.29
N LEU A 201 33.15 -3.59 18.90
CA LEU A 201 33.59 -3.73 17.50
C LEU A 201 33.59 -5.18 17.03
N GLU A 202 34.18 -6.07 17.82
CA GLU A 202 34.24 -7.50 17.45
C GLU A 202 32.84 -8.14 17.45
N VAL A 203 31.96 -7.70 18.35
CA VAL A 203 30.53 -8.12 18.36
C VAL A 203 29.82 -7.63 17.10
N ALA A 204 30.02 -6.36 16.76
CA ALA A 204 29.51 -5.75 15.52
C ALA A 204 29.97 -6.50 14.25
N GLN A 205 31.23 -6.93 14.22
CA GLN A 205 31.79 -7.71 13.10
C GLN A 205 31.13 -9.07 12.89
N THR A 206 30.71 -9.71 13.98
CA THR A 206 30.12 -11.06 13.95
C THR A 206 28.58 -11.05 13.96
N THR A 207 27.99 -9.86 13.96
CA THR A 207 26.55 -9.70 13.72
C THR A 207 26.38 -9.33 12.25
N ALA A 208 25.64 -10.16 11.51
CA ALA A 208 25.42 -9.94 10.09
C ALA A 208 24.60 -8.68 9.84
N LEU A 209 24.94 -7.96 8.77
CA LEU A 209 24.18 -6.79 8.33
C LEU A 209 22.82 -7.27 7.81
N PRO A 210 21.74 -6.52 8.09
CA PRO A 210 20.44 -6.93 7.55
C PRO A 210 20.32 -6.71 6.05
N ASP A 211 19.51 -7.56 5.43
CA ASP A 211 19.10 -7.42 4.02
C ASP A 211 20.28 -7.39 3.08
N GLU A 212 21.10 -8.44 3.13
CA GLU A 212 22.29 -8.53 2.27
C GLU A 212 21.95 -8.73 0.78
N ASP A 213 20.70 -9.10 0.48
CA ASP A 213 20.21 -9.20 -0.90
C ASP A 213 19.69 -7.89 -1.52
N ASP A 214 19.60 -6.79 -0.76
CA ASP A 214 19.23 -5.47 -1.32
C ASP A 214 20.29 -4.95 -2.30
N ASP A 215 19.89 -3.99 -3.14
CA ASP A 215 20.81 -3.37 -4.11
C ASP A 215 21.91 -2.57 -3.41
N LEU A 216 21.54 -1.90 -2.33
CA LEU A 216 22.48 -1.28 -1.40
C LEU A 216 22.27 -1.86 -0.01
N GLU B 19 30.65 23.26 2.56
CA GLU B 19 31.43 22.36 1.63
C GLU B 19 32.20 23.04 0.47
N GLU B 20 32.13 24.36 0.33
CA GLU B 20 32.62 25.07 -0.88
C GLU B 20 34.03 25.68 -0.76
N ASP B 21 34.67 25.50 0.40
CA ASP B 21 36.15 25.49 0.48
C ASP B 21 36.65 24.09 0.87
N GLU B 22 36.10 23.08 0.17
CA GLU B 22 36.57 21.68 0.24
C GLU B 22 36.59 21.04 -1.15
N GLU B 23 37.53 20.12 -1.35
CA GLU B 23 37.69 19.38 -2.61
C GLU B 23 37.13 17.98 -2.46
N VAL B 24 36.37 17.52 -3.45
CA VAL B 24 35.84 16.14 -3.45
C VAL B 24 36.91 15.18 -3.97
N LEU B 25 37.57 14.47 -3.05
CA LEU B 25 38.59 13.48 -3.43
C LEU B 25 37.97 12.21 -4.00
N TYR B 26 36.78 11.86 -3.52
CA TYR B 26 36.14 10.59 -3.84
C TYR B 26 34.66 10.63 -3.45
N LYS B 27 33.81 10.14 -4.36
CA LYS B 27 32.36 10.06 -4.17
C LYS B 27 31.88 8.65 -4.51
N VAL B 28 31.07 8.06 -3.63
CA VAL B 28 30.48 6.76 -3.90
C VAL B 28 29.13 6.58 -3.19
N ARG B 29 28.24 5.89 -3.88
CA ARG B 29 26.91 5.62 -3.40
C ARG B 29 26.98 4.47 -2.38
N ALA B 30 26.34 4.65 -1.22
CA ALA B 30 26.50 3.72 -0.10
C ALA B 30 25.32 3.75 0.87
N LYS B 31 25.23 2.69 1.68
CA LYS B 31 24.32 2.61 2.82
C LYS B 31 25.14 2.49 4.11
N LEU B 32 24.84 3.38 5.06
CA LEU B 32 25.51 3.45 6.36
C LEU B 32 24.64 2.84 7.45
N PHE B 33 25.27 2.04 8.31
CA PHE B 33 24.62 1.49 9.51
C PHE B 33 25.40 1.94 10.76
N ARG B 34 24.72 1.96 11.90
CA ARG B 34 25.36 2.01 13.23
C ARG B 34 24.90 0.80 14.03
N PHE B 35 25.83 0.24 14.83
CA PHE B 35 25.51 -0.90 15.68
C PHE B 35 24.93 -0.41 17.00
N ASP B 36 23.71 -0.85 17.32
CA ASP B 36 23.10 -0.55 18.61
C ASP B 36 23.53 -1.66 19.57
N ALA B 37 24.25 -1.29 20.62
CA ALA B 37 24.79 -2.26 21.59
C ALA B 37 23.72 -2.84 22.51
N ASP B 38 22.78 -2.02 22.97
CA ASP B 38 21.68 -2.47 23.85
C ASP B 38 20.74 -3.44 23.12
N ALA B 39 20.30 -3.02 21.94
CA ALA B 39 19.44 -3.84 21.07
C ALA B 39 20.17 -5.01 20.38
N LYS B 40 21.49 -4.93 20.31
CA LYS B 40 22.35 -5.96 19.68
C LYS B 40 22.15 -6.14 18.16
N GLU B 41 21.58 -5.14 17.49
CA GLU B 41 21.27 -5.22 16.07
C GLU B 41 21.88 -4.04 15.33
N TRP B 42 22.19 -4.26 14.06
CA TRP B 42 22.54 -3.17 13.15
C TRP B 42 21.28 -2.38 12.78
N LYS B 43 21.38 -1.05 12.84
CA LYS B 43 20.29 -0.15 12.44
C LYS B 43 20.81 0.74 11.33
N GLU B 44 20.07 0.81 10.23
CA GLU B 44 20.42 1.68 9.12
C GLU B 44 20.40 3.14 9.59
N ARG B 45 21.32 3.93 9.05
CA ARG B 45 21.40 5.37 9.38
C ARG B 45 21.20 6.30 8.20
N GLY B 46 21.54 5.86 6.99
CA GLY B 46 21.33 6.67 5.81
C GLY B 46 21.81 6.00 4.55
N THR B 47 21.18 6.38 3.44
CA THR B 47 21.57 5.93 2.10
C THR B 47 21.79 7.18 1.25
N GLY B 48 22.92 7.22 0.54
CA GLY B 48 23.27 8.36 -0.31
C GLY B 48 24.72 8.36 -0.75
N ASP B 49 25.17 9.50 -1.25
CA ASP B 49 26.58 9.67 -1.65
C ASP B 49 27.48 9.86 -0.43
N CYS B 50 28.38 8.91 -0.20
CA CYS B 50 29.47 9.10 0.74
C CYS B 50 30.57 9.88 0.03
N LYS B 51 30.95 11.01 0.61
CA LYS B 51 32.01 11.87 0.06
C LYS B 51 33.20 12.00 1.01
N PHE B 52 34.41 11.95 0.43
CA PHE B 52 35.63 12.32 1.13
C PHE B 52 35.93 13.77 0.74
N LEU B 53 35.89 14.66 1.72
CA LEU B 53 36.10 16.10 1.51
C LEU B 53 37.39 16.58 2.19
N LYS B 54 38.29 17.17 1.41
CA LYS B 54 39.56 17.70 1.90
C LYS B 54 39.46 19.21 2.03
N ASN B 55 39.54 19.70 3.28
CA ASN B 55 39.49 21.13 3.59
C ASN B 55 40.71 21.82 2.98
N LYS B 56 40.48 22.81 2.13
CA LYS B 56 41.56 23.45 1.37
C LYS B 56 42.52 24.30 2.24
N LYS B 57 42.04 24.74 3.40
CA LYS B 57 42.87 25.46 4.38
C LYS B 57 43.73 24.55 5.28
N THR B 58 43.13 23.50 5.84
CA THR B 58 43.84 22.59 6.76
C THR B 58 44.40 21.31 6.11
N ASN B 59 43.99 21.02 4.88
CA ASN B 59 44.31 19.74 4.19
C ASN B 59 43.82 18.47 4.95
N LYS B 60 42.79 18.63 5.79
CA LYS B 60 42.21 17.52 6.54
C LYS B 60 41.00 16.94 5.76
N VAL B 61 41.03 15.62 5.60
CA VAL B 61 40.00 14.86 4.86
C VAL B 61 38.98 14.23 5.82
N ARG B 62 37.71 14.56 5.60
CA ARG B 62 36.58 14.00 6.35
C ARG B 62 35.68 13.14 5.48
N ILE B 63 34.95 12.23 6.12
CA ILE B 63 33.78 11.60 5.49
C ILE B 63 32.60 12.52 5.74
N LEU B 64 31.92 12.91 4.65
CA LEU B 64 30.61 13.56 4.75
C LEU B 64 29.62 12.81 3.86
N MET B 65 28.49 12.43 4.45
CA MET B 65 27.45 11.67 3.77
C MET B 65 26.08 12.23 4.14
N ARG B 66 25.26 12.46 3.11
CA ARG B 66 23.89 12.94 3.26
C ARG B 66 22.87 11.93 2.71
N ARG B 67 21.69 11.89 3.34
CA ARG B 67 20.59 11.03 2.89
C ARG B 67 19.98 11.58 1.60
N ASP B 68 19.59 10.69 0.68
CA ASP B 68 18.81 11.09 -0.49
C ASP B 68 17.54 11.87 -0.08
N LYS B 69 17.17 12.85 -0.91
CA LYS B 69 15.92 13.63 -0.79
C LYS B 69 15.90 14.66 0.34
N THR B 70 16.05 14.22 1.58
CA THR B 70 16.11 15.15 2.72
C THR B 70 17.48 15.84 2.83
N LEU B 71 18.52 15.18 2.31
CA LEU B 71 19.90 15.70 2.35
C LEU B 71 20.43 15.90 3.79
N LYS B 72 19.83 15.22 4.77
CA LYS B 72 20.27 15.31 6.16
C LYS B 72 21.57 14.54 6.30
N ILE B 73 22.47 15.09 7.13
CA ILE B 73 23.79 14.50 7.36
C ILE B 73 23.63 13.22 8.18
N CYS B 74 24.13 12.11 7.65
CA CYS B 74 24.16 10.83 8.36
C CYS B 74 25.58 10.38 8.76
N ALA B 75 26.61 11.03 8.22
CA ALA B 75 27.98 10.83 8.65
C ALA B 75 28.77 12.13 8.50
N ASN B 76 29.52 12.49 9.54
CA ASN B 76 30.38 13.66 9.53
C ASN B 76 31.52 13.45 10.53
N HIS B 77 32.64 12.91 10.04
CA HIS B 77 33.82 12.69 10.88
C HIS B 77 35.12 12.69 10.07
N ILE B 78 36.21 13.00 10.79
CA ILE B 78 37.55 12.96 10.23
C ILE B 78 37.88 11.49 9.98
N ILE B 79 38.47 11.22 8.83
CA ILE B 79 39.04 9.90 8.53
C ILE B 79 40.35 9.80 9.32
N ALA B 80 40.24 9.38 10.57
CA ALA B 80 41.38 9.32 11.49
C ALA B 80 42.40 8.26 11.09
N PRO B 81 43.72 8.55 11.21
CA PRO B 81 44.76 7.55 10.95
C PRO B 81 44.67 6.28 11.81
N GLU B 82 44.11 6.40 13.01
CA GLU B 82 43.97 5.29 13.95
C GLU B 82 42.95 4.23 13.53
N TYR B 83 41.97 4.62 12.72
CA TYR B 83 40.87 3.72 12.33
C TYR B 83 41.33 2.64 11.36
N THR B 84 40.64 1.52 11.43
CA THR B 84 40.93 0.33 10.63
C THR B 84 39.62 -0.26 10.13
N LEU B 85 39.50 -0.39 8.81
CA LEU B 85 38.35 -1.03 8.19
C LEU B 85 38.46 -2.55 8.34
N LYS B 86 37.37 -3.18 8.78
CA LYS B 86 37.33 -4.62 9.05
C LYS B 86 36.12 -5.27 8.37
N PRO B 87 36.25 -6.54 7.94
CA PRO B 87 35.10 -7.20 7.28
C PRO B 87 33.94 -7.52 8.21
N ASN B 88 32.75 -7.56 7.65
CA ASN B 88 31.55 -8.02 8.35
C ASN B 88 31.31 -9.46 7.91
N VAL B 89 30.97 -10.31 8.88
CA VAL B 89 30.79 -11.75 8.64
C VAL B 89 29.77 -12.06 7.53
N GLY B 90 28.72 -11.25 7.45
CA GLY B 90 27.69 -11.40 6.42
C GLY B 90 27.95 -10.88 5.01
N SER B 91 29.03 -10.14 4.79
CA SER B 91 29.16 -9.34 3.57
C SER B 91 30.56 -9.27 2.96
N ASP B 92 30.64 -9.50 1.65
CA ASP B 92 31.87 -9.26 0.86
C ASP B 92 31.98 -7.84 0.28
N ARG B 93 31.00 -6.98 0.57
CA ARG B 93 30.90 -5.63 0.00
C ARG B 93 30.64 -4.57 1.07
N SER B 94 31.20 -4.79 2.26
CA SER B 94 31.03 -3.89 3.41
C SER B 94 32.31 -3.75 4.23
N TRP B 95 32.41 -2.63 4.94
CA TRP B 95 33.43 -2.43 5.98
C TRP B 95 32.79 -2.03 7.29
N VAL B 96 33.42 -2.47 8.38
CA VAL B 96 33.06 -2.08 9.73
C VAL B 96 34.26 -1.34 10.33
N TYR B 97 33.99 -0.25 11.05
CA TYR B 97 35.03 0.44 11.82
C TYR B 97 34.45 1.24 12.99
N ALA B 98 35.27 1.42 14.03
CA ALA B 98 34.93 2.27 15.17
C ALA B 98 35.29 3.71 14.84
N CYS B 99 34.42 4.62 15.27
CA CYS B 99 34.63 6.06 15.12
C CYS B 99 34.40 6.69 16.49
N THR B 100 35.33 7.54 16.93
CA THR B 100 35.27 8.14 18.28
C THR B 100 34.56 9.50 18.35
N ALA B 101 34.38 10.16 17.20
CA ALA B 101 33.72 11.48 17.17
C ALA B 101 33.05 11.85 15.83
N ASP B 102 31.77 11.49 15.72
CA ASP B 102 30.91 11.86 14.59
C ASP B 102 29.89 12.90 15.06
N ILE B 103 29.69 13.95 14.26
CA ILE B 103 28.79 15.07 14.62
C ILE B 103 27.60 15.21 13.66
N ALA B 104 27.13 14.10 13.10
CA ALA B 104 25.98 14.10 12.19
C ALA B 104 24.73 14.61 12.89
N GLU B 105 24.40 14.00 14.03
CA GLU B 105 23.21 14.37 14.83
C GLU B 105 23.47 15.42 15.93
N GLY B 106 24.59 16.15 15.83
CA GLY B 106 24.90 17.28 16.73
C GLY B 106 26.15 17.06 17.56
N GLU B 107 25.97 16.91 18.88
CA GLU B 107 27.09 16.74 19.82
C GLU B 107 27.88 15.48 19.50
N ALA B 108 29.21 15.58 19.57
CA ALA B 108 30.12 14.49 19.19
C ALA B 108 29.86 13.19 19.96
N GLU B 109 29.57 12.11 19.22
CA GLU B 109 29.39 10.77 19.79
C GLU B 109 30.32 9.77 19.11
N ALA B 110 30.57 8.67 19.82
CA ALA B 110 31.28 7.53 19.27
C ALA B 110 30.28 6.51 18.73
N PHE B 111 30.66 5.84 17.65
CA PHE B 111 29.82 4.83 16.98
C PHE B 111 30.68 3.69 16.47
N THR B 112 30.06 2.52 16.33
CA THR B 112 30.59 1.47 15.49
C THR B 112 29.80 1.49 14.18
N PHE B 113 30.39 2.02 13.13
CA PHE B 113 29.72 2.10 11.83
C PHE B 113 29.93 0.85 10.99
N ALA B 114 29.00 0.61 10.08
CA ALA B 114 29.21 -0.28 8.96
C ALA B 114 28.75 0.46 7.72
N ILE B 115 29.45 0.27 6.61
CA ILE B 115 29.09 0.91 5.36
C ILE B 115 29.09 -0.12 4.24
N ARG B 116 27.95 -0.23 3.57
CA ARG B 116 27.77 -1.19 2.48
C ARG B 116 27.67 -0.44 1.16
N PHE B 117 28.23 -1.06 0.12
CA PHE B 117 28.27 -0.49 -1.22
C PHE B 117 27.53 -1.42 -2.17
N GLY B 118 27.30 -0.95 -3.39
CA GLY B 118 26.58 -1.75 -4.40
C GLY B 118 27.35 -2.92 -5.00
N SER B 119 28.63 -3.04 -4.65
CA SER B 119 29.54 -3.93 -5.35
C SER B 119 30.81 -4.14 -4.53
N LYS B 120 31.39 -5.34 -4.62
CA LYS B 120 32.68 -5.64 -3.98
C LYS B 120 33.80 -4.72 -4.49
N GLU B 121 33.71 -4.35 -5.77
CA GLU B 121 34.69 -3.46 -6.39
C GLU B 121 34.60 -2.04 -5.83
N ASN B 122 33.38 -1.58 -5.53
CA ASN B 122 33.16 -0.31 -4.84
C ASN B 122 33.72 -0.35 -3.42
N ALA B 123 33.46 -1.45 -2.70
CA ALA B 123 34.00 -1.66 -1.36
C ALA B 123 35.54 -1.68 -1.35
N ASP B 124 36.15 -2.34 -2.34
CA ASP B 124 37.62 -2.36 -2.47
C ASP B 124 38.17 -0.96 -2.79
N LYS B 125 37.49 -0.26 -3.70
CA LYS B 125 37.87 1.09 -4.10
C LYS B 125 37.78 2.05 -2.91
N PHE B 126 36.70 1.94 -2.15
CA PHE B 126 36.51 2.72 -0.92
C PHE B 126 37.66 2.53 0.08
N LYS B 127 38.07 1.29 0.29
CA LYS B 127 39.16 0.94 1.20
C LYS B 127 40.51 1.55 0.78
N GLU B 128 40.79 1.53 -0.52
CA GLU B 128 41.97 2.18 -1.07
C GLU B 128 41.96 3.67 -0.73
N GLU B 129 40.85 4.33 -1.07
CA GLU B 129 40.68 5.77 -0.86
C GLU B 129 40.67 6.18 0.62
N PHE B 130 39.99 5.39 1.45
CA PHE B 130 39.95 5.59 2.91
C PHE B 130 41.37 5.62 3.48
N GLU B 131 42.19 4.65 3.08
CA GLU B 131 43.60 4.59 3.46
C GLU B 131 44.44 5.76 2.93
N LYS B 132 44.21 6.17 1.68
CA LYS B 132 44.94 7.32 1.12
C LYS B 132 44.61 8.61 1.88
N ALA B 133 43.34 8.78 2.22
CA ALA B 133 42.89 9.90 3.05
C ALA B 133 43.52 9.90 4.45
N GLN B 134 43.76 8.70 5.01
CA GLN B 134 44.45 8.55 6.29
C GLN B 134 45.89 9.05 6.23
N GLU B 135 46.61 8.69 5.17
CA GLU B 135 47.97 9.17 4.95
C GLU B 135 48.01 10.70 4.85
N ILE B 136 47.01 11.28 4.20
CA ILE B 136 46.90 12.74 4.07
C ILE B 136 46.68 13.41 5.44
N ASN B 137 45.83 12.84 6.27
CA ASN B 137 45.54 13.39 7.61
C ASN B 137 46.71 13.29 8.62
N LYS B 138 47.66 12.37 8.38
CA LYS B 138 48.90 12.30 9.19
C LYS B 138 49.78 13.54 9.04
N LYS B 139 49.69 14.21 7.89
CA LYS B 139 50.33 15.50 7.65
C LYS B 139 49.27 16.60 7.72
N GLY C 1 5.25 11.39 40.71
CA GLY C 1 5.24 12.77 41.29
C GLY C 1 3.85 13.24 41.68
N ALA C 2 3.69 14.57 41.75
CA ALA C 2 2.40 15.18 42.09
C ALA C 2 1.25 14.76 41.15
N MET C 3 1.55 14.67 39.86
CA MET C 3 0.56 14.40 38.80
C MET C 3 -0.28 13.12 38.97
N GLU C 4 0.32 12.09 39.60
CA GLU C 4 -0.37 10.80 39.83
C GLU C 4 -1.54 10.83 40.83
N GLY C 5 -1.71 11.94 41.55
CA GLY C 5 -2.80 12.11 42.50
C GLY C 5 -4.21 11.99 41.94
N ILE C 6 -4.40 12.36 40.67
CA ILE C 6 -5.72 12.28 40.03
C ILE C 6 -6.21 10.83 39.83
N LEU C 7 -5.26 9.89 39.80
CA LEU C 7 -5.57 8.45 39.72
C LEU C 7 -6.05 7.83 41.02
N ASP C 8 -5.76 8.46 42.16
CA ASP C 8 -6.30 8.03 43.46
C ASP C 8 -7.74 8.55 43.57
N PHE C 9 -8.71 7.65 43.40
CA PHE C 9 -10.15 8.00 43.44
C PHE C 9 -10.75 8.01 44.84
N SER C 10 -10.03 7.51 45.85
CA SER C 10 -10.49 7.59 47.24
C SER C 10 -10.63 9.05 47.69
N ASN C 11 -9.70 9.90 47.26
CA ASN C 11 -9.79 11.35 47.46
C ASN C 11 -10.71 12.01 46.43
N ASP C 12 -11.11 13.25 46.74
CA ASP C 12 -11.82 14.11 45.80
C ASP C 12 -10.86 14.51 44.68
N LEU C 13 -11.39 14.75 43.49
CA LEU C 13 -10.56 15.12 42.36
C LEU C 13 -10.06 16.57 42.48
N ASP C 14 -8.75 16.73 42.61
CA ASP C 14 -8.11 18.03 42.53
C ASP C 14 -8.18 18.50 41.06
N ILE C 15 -9.13 19.41 40.79
CA ILE C 15 -9.39 19.88 39.43
C ILE C 15 -8.22 20.69 38.86
N ALA C 16 -7.66 21.58 39.66
CA ALA C 16 -6.49 22.36 39.24
C ALA C 16 -5.31 21.47 38.88
N LEU C 17 -5.16 20.35 39.60
CA LEU C 17 -4.10 19.39 39.31
C LEU C 17 -4.35 18.70 37.96
N LEU C 18 -5.58 18.25 37.73
CA LEU C 18 -5.97 17.69 36.43
C LEU C 18 -5.58 18.65 35.30
N ASP C 19 -5.92 19.92 35.45
CA ASP C 19 -5.63 20.93 34.42
C ASP C 19 -4.13 21.13 34.18
N GLN C 20 -3.31 21.00 35.24
CA GLN C 20 -1.85 21.00 35.08
C GLN C 20 -1.39 19.76 34.31
N VAL C 21 -1.95 18.60 34.63
CA VAL C 21 -1.59 17.35 33.94
C VAL C 21 -1.93 17.47 32.44
N VAL C 22 -3.12 18.00 32.17
CA VAL C 22 -3.61 18.22 30.81
C VAL C 22 -2.71 19.21 30.05
N SER C 23 -2.44 20.38 30.62
CA SER C 23 -1.56 21.36 29.94
C SER C 23 -0.10 20.89 29.84
N THR C 24 0.37 20.09 30.79
CA THR C 24 1.69 19.44 30.69
C THR C 24 1.70 18.51 29.46
N PHE C 25 0.62 17.75 29.27
CA PHE C 25 0.54 16.83 28.15
C PHE C 25 0.48 17.55 26.81
N TYR C 26 -0.44 18.49 26.68
CA TYR C 26 -0.68 19.21 25.43
C TYR C 26 0.39 20.26 25.10
N GLN C 27 0.80 21.04 26.10
CA GLN C 27 1.74 22.15 25.91
C GLN C 27 3.20 21.84 26.31
N GLY C 28 3.41 20.78 27.09
CA GLY C 28 4.76 20.40 27.52
C GLY C 28 5.55 19.67 26.46
N SER C 29 6.63 19.03 26.91
CA SER C 29 7.50 18.24 26.02
C SER C 29 8.27 17.18 26.81
N GLY C 30 8.92 16.29 26.08
CA GLY C 30 9.85 15.30 26.64
C GLY C 30 9.27 14.34 27.67
N VAL C 31 10.01 14.12 28.75
CA VAL C 31 9.68 13.09 29.75
C VAL C 31 8.44 13.49 30.56
N GLN C 32 8.29 14.78 30.84
CA GLN C 32 7.10 15.29 31.53
C GLN C 32 5.81 15.11 30.71
N GLN C 33 5.86 15.43 29.41
CA GLN C 33 4.71 15.24 28.51
C GLN C 33 4.28 13.78 28.44
N LYS C 34 5.24 12.89 28.25
CA LYS C 34 4.98 11.44 28.15
C LYS C 34 4.47 10.85 29.49
N GLN C 35 4.93 11.43 30.60
CA GLN C 35 4.46 11.05 31.95
C GLN C 35 3.00 11.44 32.14
N ALA C 36 2.66 12.67 31.73
CA ALA C 36 1.30 13.17 31.77
C ALA C 36 0.35 12.35 30.89
N GLN C 37 0.82 11.97 29.69
CA GLN C 37 0.07 11.09 28.77
C GLN C 37 -0.41 9.81 29.44
N GLU C 38 0.52 9.09 30.08
CA GLU C 38 0.22 7.80 30.72
C GLU C 38 -0.78 7.94 31.86
N ILE C 39 -0.65 9.03 32.62
CA ILE C 39 -1.57 9.34 33.70
C ILE C 39 -2.96 9.66 33.15
N LEU C 40 -3.03 10.51 32.15
CA LEU C 40 -4.30 10.88 31.52
C LEU C 40 -5.03 9.70 30.90
N THR C 41 -4.28 8.83 30.23
CA THR C 41 -4.84 7.59 29.69
C THR C 41 -5.43 6.71 30.80
N LYS C 42 -4.72 6.54 31.91
CA LYS C 42 -5.22 5.72 33.04
C LYS C 42 -6.45 6.34 33.70
N PHE C 43 -6.46 7.66 33.83
CA PHE C 43 -7.60 8.40 34.37
C PHE C 43 -8.84 8.17 33.51
N GLN C 44 -8.68 8.37 32.21
CA GLN C 44 -9.78 8.18 31.26
C GLN C 44 -10.33 6.75 31.27
N ASP C 45 -9.44 5.76 31.34
CA ASP C 45 -9.83 4.35 31.33
C ASP C 45 -10.40 3.83 32.66
N ASN C 46 -10.21 4.57 33.76
CA ASN C 46 -10.85 4.21 35.04
C ASN C 46 -12.37 4.16 34.81
N PRO C 47 -13.00 3.00 35.05
CA PRO C 47 -14.44 2.85 34.74
C PRO C 47 -15.42 3.73 35.53
N ASP C 48 -14.97 4.38 36.60
CA ASP C 48 -15.78 5.38 37.32
C ASP C 48 -15.47 6.85 36.97
N ALA C 49 -14.53 7.08 36.06
CA ALA C 49 -14.12 8.45 35.69
C ALA C 49 -15.23 9.35 35.14
N TRP C 50 -16.27 8.75 34.56
CA TRP C 50 -17.47 9.47 34.09
C TRP C 50 -18.24 10.19 35.20
N GLN C 51 -18.14 9.68 36.41
CA GLN C 51 -18.81 10.29 37.57
C GLN C 51 -18.17 11.64 37.94
N LYS C 52 -16.90 11.83 37.55
CA LYS C 52 -16.17 13.08 37.72
C LYS C 52 -16.40 14.10 36.59
N ALA C 53 -17.18 13.74 35.57
CA ALA C 53 -17.28 14.53 34.35
C ALA C 53 -17.98 15.85 34.59
N ASP C 54 -19.14 15.78 35.23
CA ASP C 54 -19.93 16.97 35.63
C ASP C 54 -19.06 17.98 36.40
N GLN C 55 -18.29 17.45 37.34
CA GLN C 55 -17.36 18.23 38.17
C GLN C 55 -16.29 18.94 37.33
N ILE C 56 -15.71 18.23 36.38
CA ILE C 56 -14.70 18.80 35.45
C ILE C 56 -15.30 19.89 34.58
N LEU C 57 -16.50 19.63 34.05
CA LEU C 57 -17.19 20.59 33.19
C LEU C 57 -17.58 21.88 33.90
N GLN C 58 -17.94 21.79 35.17
CA GLN C 58 -18.28 22.96 35.98
C GLN C 58 -17.05 23.77 36.40
N PHE C 59 -16.02 23.09 36.89
CA PHE C 59 -14.95 23.76 37.67
C PHE C 59 -13.58 23.95 36.99
N SER C 60 -13.31 23.21 35.92
CA SER C 60 -12.01 23.30 35.24
C SER C 60 -11.83 24.63 34.50
N THR C 61 -10.59 25.12 34.47
CA THR C 61 -10.20 26.31 33.67
C THR C 61 -9.59 25.97 32.29
N ASN C 62 -9.48 24.68 31.97
CA ASN C 62 -8.77 24.20 30.79
C ASN C 62 -9.77 23.54 29.83
N PRO C 63 -9.99 24.14 28.63
CA PRO C 63 -10.89 23.53 27.63
C PRO C 63 -10.56 22.09 27.23
N GLN C 64 -9.27 21.74 27.22
CA GLN C 64 -8.84 20.39 26.89
C GLN C 64 -9.25 19.37 27.96
N SER C 65 -9.28 19.78 29.23
CA SER C 65 -9.78 18.92 30.31
C SER C 65 -11.26 18.57 30.13
N LYS C 66 -12.02 19.53 29.61
CA LYS C 66 -13.45 19.37 29.39
C LYS C 66 -13.69 18.49 28.17
N PHE C 67 -12.88 18.68 27.14
CA PHE C 67 -12.85 17.78 26.00
C PHE C 67 -12.71 16.35 26.48
N ILE C 68 -11.70 16.11 27.31
CA ILE C 68 -11.41 14.78 27.86
C ILE C 68 -12.54 14.24 28.75
N ALA C 69 -13.20 15.12 29.50
CA ALA C 69 -14.40 14.72 30.25
C ALA C 69 -15.50 14.20 29.32
N LEU C 70 -15.68 14.86 28.17
CA LEU C 70 -16.67 14.41 27.18
C LEU C 70 -16.26 13.09 26.51
N SER C 71 -14.97 12.91 26.22
CA SER C 71 -14.47 11.62 25.74
C SER C 71 -14.79 10.47 26.68
N ILE C 72 -14.69 10.73 27.99
CA ILE C 72 -14.99 9.75 29.01
C ILE C 72 -16.50 9.42 29.00
N LEU C 73 -17.33 10.45 28.94
CA LEU C 73 -18.78 10.29 28.79
C LEU C 73 -19.16 9.57 27.49
N ASP C 74 -18.57 10.01 26.38
CA ASP C 74 -18.75 9.40 25.04
C ASP C 74 -18.59 7.88 25.11
N LYS C 75 -17.49 7.46 25.72
CA LYS C 75 -17.19 6.05 25.93
C LYS C 75 -18.25 5.33 26.77
N LEU C 76 -18.74 5.99 27.81
CA LEU C 76 -19.83 5.42 28.62
C LEU C 76 -21.16 5.35 27.84
N ILE C 77 -21.53 6.43 27.16
CA ILE C 77 -22.76 6.49 26.37
C ILE C 77 -22.81 5.39 25.29
N THR C 78 -21.72 5.23 24.55
CA THR C 78 -21.68 4.29 23.43
C THR C 78 -21.54 2.82 23.84
N ARG C 79 -21.15 2.54 25.09
CA ARG C 79 -20.81 1.17 25.50
C ARG C 79 -21.56 0.59 26.68
N LYS C 80 -21.85 1.40 27.70
CA LYS C 80 -22.47 0.92 28.95
C LYS C 80 -23.74 1.67 29.42
N TRP C 81 -24.27 2.52 28.54
CA TRP C 81 -25.39 3.42 28.84
C TRP C 81 -26.63 2.74 29.44
N LYS C 82 -27.00 1.60 28.89
CA LYS C 82 -28.26 0.92 29.27
C LYS C 82 -28.24 0.20 30.64
N LEU C 83 -27.06 0.06 31.25
CA LEU C 83 -26.97 -0.36 32.68
C LEU C 83 -27.37 0.74 33.67
N LEU C 84 -27.08 1.99 33.34
CA LEU C 84 -27.41 3.11 34.20
C LEU C 84 -28.93 3.18 34.44
N PRO C 85 -29.35 3.49 35.68
CA PRO C 85 -30.78 3.74 35.90
C PRO C 85 -31.24 5.07 35.26
N ASN C 86 -32.52 5.17 34.94
CA ASN C 86 -33.13 6.35 34.29
C ASN C 86 -32.65 7.72 34.81
N ASP C 87 -32.51 7.84 36.13
CA ASP C 87 -32.11 9.10 36.79
C ASP C 87 -30.75 9.59 36.33
N HIS C 88 -29.79 8.66 36.25
CA HIS C 88 -28.46 8.96 35.75
C HIS C 88 -28.46 9.36 34.25
N ARG C 89 -29.23 8.64 33.43
CA ARG C 89 -29.32 8.93 32.00
C ARG C 89 -29.92 10.31 31.74
N ILE C 90 -31.09 10.55 32.33
CA ILE C 90 -31.76 11.87 32.28
C ILE C 90 -30.82 12.96 32.81
N GLY C 91 -30.10 12.66 33.89
CA GLY C 91 -29.17 13.62 34.51
C GLY C 91 -28.03 14.03 33.59
N ILE C 92 -27.37 13.02 33.01
CA ILE C 92 -26.29 13.23 32.04
C ILE C 92 -26.82 13.95 30.79
N ARG C 93 -27.99 13.55 30.30
CA ARG C 93 -28.65 14.26 29.21
C ARG C 93 -28.79 15.74 29.54
N ASN C 94 -29.32 16.04 30.72
CA ASN C 94 -29.60 17.42 31.14
C ASN C 94 -28.35 18.30 31.19
N PHE C 95 -27.26 17.84 31.81
CA PHE C 95 -26.06 18.71 31.90
C PHE C 95 -25.25 18.81 30.59
N VAL C 96 -25.43 17.87 29.66
CA VAL C 96 -24.84 17.99 28.32
C VAL C 96 -25.60 19.07 27.54
N VAL C 97 -26.93 18.95 27.50
CA VAL C 97 -27.81 19.94 26.86
C VAL C 97 -27.60 21.33 27.46
N GLY C 98 -27.65 21.41 28.79
CA GLY C 98 -27.49 22.68 29.51
C GLY C 98 -26.16 23.36 29.25
N MET C 99 -25.09 22.57 29.22
CA MET C 99 -23.76 23.09 28.93
C MET C 99 -23.63 23.63 27.49
N ILE C 100 -24.20 22.91 26.52
CA ILE C 100 -24.20 23.35 25.13
C ILE C 100 -24.91 24.70 25.04
N ILE C 101 -26.10 24.77 25.61
CA ILE C 101 -26.91 25.99 25.63
C ILE C 101 -26.12 27.15 26.24
N SER C 102 -25.62 26.98 27.46
CA SER C 102 -24.88 28.06 28.12
C SER C 102 -23.57 28.45 27.42
N MET C 103 -22.91 27.50 26.75
CA MET C 103 -21.74 27.82 25.92
C MET C 103 -22.10 28.67 24.68
N CYS C 104 -23.25 28.39 24.08
CA CYS C 104 -23.72 29.13 22.91
C CYS C 104 -24.20 30.56 23.23
N GLN C 105 -24.79 30.74 24.43
CA GLN C 105 -25.37 32.04 24.82
C GLN C 105 -24.34 33.06 25.33
N ASP C 106 -23.21 32.58 25.85
CA ASP C 106 -22.03 33.42 26.09
C ASP C 106 -21.30 33.57 24.76
N ASP C 107 -21.38 34.76 24.18
CA ASP C 107 -20.91 35.01 22.82
C ASP C 107 -19.38 34.86 22.66
N GLU C 108 -18.64 35.20 23.72
CA GLU C 108 -17.18 35.02 23.70
C GLU C 108 -16.77 33.54 23.70
N VAL C 109 -17.50 32.71 24.43
CA VAL C 109 -17.25 31.27 24.47
C VAL C 109 -17.58 30.63 23.10
N PHE C 110 -18.70 31.06 22.50
CA PHE C 110 -19.11 30.59 21.18
C PHE C 110 -18.06 30.86 20.09
N LYS C 111 -17.38 32.00 20.18
CA LYS C 111 -16.28 32.32 19.27
C LYS C 111 -15.04 31.47 19.58
N THR C 112 -14.64 31.40 20.84
CA THR C 112 -13.31 30.90 21.21
C THR C 112 -13.21 29.40 21.49
N GLN C 113 -14.33 28.74 21.78
CA GLN C 113 -14.32 27.32 22.20
C GLN C 113 -15.03 26.41 21.20
N LYS C 114 -14.68 26.53 19.93
CA LYS C 114 -15.30 25.75 18.86
C LYS C 114 -15.07 24.26 19.03
N ASN C 115 -13.84 23.87 19.34
CA ASN C 115 -13.49 22.48 19.61
C ASN C 115 -14.36 21.86 20.70
N LEU C 116 -14.48 22.57 21.82
CA LEU C 116 -15.26 22.06 22.96
C LEU C 116 -16.74 21.94 22.62
N ILE C 117 -17.29 22.94 21.92
CA ILE C 117 -18.70 22.94 21.54
C ILE C 117 -19.02 21.80 20.56
N ASN C 118 -18.19 21.63 19.53
CA ASN C 118 -18.38 20.55 18.55
C ASN C 118 -18.30 19.18 19.23
N LYS C 119 -17.37 19.03 20.18
CA LYS C 119 -17.27 17.82 20.98
C LYS C 119 -18.52 17.56 21.84
N SER C 120 -19.12 18.61 22.39
CA SER C 120 -20.36 18.50 23.17
C SER C 120 -21.53 18.08 22.28
N ASP C 121 -21.58 18.66 21.08
CA ASP C 121 -22.61 18.31 20.10
C ASP C 121 -22.52 16.85 19.69
N LEU C 122 -21.30 16.36 19.44
CA LEU C 122 -21.10 14.95 19.09
C LEU C 122 -21.57 14.05 20.24
N THR C 123 -21.17 14.39 21.46
CA THR C 123 -21.58 13.67 22.67
C THR C 123 -23.11 13.63 22.81
N LEU C 124 -23.75 14.77 22.54
CA LEU C 124 -25.22 14.84 22.48
C LEU C 124 -25.81 13.89 21.43
N VAL C 125 -25.20 13.86 20.24
CA VAL C 125 -25.63 12.94 19.16
C VAL C 125 -25.49 11.46 19.57
N GLN C 126 -24.48 11.14 20.38
CA GLN C 126 -24.34 9.76 20.91
C GLN C 126 -25.49 9.39 21.86
N ILE C 127 -25.91 10.35 22.68
CA ILE C 127 -27.10 10.21 23.55
C ILE C 127 -28.35 10.03 22.68
N LEU C 128 -28.48 10.83 21.63
CA LEU C 128 -29.61 10.68 20.70
C LEU C 128 -29.67 9.28 20.09
N LYS C 129 -28.51 8.72 19.73
CA LYS C 129 -28.46 7.36 19.17
C LYS C 129 -28.98 6.30 20.14
N GLN C 130 -28.73 6.49 21.43
CA GLN C 130 -29.24 5.60 22.47
C GLN C 130 -30.72 5.84 22.78
N GLU C 131 -31.12 7.11 22.83
CA GLU C 131 -32.41 7.52 23.43
C GLU C 131 -33.52 7.95 22.47
N TRP C 132 -33.16 8.43 21.27
CA TRP C 132 -34.10 9.14 20.38
C TRP C 132 -34.60 8.24 19.24
N PRO C 133 -35.87 8.32 18.82
CA PRO C 133 -36.98 9.12 19.40
C PRO C 133 -37.84 8.43 20.46
N GLN C 134 -37.60 7.13 20.67
CA GLN C 134 -38.42 6.32 21.61
C GLN C 134 -38.52 6.88 23.04
N ASN C 135 -37.41 7.41 23.56
CA ASN C 135 -37.37 8.02 24.91
C ASN C 135 -36.99 9.52 24.90
N TRP C 136 -37.29 10.21 23.80
CA TRP C 136 -37.05 11.66 23.66
C TRP C 136 -37.83 12.20 22.44
N PRO C 137 -39.15 11.92 22.34
CA PRO C 137 -39.95 12.25 21.15
C PRO C 137 -40.02 13.74 20.79
N GLU C 138 -39.74 14.61 21.76
CA GLU C 138 -39.83 16.06 21.60
C GLU C 138 -38.56 16.75 21.06
N PHE C 139 -37.47 16.00 20.86
CA PHE C 139 -36.15 16.59 20.58
C PHE C 139 -36.11 17.52 19.36
N ILE C 140 -36.61 17.04 18.22
CA ILE C 140 -36.59 17.85 17.00
C ILE C 140 -37.46 19.12 17.11
N PRO C 141 -38.73 18.99 17.57
CA PRO C 141 -39.52 20.21 17.84
C PRO C 141 -38.87 21.22 18.79
N GLU C 142 -38.34 20.74 19.91
CA GLU C 142 -37.60 21.59 20.85
C GLU C 142 -36.31 22.18 20.29
N LEU C 143 -35.61 21.43 19.45
CA LEU C 143 -34.44 21.94 18.72
C LEU C 143 -34.86 23.07 17.78
N ILE C 144 -35.90 22.82 16.97
CA ILE C 144 -36.43 23.82 16.03
C ILE C 144 -36.84 25.11 16.75
N GLY C 145 -37.51 24.97 17.90
CA GLY C 145 -37.98 26.11 18.67
C GLY C 145 -36.87 26.98 19.23
N SER C 146 -35.90 26.35 19.89
CA SER C 146 -34.79 27.07 20.54
C SER C 146 -33.82 27.78 19.56
N SER C 147 -33.87 27.42 18.28
CA SER C 147 -33.10 28.11 17.23
C SER C 147 -33.57 29.55 16.96
N SER C 148 -34.86 29.81 17.13
CA SER C 148 -35.44 31.13 16.80
C SER C 148 -35.00 32.29 17.71
N SER C 149 -34.60 31.98 18.95
CA SER C 149 -34.31 32.99 19.96
C SER C 149 -32.84 33.37 20.14
N SER C 150 -31.95 32.64 19.47
CA SER C 150 -30.52 32.94 19.51
C SER C 150 -29.88 32.40 18.23
N VAL C 151 -29.20 33.27 17.49
CA VAL C 151 -28.55 32.86 16.24
C VAL C 151 -27.35 31.92 16.48
N ASN C 152 -26.68 32.08 17.62
CA ASN C 152 -25.63 31.14 18.03
C ASN C 152 -26.17 29.73 18.27
N VAL C 153 -27.31 29.65 18.95
CA VAL C 153 -27.97 28.37 19.21
C VAL C 153 -28.49 27.77 17.91
N CYS C 154 -28.99 28.62 17.01
CA CYS C 154 -29.47 28.18 15.69
C CYS C 154 -28.34 27.57 14.86
N GLU C 155 -27.24 28.32 14.74
CA GLU C 155 -26.03 27.88 14.06
C GLU C 155 -25.53 26.55 14.64
N ASN C 156 -25.46 26.47 15.97
CA ASN C 156 -24.98 25.25 16.64
C ASN C 156 -25.91 24.05 16.43
N ASN C 157 -27.19 24.31 16.33
CA ASN C 157 -28.17 23.25 16.04
C ASN C 157 -28.03 22.69 14.61
N MET C 158 -27.55 23.50 13.66
CA MET C 158 -27.18 22.99 12.33
C MET C 158 -26.03 21.99 12.40
N ILE C 159 -25.08 22.24 13.30
CA ILE C 159 -23.97 21.33 13.57
C ILE C 159 -24.48 20.02 14.17
N VAL C 160 -25.35 20.11 15.18
CA VAL C 160 -25.94 18.92 15.81
C VAL C 160 -26.67 18.10 14.75
N LEU C 161 -27.47 18.76 13.92
CA LEU C 161 -28.20 18.07 12.86
C LEU C 161 -27.30 17.47 11.79
N LYS C 162 -26.22 18.16 11.43
CA LYS C 162 -25.20 17.65 10.52
C LYS C 162 -24.61 16.34 11.04
N LEU C 163 -24.14 16.39 12.28
CA LEU C 163 -23.58 15.21 12.96
C LEU C 163 -24.60 14.08 13.05
N LEU C 164 -25.84 14.40 13.40
CA LEU C 164 -26.89 13.39 13.48
C LEU C 164 -27.12 12.67 12.12
N SER C 165 -27.22 13.45 11.05
CA SER C 165 -27.36 12.88 9.69
C SER C 165 -26.19 11.97 9.32
N GLU C 166 -24.97 12.42 9.61
CA GLU C 166 -23.76 11.65 9.38
C GLU C 166 -23.78 10.31 10.11
N GLU C 167 -24.10 10.34 11.40
CA GLU C 167 -24.08 9.12 12.22
C GLU C 167 -25.18 8.14 11.84
N VAL C 168 -26.33 8.66 11.41
CA VAL C 168 -27.46 7.83 11.01
C VAL C 168 -27.34 7.29 9.58
N PHE C 169 -26.91 8.12 8.63
CA PHE C 169 -26.86 7.75 7.19
C PHE C 169 -25.49 7.42 6.59
N ASP C 170 -24.44 8.10 7.05
CA ASP C 170 -23.09 7.94 6.45
C ASP C 170 -22.21 6.91 7.17
N PHE C 171 -22.35 6.78 8.48
CA PHE C 171 -21.46 5.91 9.27
C PHE C 171 -22.19 4.87 10.12
N SER C 172 -23.44 4.58 9.78
CA SER C 172 -24.23 3.60 10.52
C SER C 172 -23.93 2.16 10.12
N ALA C 173 -23.54 1.92 8.86
CA ALA C 173 -23.42 0.56 8.32
C ALA C 173 -22.54 -0.36 9.15
N GLU C 174 -21.40 0.16 9.62
CA GLU C 174 -20.44 -0.62 10.42
C GLU C 174 -20.76 -0.63 11.92
N GLN C 175 -21.36 0.46 12.42
CA GLN C 175 -21.44 0.74 13.87
C GLN C 175 -22.79 0.46 14.56
N MET C 176 -23.82 0.15 13.79
CA MET C 176 -25.14 -0.15 14.34
C MET C 176 -25.68 -1.43 13.73
N THR C 177 -26.59 -2.10 14.43
CA THR C 177 -27.29 -3.24 13.83
C THR C 177 -28.13 -2.75 12.66
N GLN C 178 -28.53 -3.68 11.82
CA GLN C 178 -29.35 -3.34 10.65
C GLN C 178 -30.68 -2.75 11.10
N ALA C 179 -31.29 -3.38 12.10
CA ALA C 179 -32.54 -2.89 12.69
C ALA C 179 -32.44 -1.49 13.24
N LYS C 180 -31.37 -1.19 13.97
CA LYS C 180 -31.24 0.13 14.60
C LYS C 180 -30.96 1.22 13.58
N ALA C 181 -30.12 0.93 12.58
CA ALA C 181 -29.92 1.86 11.46
C ALA C 181 -31.22 2.15 10.74
N LEU C 182 -32.01 1.11 10.49
CA LEU C 182 -33.30 1.30 9.85
C LEU C 182 -34.26 2.14 10.70
N HIS C 183 -34.27 1.88 12.00
CA HIS C 183 -35.13 2.63 12.94
C HIS C 183 -34.77 4.13 13.02
N LEU C 184 -33.47 4.43 13.08
CA LEU C 184 -33.03 5.82 13.15
C LEU C 184 -33.19 6.57 11.82
N LYS C 185 -32.93 5.90 10.70
CA LYS C 185 -33.21 6.45 9.37
C LYS C 185 -34.68 6.80 9.18
N ASN C 186 -35.56 5.85 9.52
CA ASN C 186 -37.00 6.09 9.48
C ASN C 186 -37.36 7.30 10.34
N SER C 187 -36.82 7.35 11.55
CA SER C 187 -37.07 8.45 12.48
C SER C 187 -36.64 9.81 11.95
N MET C 188 -35.45 9.90 11.35
CA MET C 188 -34.99 11.15 10.75
C MET C 188 -35.83 11.54 9.54
N SER C 189 -36.25 10.54 8.80
CA SER C 189 -37.04 10.74 7.60
C SER C 189 -38.43 11.29 7.94
N LYS C 190 -39.06 10.75 8.98
CA LYS C 190 -40.38 11.25 9.40
C LYS C 190 -40.35 12.71 9.89
N GLU C 191 -39.24 13.12 10.50
CA GLU C 191 -39.09 14.48 11.04
C GLU C 191 -38.49 15.52 10.08
N PHE C 192 -38.13 15.10 8.86
CA PHE C 192 -37.33 15.96 7.96
C PHE C 192 -38.06 17.16 7.35
N GLU C 193 -39.37 17.05 7.12
CA GLU C 193 -40.17 18.20 6.63
C GLU C 193 -39.93 19.42 7.53
N GLN C 194 -40.03 19.19 8.83
CA GLN C 194 -39.77 20.21 9.84
C GLN C 194 -38.30 20.69 9.88
N ILE C 195 -37.35 19.78 9.69
CA ILE C 195 -35.92 20.13 9.61
C ILE C 195 -35.62 20.98 8.35
N PHE C 196 -36.16 20.58 7.21
CA PHE C 196 -35.95 21.34 5.96
C PHE C 196 -36.55 22.73 6.01
N LYS C 197 -37.72 22.87 6.64
CA LYS C 197 -38.39 24.17 6.74
C LYS C 197 -37.48 25.18 7.44
N LEU C 198 -36.97 24.80 8.61
CA LEU C 198 -35.97 25.58 9.37
C LEU C 198 -34.72 25.89 8.53
N CYS C 199 -34.22 24.88 7.83
CA CYS C 199 -33.03 25.02 6.98
C CYS C 199 -33.29 26.02 5.84
N PHE C 200 -34.44 25.90 5.18
CA PHE C 200 -34.81 26.77 4.06
C PHE C 200 -35.02 28.23 4.47
N GLN C 201 -35.73 28.46 5.58
CA GLN C 201 -35.92 29.81 6.13
C GLN C 201 -34.59 30.52 6.37
N VAL C 202 -33.67 29.83 7.03
CA VAL C 202 -32.32 30.37 7.31
C VAL C 202 -31.56 30.80 6.04
N LEU C 203 -31.69 30.02 4.97
CA LEU C 203 -30.99 30.31 3.71
C LEU C 203 -31.59 31.48 2.93
N GLU C 204 -32.91 31.61 2.93
CA GLU C 204 -33.59 32.79 2.37
C GLU C 204 -33.22 34.09 3.11
N GLN C 205 -33.21 34.05 4.43
CA GLN C 205 -33.05 35.24 5.30
C GLN C 205 -31.62 35.41 5.82
N GLY C 206 -30.68 35.61 4.90
CA GLY C 206 -29.26 35.79 5.22
C GLY C 206 -28.38 35.66 3.97
N SER C 207 -27.24 36.35 3.97
CA SER C 207 -26.35 36.46 2.79
C SER C 207 -25.13 35.52 2.79
N SER C 208 -24.23 35.70 3.75
CA SER C 208 -23.03 34.85 3.90
C SER C 208 -22.47 34.88 5.35
N SER C 209 -23.36 34.64 6.31
CA SER C 209 -23.04 34.55 7.73
C SER C 209 -22.37 33.21 8.06
N SER C 210 -21.78 33.09 9.25
CA SER C 210 -21.35 31.79 9.74
C SER C 210 -22.55 30.83 9.94
N LEU C 211 -23.72 31.39 10.21
CA LEU C 211 -24.98 30.62 10.25
C LEU C 211 -25.34 29.98 8.89
N ILE C 212 -25.10 30.72 7.81
CA ILE C 212 -25.41 30.23 6.46
C ILE C 212 -24.49 29.08 6.09
N VAL C 213 -23.20 29.27 6.35
CA VAL C 213 -22.18 28.26 6.11
C VAL C 213 -22.52 26.96 6.87
N ALA C 214 -22.79 27.06 8.16
CA ALA C 214 -23.17 25.89 8.96
C ALA C 214 -24.45 25.21 8.45
N THR C 215 -25.42 26.00 7.98
CA THR C 215 -26.66 25.46 7.42
C THR C 215 -26.41 24.72 6.11
N LEU C 216 -25.60 25.31 5.24
CA LEU C 216 -25.19 24.68 3.98
C LEU C 216 -24.37 23.40 4.18
N GLU C 217 -23.49 23.42 5.18
CA GLU C 217 -22.74 22.20 5.55
C GLU C 217 -23.68 21.08 5.97
N SER C 218 -24.77 21.44 6.64
CA SER C 218 -25.79 20.47 7.03
C SER C 218 -26.55 19.95 5.81
N LEU C 219 -26.84 20.84 4.86
CA LEU C 219 -27.54 20.46 3.63
C LEU C 219 -26.74 19.44 2.81
N LEU C 220 -25.42 19.63 2.74
CA LEU C 220 -24.52 18.69 2.05
C LEU C 220 -24.75 17.25 2.52
N ARG C 221 -24.92 17.05 3.83
CA ARG C 221 -25.17 15.71 4.37
C ARG C 221 -26.59 15.23 4.07
N TYR C 222 -27.57 16.12 4.08
CA TYR C 222 -28.95 15.77 3.78
C TYR C 222 -29.11 15.27 2.34
N LEU C 223 -28.36 15.89 1.42
CA LEU C 223 -28.37 15.51 0.00
C LEU C 223 -27.92 14.06 -0.29
N HIS C 224 -27.16 13.44 0.62
CA HIS C 224 -26.85 11.98 0.51
C HIS C 224 -28.12 11.09 0.52
N TRP C 225 -29.19 11.55 1.17
CA TRP C 225 -30.40 10.70 1.35
C TRP C 225 -31.78 11.31 1.14
N ILE C 226 -31.93 12.63 1.14
CA ILE C 226 -33.29 13.22 1.13
C ILE C 226 -34.01 13.04 -0.22
N PRO C 227 -35.35 12.91 -0.19
CA PRO C 227 -36.11 12.80 -1.45
C PRO C 227 -35.90 14.02 -2.34
N TYR C 228 -35.82 13.80 -3.65
CA TYR C 228 -35.42 14.84 -4.61
C TYR C 228 -36.35 16.06 -4.67
N ARG C 229 -37.62 15.86 -4.32
CA ARG C 229 -38.61 16.95 -4.30
C ARG C 229 -38.23 18.15 -3.40
N TYR C 230 -37.43 17.92 -2.35
CA TYR C 230 -36.90 19.03 -1.53
C TYR C 230 -35.92 19.94 -2.28
N ILE C 231 -35.26 19.40 -3.31
CA ILE C 231 -34.30 20.17 -4.11
C ILE C 231 -34.96 20.80 -5.33
N TYR C 232 -35.80 20.03 -6.03
CA TYR C 232 -36.37 20.48 -7.30
C TYR C 232 -37.70 21.25 -7.21
N GLU C 233 -38.48 21.05 -6.15
CA GLU C 233 -39.79 21.70 -6.00
C GLU C 233 -39.79 22.85 -4.97
N THR C 234 -38.61 23.38 -4.67
CA THR C 234 -38.47 24.59 -3.86
C THR C 234 -37.52 25.50 -4.63
N ASN C 235 -37.18 26.65 -4.05
CA ASN C 235 -36.27 27.60 -4.71
C ASN C 235 -34.78 27.35 -4.38
N ILE C 236 -34.48 26.25 -3.68
CA ILE C 236 -33.14 25.97 -3.17
C ILE C 236 -32.08 25.92 -4.28
N LEU C 237 -32.42 25.29 -5.41
CA LEU C 237 -31.50 25.21 -6.55
C LEU C 237 -31.05 26.56 -7.05
N GLU C 238 -32.01 27.48 -7.18
CA GLU C 238 -31.71 28.84 -7.60
C GLU C 238 -30.82 29.58 -6.58
N LEU C 239 -31.09 29.37 -5.30
CA LEU C 239 -30.30 29.97 -4.23
C LEU C 239 -28.87 29.45 -4.21
N LEU C 240 -28.71 28.14 -4.39
CA LEU C 240 -27.38 27.53 -4.44
C LEU C 240 -26.62 27.99 -5.67
N SER C 241 -27.28 27.97 -6.83
CA SER C 241 -26.59 28.20 -8.10
C SER C 241 -26.30 29.67 -8.44
N THR C 242 -26.92 30.61 -7.72
CA THR C 242 -26.68 32.04 -7.93
C THR C 242 -26.11 32.70 -6.66
N LYS C 243 -26.98 32.94 -5.69
CA LYS C 243 -26.67 33.74 -4.48
C LYS C 243 -25.48 33.21 -3.70
N PHE C 244 -25.47 31.91 -3.39
CA PHE C 244 -24.39 31.33 -2.59
C PHE C 244 -23.09 31.05 -3.36
N MET C 245 -23.13 31.17 -4.68
CA MET C 245 -21.92 31.11 -5.51
C MET C 245 -21.16 32.44 -5.58
N THR C 246 -21.84 33.58 -5.40
CA THR C 246 -21.20 34.91 -5.48
C THR C 246 -20.29 35.20 -4.29
N SER C 247 -20.83 34.98 -3.09
CA SER C 247 -20.08 35.20 -1.84
C SER C 247 -19.03 34.09 -1.66
N PRO C 248 -17.74 34.45 -1.55
CA PRO C 248 -16.69 33.42 -1.36
C PRO C 248 -16.76 32.65 -0.03
N ASP C 249 -17.46 33.22 0.95
CA ASP C 249 -17.75 32.52 2.21
C ASP C 249 -18.58 31.26 2.03
N THR C 250 -19.59 31.34 1.17
CA THR C 250 -20.49 30.21 0.93
C THR C 250 -20.14 29.37 -0.30
N ARG C 251 -19.15 29.80 -1.08
CA ARG C 251 -18.89 29.24 -2.42
C ARG C 251 -18.42 27.80 -2.40
N ALA C 252 -17.39 27.52 -1.59
CA ALA C 252 -16.84 26.16 -1.50
C ALA C 252 -17.91 25.14 -1.10
N ILE C 253 -18.64 25.42 -0.02
CA ILE C 253 -19.66 24.48 0.45
C ILE C 253 -20.84 24.33 -0.52
N THR C 254 -21.27 25.43 -1.11
CA THR C 254 -22.32 25.41 -2.13
C THR C 254 -21.95 24.53 -3.31
N LEU C 255 -20.70 24.68 -3.76
CA LEU C 255 -20.21 23.93 -4.91
C LEU C 255 -20.19 22.42 -4.63
N LYS C 256 -19.86 22.03 -3.39
CA LYS C 256 -19.99 20.63 -2.95
C LYS C 256 -21.45 20.17 -2.88
N CYS C 257 -22.33 21.05 -2.42
CA CYS C 257 -23.77 20.76 -2.42
C CYS C 257 -24.26 20.48 -3.84
N LEU C 258 -23.90 21.37 -4.77
CA LEU C 258 -24.29 21.23 -6.18
C LEU C 258 -23.72 19.98 -6.87
N THR C 259 -22.54 19.57 -6.44
CA THR C 259 -21.93 18.33 -6.91
C THR C 259 -22.77 17.12 -6.48
N GLU C 260 -23.25 17.14 -5.22
CA GLU C 260 -24.11 16.06 -4.72
C GLU C 260 -25.50 16.09 -5.35
N VAL C 261 -26.04 17.29 -5.56
CA VAL C 261 -27.29 17.48 -6.31
C VAL C 261 -27.22 16.83 -7.70
N SER C 262 -26.08 17.00 -8.39
CA SER C 262 -25.83 16.34 -9.68
C SER C 262 -25.84 14.78 -9.63
N ASN C 263 -25.95 14.20 -8.44
CA ASN C 263 -26.11 12.74 -8.20
C ASN C 263 -27.40 12.32 -7.48
N LEU C 264 -28.35 13.24 -7.27
CA LEU C 264 -29.66 12.90 -6.69
C LEU C 264 -30.43 11.95 -7.60
N LYS C 265 -31.27 11.09 -7.02
CA LYS C 265 -32.12 10.22 -7.83
C LYS C 265 -33.29 11.05 -8.37
N ILE C 266 -33.39 11.08 -9.70
CA ILE C 266 -34.32 11.97 -10.42
C ILE C 266 -35.16 11.20 -11.46
N PRO C 267 -36.32 11.77 -11.87
CA PRO C 267 -37.07 11.26 -13.03
C PRO C 267 -36.33 11.44 -14.36
N GLN C 268 -36.40 10.43 -15.23
CA GLN C 268 -35.85 10.52 -16.60
C GLN C 268 -36.89 11.00 -17.63
N ASP C 269 -38.17 10.95 -17.27
CA ASP C 269 -39.28 11.23 -18.20
C ASP C 269 -39.77 12.69 -18.21
N ASN C 270 -39.33 13.49 -17.23
CA ASN C 270 -39.90 14.82 -16.96
C ASN C 270 -39.11 15.96 -17.59
N ASP C 271 -39.73 16.67 -18.54
CA ASP C 271 -39.07 17.77 -19.27
C ASP C 271 -38.78 19.02 -18.42
N LEU C 272 -39.55 19.22 -17.36
CA LEU C 272 -39.36 20.41 -16.49
C LEU C 272 -38.17 20.23 -15.54
N ILE C 273 -38.04 19.04 -14.93
CA ILE C 273 -36.89 18.71 -14.08
C ILE C 273 -35.57 18.75 -14.86
N LYS C 274 -35.63 18.34 -16.13
CA LYS C 274 -34.49 18.48 -17.03
C LYS C 274 -34.11 19.94 -17.21
N ARG C 275 -35.09 20.82 -17.40
CA ARG C 275 -34.83 22.26 -17.51
C ARG C 275 -34.19 22.84 -16.24
N GLN C 276 -34.61 22.36 -15.07
CA GLN C 276 -34.03 22.80 -13.80
C GLN C 276 -32.59 22.28 -13.60
N THR C 277 -32.32 21.06 -14.04
CA THR C 277 -30.97 20.50 -14.04
C THR C 277 -30.02 21.31 -14.95
N VAL C 278 -30.54 21.75 -16.08
CA VAL C 278 -29.80 22.63 -17.00
C VAL C 278 -29.59 24.02 -16.39
N LEU C 279 -30.63 24.57 -15.78
CA LEU C 279 -30.62 25.93 -15.25
C LEU C 279 -29.60 26.15 -14.13
N PHE C 280 -29.52 25.22 -13.18
CA PHE C 280 -28.57 25.39 -12.06
C PHE C 280 -27.11 25.33 -12.55
N PHE C 281 -26.85 24.52 -13.58
CA PHE C 281 -25.53 24.45 -14.21
C PHE C 281 -25.22 25.77 -14.94
N GLN C 282 -26.21 26.27 -15.68
CA GLN C 282 -26.09 27.54 -16.39
C GLN C 282 -25.74 28.67 -15.42
N ASN C 283 -26.49 28.74 -14.32
CA ASN C 283 -26.28 29.73 -13.27
C ASN C 283 -24.88 29.63 -12.65
N THR C 284 -24.47 28.42 -12.27
CA THR C 284 -23.18 28.19 -11.62
C THR C 284 -21.99 28.58 -12.52
N LEU C 285 -22.03 28.13 -13.76
CA LEU C 285 -21.00 28.50 -14.75
C LEU C 285 -20.97 30.01 -14.99
N GLN C 286 -22.15 30.63 -15.02
CA GLN C 286 -22.23 32.09 -15.13
C GLN C 286 -21.52 32.79 -13.97
N GLN C 287 -21.80 32.36 -12.73
CA GLN C 287 -21.19 32.97 -11.54
C GLN C 287 -19.68 32.81 -11.51
N ILE C 288 -19.21 31.66 -11.95
CA ILE C 288 -17.79 31.39 -12.06
C ILE C 288 -17.11 32.30 -13.09
N ALA C 289 -17.73 32.45 -14.25
CA ALA C 289 -17.16 33.28 -15.33
C ALA C 289 -17.05 34.76 -14.95
N THR C 290 -18.06 35.27 -14.25
CA THR C 290 -18.11 36.70 -13.87
C THR C 290 -17.52 37.04 -12.50
N SER C 291 -17.61 36.12 -11.53
CA SER C 291 -17.12 36.39 -10.16
C SER C 291 -15.74 35.82 -9.82
N VAL C 292 -15.29 34.76 -10.50
CA VAL C 292 -14.07 34.06 -10.09
C VAL C 292 -12.96 34.13 -11.14
N MET C 293 -13.21 33.63 -12.35
CA MET C 293 -12.23 33.67 -13.43
C MET C 293 -12.89 33.37 -14.77
N PRO C 294 -12.41 34.00 -15.86
CA PRO C 294 -12.95 33.67 -17.17
C PRO C 294 -12.45 32.32 -17.70
N VAL C 295 -13.14 31.85 -18.73
CA VAL C 295 -12.85 30.56 -19.40
C VAL C 295 -11.39 30.48 -19.89
N THR C 296 -10.83 31.61 -20.31
CA THR C 296 -9.45 31.69 -20.81
C THR C 296 -8.34 31.72 -19.75
N ALA C 297 -8.71 31.81 -18.47
CA ALA C 297 -7.74 31.92 -17.36
C ALA C 297 -6.78 30.74 -17.28
N ASP C 298 -5.53 31.08 -16.95
CA ASP C 298 -4.44 30.13 -16.82
C ASP C 298 -4.53 29.51 -15.43
N LEU C 299 -5.27 28.41 -15.34
CA LEU C 299 -5.52 27.73 -14.07
C LEU C 299 -4.30 26.97 -13.61
N LYS C 300 -3.45 26.59 -14.56
CA LYS C 300 -2.17 26.01 -14.23
C LYS C 300 -1.37 26.94 -13.32
N ALA C 301 -1.23 28.20 -13.74
CA ALA C 301 -0.50 29.22 -12.97
C ALA C 301 -1.21 29.59 -11.67
N THR C 302 -2.54 29.71 -11.72
CA THR C 302 -3.33 30.02 -10.52
C THR C 302 -3.13 28.96 -9.44
N TYR C 303 -3.21 27.70 -9.83
CA TYR C 303 -3.03 26.58 -8.92
C TYR C 303 -1.61 26.53 -8.36
N ALA C 304 -0.60 26.75 -9.22
CA ALA C 304 0.82 26.80 -8.80
C ALA C 304 1.10 27.89 -7.75
N ASN C 305 0.46 29.05 -7.88
CA ASN C 305 0.64 30.17 -6.95
C ASN C 305 0.10 29.89 -5.55
N ALA C 306 -0.97 29.10 -5.49
CA ALA C 306 -1.50 28.59 -4.21
C ALA C 306 -1.94 29.68 -3.21
N ASN C 307 -2.50 30.78 -3.73
CA ASN C 307 -3.12 31.82 -2.89
C ASN C 307 -4.37 31.27 -2.19
N GLY C 308 -4.61 31.71 -0.96
CA GLY C 308 -5.77 31.30 -0.17
C GLY C 308 -6.26 29.88 -0.37
N ASN C 309 -7.53 29.74 -0.78
CA ASN C 309 -8.17 28.44 -1.00
C ASN C 309 -8.31 28.08 -2.50
N ASP C 310 -7.47 28.67 -3.34
CA ASP C 310 -7.58 28.48 -4.80
C ASP C 310 -7.41 27.01 -5.23
N GLN C 311 -6.48 26.30 -4.60
CA GLN C 311 -6.24 24.89 -4.93
C GLN C 311 -7.47 24.01 -4.64
N SER C 312 -8.01 24.13 -3.42
CA SER C 312 -9.25 23.44 -3.02
C SER C 312 -10.45 23.82 -3.89
N PHE C 313 -10.54 25.10 -4.26
CA PHE C 313 -11.60 25.55 -5.14
C PHE C 313 -11.50 24.90 -6.53
N LEU C 314 -10.29 24.85 -7.10
CA LEU C 314 -10.09 24.28 -8.44
C LEU C 314 -10.31 22.76 -8.45
N GLN C 315 -9.94 22.11 -7.35
CA GLN C 315 -10.25 20.70 -7.13
C GLN C 315 -11.76 20.46 -7.11
N ASP C 316 -12.47 21.28 -6.34
CA ASP C 316 -13.93 21.18 -6.23
C ASP C 316 -14.67 21.51 -7.53
N LEU C 317 -14.15 22.48 -8.28
CA LEU C 317 -14.69 22.80 -9.60
C LEU C 317 -14.53 21.61 -10.54
N ALA C 318 -13.36 20.99 -10.51
CA ALA C 318 -13.12 19.79 -11.31
C ALA C 318 -14.12 18.69 -10.97
N MET C 319 -14.32 18.45 -9.67
CA MET C 319 -15.26 17.44 -9.22
C MET C 319 -16.69 17.76 -9.67
N PHE C 320 -17.09 19.03 -9.54
CA PHE C 320 -18.42 19.46 -9.95
C PHE C 320 -18.65 19.29 -11.45
N LEU C 321 -17.72 19.78 -12.27
CA LEU C 321 -17.86 19.72 -13.72
C LEU C 321 -17.89 18.28 -14.24
N THR C 322 -16.96 17.45 -13.77
CA THR C 322 -16.91 16.05 -14.18
C THR C 322 -18.11 15.24 -13.71
N THR C 323 -18.54 15.46 -12.45
CA THR C 323 -19.73 14.79 -11.93
C THR C 323 -20.94 15.18 -12.74
N TYR C 324 -21.17 16.47 -12.91
CA TYR C 324 -22.35 16.94 -13.62
C TYR C 324 -22.37 16.47 -15.08
N LEU C 325 -21.27 16.66 -15.80
CA LEU C 325 -21.23 16.39 -17.24
C LEU C 325 -21.31 14.90 -17.57
N ALA C 326 -20.68 14.05 -16.75
CA ALA C 326 -20.80 12.59 -16.91
C ALA C 326 -22.25 12.12 -16.82
N ARG C 327 -23.06 12.77 -15.98
CA ARG C 327 -24.46 12.39 -15.84
C ARG C 327 -25.38 13.09 -16.84
N ASN C 328 -25.12 14.36 -17.12
CA ASN C 328 -26.12 15.23 -17.75
C ASN C 328 -25.72 15.92 -19.05
N ARG C 329 -24.53 15.67 -19.60
CA ARG C 329 -24.12 16.44 -20.79
C ARG C 329 -25.07 16.27 -21.99
N ALA C 330 -25.69 15.10 -22.14
CA ALA C 330 -26.71 14.89 -23.20
C ALA C 330 -27.84 15.92 -23.16
N LEU C 331 -28.18 16.44 -21.99
CA LEU C 331 -29.14 17.56 -21.86
C LEU C 331 -28.73 18.86 -22.56
N LEU C 332 -27.43 19.03 -22.76
CA LEU C 332 -26.86 20.20 -23.40
C LEU C 332 -26.48 19.97 -24.89
N GLU C 333 -26.49 18.73 -25.36
CA GLU C 333 -25.95 18.40 -26.69
C GLU C 333 -26.85 18.66 -27.90
N SER C 334 -28.16 18.75 -27.69
CA SER C 334 -29.13 18.85 -28.82
C SER C 334 -29.63 20.27 -29.07
N ASP C 335 -29.98 20.98 -28.01
CA ASP C 335 -30.43 22.36 -28.08
C ASP C 335 -29.24 23.28 -28.41
N GLU C 336 -29.38 24.03 -29.50
CA GLU C 336 -28.32 24.90 -30.01
C GLU C 336 -28.02 26.08 -29.09
N SER C 337 -29.03 26.52 -28.33
CA SER C 337 -28.85 27.59 -27.34
C SER C 337 -28.05 27.16 -26.10
N LEU C 338 -27.83 25.86 -25.93
CA LEU C 338 -27.04 25.33 -24.81
C LEU C 338 -25.61 24.93 -25.20
N ARG C 339 -25.25 25.13 -26.47
CA ARG C 339 -23.95 24.70 -27.02
C ARG C 339 -22.77 25.43 -26.38
N GLU C 340 -22.88 26.75 -26.27
CA GLU C 340 -21.83 27.58 -25.68
C GLU C 340 -21.56 27.15 -24.24
N LEU C 341 -22.63 26.87 -23.48
CA LEU C 341 -22.53 26.42 -22.10
C LEU C 341 -21.81 25.06 -22.02
N LEU C 342 -22.19 24.13 -22.88
CA LEU C 342 -21.54 22.82 -22.95
C LEU C 342 -20.04 22.92 -23.21
N LEU C 343 -19.68 23.69 -24.23
CA LEU C 343 -18.30 23.85 -24.64
C LEU C 343 -17.46 24.69 -23.66
N ASN C 344 -18.03 25.73 -23.05
CA ASN C 344 -17.30 26.50 -22.02
C ASN C 344 -16.96 25.64 -20.78
N ALA C 345 -17.91 24.80 -20.38
CA ALA C 345 -17.75 23.88 -19.26
C ALA C 345 -16.60 22.92 -19.53
N HIS C 346 -16.55 22.42 -20.76
CA HIS C 346 -15.47 21.52 -21.18
C HIS C 346 -14.15 22.27 -21.34
N GLN C 347 -14.24 23.52 -21.77
CA GLN C 347 -13.05 24.37 -21.91
C GLN C 347 -12.44 24.65 -20.52
N TYR C 348 -13.31 24.85 -19.51
CA TYR C 348 -12.84 24.88 -18.12
C TYR C 348 -12.03 23.63 -17.74
N LEU C 349 -12.56 22.46 -18.11
CA LEU C 349 -11.87 21.19 -17.83
C LEU C 349 -10.56 21.05 -18.59
N ILE C 350 -10.50 21.54 -19.82
CA ILE C 350 -9.23 21.60 -20.56
C ILE C 350 -8.19 22.40 -19.77
N GLN C 351 -8.59 23.57 -19.28
CA GLN C 351 -7.70 24.43 -18.50
C GLN C 351 -7.29 23.76 -17.18
N LEU C 352 -8.25 23.12 -16.51
CA LEU C 352 -7.95 22.34 -15.29
C LEU C 352 -6.99 21.17 -15.53
N SER C 353 -7.10 20.55 -16.70
CA SER C 353 -6.24 19.43 -17.11
C SER C 353 -4.76 19.80 -17.40
N LYS C 354 -4.45 21.10 -17.48
CA LYS C 354 -3.07 21.57 -17.62
C LYS C 354 -2.39 21.77 -16.27
N ILE C 355 -3.17 21.75 -15.19
CA ILE C 355 -2.63 21.94 -13.84
C ILE C 355 -1.57 20.87 -13.55
N GLU C 356 -0.46 21.31 -12.96
CA GLU C 356 0.62 20.42 -12.57
C GLU C 356 0.30 19.89 -11.18
N GLU C 357 -0.38 18.75 -11.16
CA GLU C 357 -0.85 18.12 -9.93
C GLU C 357 -1.44 16.76 -10.33
N ARG C 358 -0.73 15.69 -9.98
CA ARG C 358 -1.05 14.36 -10.48
C ARG C 358 -2.44 13.87 -10.15
N GLU C 359 -2.85 14.05 -8.90
CA GLU C 359 -4.15 13.54 -8.46
C GLU C 359 -5.31 14.30 -9.09
N LEU C 360 -5.15 15.60 -9.29
CA LEU C 360 -6.15 16.36 -9.99
C LEU C 360 -6.23 15.96 -11.46
N PHE C 361 -5.08 15.66 -12.05
CA PHE C 361 -4.99 15.28 -13.44
C PHE C 361 -5.68 13.92 -13.68
N LYS C 362 -5.45 12.98 -12.77
CA LYS C 362 -6.18 11.71 -12.78
C LYS C 362 -7.69 11.89 -12.68
N THR C 363 -8.13 12.84 -11.86
CA THR C 363 -9.56 13.13 -11.75
C THR C 363 -10.17 13.59 -13.06
N THR C 364 -9.52 14.53 -13.73
CA THR C 364 -10.02 15.03 -15.03
C THR C 364 -9.85 14.00 -16.14
N LEU C 365 -8.76 13.24 -16.09
CA LEU C 365 -8.49 12.17 -17.04
C LEU C 365 -9.59 11.09 -17.01
N ASP C 366 -10.06 10.74 -15.81
CA ASP C 366 -11.22 9.84 -15.67
C ASP C 366 -12.42 10.36 -16.45
N TYR C 367 -12.72 11.65 -16.33
CA TYR C 367 -13.81 12.24 -17.09
C TYR C 367 -13.54 12.19 -18.60
N TRP C 368 -12.31 12.49 -19.01
CA TRP C 368 -11.99 12.49 -20.45
C TRP C 368 -12.20 11.09 -21.05
N HIS C 369 -11.82 10.04 -20.32
CA HIS C 369 -12.10 8.66 -20.72
C HIS C 369 -13.59 8.41 -20.92
N ASN C 370 -14.40 8.82 -19.95
CA ASN C 370 -15.86 8.76 -20.04
C ASN C 370 -16.37 9.49 -21.30
N LEU C 371 -15.82 10.68 -21.56
CA LEU C 371 -16.24 11.43 -22.75
C LEU C 371 -15.84 10.71 -24.04
N VAL C 372 -14.56 10.44 -24.20
CA VAL C 372 -14.06 9.93 -25.48
C VAL C 372 -14.60 8.52 -25.80
N ALA C 373 -14.80 7.68 -24.79
CA ALA C 373 -15.47 6.39 -24.98
C ALA C 373 -16.88 6.57 -25.54
N ASP C 374 -17.62 7.55 -25.01
CA ASP C 374 -18.97 7.84 -25.49
C ASP C 374 -18.95 8.36 -26.93
N LEU C 375 -18.00 9.23 -27.25
CA LEU C 375 -17.87 9.78 -28.60
C LEU C 375 -17.45 8.72 -29.64
N PHE C 376 -16.70 7.73 -29.19
CA PHE C 376 -16.31 6.57 -30.00
C PHE C 376 -17.51 5.70 -30.43
N TYR C 377 -18.51 5.58 -29.55
CA TYR C 377 -19.67 4.76 -29.83
C TYR C 377 -20.98 5.47 -30.13
N GLU C 378 -21.17 6.67 -29.61
CA GLU C 378 -22.43 7.36 -29.83
C GLU C 378 -22.49 8.09 -31.16
N PRO C 379 -23.59 7.77 -31.94
CA PRO C 379 -23.63 8.46 -33.24
C PRO C 379 -23.94 9.94 -33.20
N LEU C 380 -23.33 10.68 -34.11
CA LEU C 380 -23.54 12.10 -34.26
C LEU C 380 -23.15 12.94 -33.05
N LYS C 381 -22.23 12.46 -32.24
CA LYS C 381 -21.80 13.22 -31.08
C LYS C 381 -20.39 13.82 -31.24
N LYS C 382 -19.46 13.07 -31.83
CA LYS C 382 -18.05 13.49 -31.86
C LYS C 382 -17.78 14.86 -32.50
N HIS C 383 -18.57 15.24 -33.50
CA HIS C 383 -18.41 16.54 -34.20
C HIS C 383 -18.58 17.76 -33.26
N ILE C 384 -19.43 17.63 -32.25
CA ILE C 384 -19.64 18.66 -31.22
C ILE C 384 -18.34 19.03 -30.48
N TYR C 385 -17.54 18.01 -30.19
CA TYR C 385 -16.36 18.14 -29.32
C TYR C 385 -15.01 18.19 -30.04
N GLU C 386 -15.04 18.46 -31.33
CA GLU C 386 -13.86 18.37 -32.19
C GLU C 386 -12.72 19.28 -31.71
N GLU C 387 -13.04 20.53 -31.41
CA GLU C 387 -12.06 21.50 -30.91
C GLU C 387 -11.58 21.19 -29.49
N ILE C 388 -12.47 20.67 -28.64
CA ILE C 388 -12.10 20.23 -27.29
C ILE C 388 -11.12 19.04 -27.38
N CYS C 389 -11.48 18.06 -28.21
CA CYS C 389 -10.68 16.85 -28.40
C CYS C 389 -9.31 17.15 -28.97
N SER C 390 -9.26 18.15 -29.85
CA SER C 390 -8.00 18.59 -30.45
C SER C 390 -7.07 19.20 -29.40
N GLN C 391 -7.61 20.10 -28.58
CA GLN C 391 -6.85 20.61 -27.43
C GLN C 391 -6.44 19.49 -26.48
N LEU C 392 -7.32 18.50 -26.28
CA LEU C 392 -7.01 17.39 -25.36
C LEU C 392 -5.85 16.51 -25.87
N ARG C 393 -5.80 16.27 -27.17
CA ARG C 393 -4.67 15.55 -27.78
C ARG C 393 -3.34 16.17 -27.39
N LEU C 394 -3.25 17.50 -27.53
CA LEU C 394 -2.05 18.26 -27.14
C LEU C 394 -1.71 18.08 -25.67
N VAL C 395 -2.70 18.30 -24.82
CA VAL C 395 -2.50 18.17 -23.36
C VAL C 395 -1.94 16.79 -23.01
N ILE C 396 -2.55 15.73 -23.54
CA ILE C 396 -2.09 14.38 -23.19
C ILE C 396 -0.72 14.05 -23.79
N ILE C 397 -0.49 14.40 -25.05
CA ILE C 397 0.80 14.14 -25.70
C ILE C 397 1.94 14.82 -24.93
N GLU C 398 1.72 16.05 -24.46
CA GLU C 398 2.73 16.82 -23.73
C GLU C 398 2.90 16.45 -22.25
N ASN C 399 1.96 15.70 -21.69
CA ASN C 399 2.02 15.27 -20.28
C ASN C 399 2.02 13.75 -20.10
N MET C 400 2.59 13.02 -21.07
CA MET C 400 2.74 11.56 -20.94
C MET C 400 3.76 11.25 -19.86
N VAL C 401 3.45 10.27 -19.02
CA VAL C 401 4.37 9.78 -17.99
C VAL C 401 5.04 8.49 -18.45
N ARG C 402 6.10 8.11 -17.75
CA ARG C 402 7.00 7.05 -18.15
C ARG C 402 6.34 5.67 -18.10
N PRO C 403 6.35 4.96 -19.24
CA PRO C 403 5.85 3.58 -19.19
C PRO C 403 6.76 2.64 -18.43
N GLU C 404 6.18 1.52 -18.02
CA GLU C 404 6.88 0.42 -17.34
C GLU C 404 8.19 -0.03 -18.01
N GLU C 405 8.21 -0.04 -19.34
CA GLU C 405 9.36 -0.57 -20.11
C GLU C 405 10.62 0.32 -20.09
N VAL C 406 10.44 1.61 -19.87
CA VAL C 406 11.54 2.57 -19.97
C VAL C 406 12.35 2.58 -18.68
N LEU C 407 13.56 2.03 -18.76
CA LEU C 407 14.39 1.81 -17.58
C LEU C 407 15.39 2.93 -17.28
N VAL C 408 15.46 3.96 -18.12
CA VAL C 408 16.35 5.12 -17.88
C VAL C 408 15.52 6.32 -17.39
N VAL C 409 16.02 7.00 -16.35
CA VAL C 409 15.32 8.12 -15.71
C VAL C 409 16.25 9.27 -15.36
N GLU C 410 15.67 10.45 -15.19
CA GLU C 410 16.40 11.69 -14.86
C GLU C 410 16.29 12.01 -13.35
N ASN C 411 17.40 11.87 -12.62
CA ASN C 411 17.43 12.07 -11.15
C ASN C 411 17.54 13.57 -10.73
N ASP C 412 17.84 13.83 -9.46
CA ASP C 412 17.87 15.19 -8.89
C ASP C 412 19.13 16.00 -9.25
N GLU C 413 20.26 15.31 -9.35
CA GLU C 413 21.53 15.91 -9.80
C GLU C 413 21.52 16.35 -11.27
N GLY C 414 20.57 15.82 -12.06
CA GLY C 414 20.43 16.13 -13.48
C GLY C 414 21.06 15.09 -14.40
N GLU C 415 21.41 13.93 -13.84
CA GLU C 415 22.04 12.84 -14.60
C GLU C 415 21.04 11.73 -14.93
N ILE C 416 21.40 10.93 -15.92
CA ILE C 416 20.59 9.79 -16.37
C ILE C 416 21.11 8.53 -15.68
N VAL C 417 20.22 7.86 -14.96
CA VAL C 417 20.53 6.61 -14.25
C VAL C 417 19.52 5.52 -14.59
N ARG C 418 19.80 4.30 -14.16
CA ARG C 418 18.80 3.23 -14.20
C ARG C 418 17.82 3.44 -13.06
N GLU C 419 16.54 3.12 -13.27
CA GLU C 419 15.52 3.34 -12.24
C GLU C 419 15.76 2.42 -11.02
N PHE C 420 15.61 2.99 -9.84
CA PHE C 420 15.86 2.27 -8.59
C PHE C 420 14.66 1.36 -8.29
N VAL C 421 13.48 1.95 -8.38
CA VAL C 421 12.21 1.28 -8.05
C VAL C 421 11.19 1.44 -9.17
N LYS C 422 10.34 0.42 -9.32
CA LYS C 422 9.17 0.50 -10.20
C LYS C 422 8.16 1.46 -9.56
N GLU C 423 7.61 2.36 -10.37
CA GLU C 423 6.63 3.32 -9.91
C GLU C 423 5.26 2.87 -10.39
N SER C 424 4.57 2.15 -9.51
CA SER C 424 3.29 1.54 -9.85
C SER C 424 2.20 2.58 -10.09
N ASP C 425 2.27 3.70 -9.38
CA ASP C 425 1.35 4.83 -9.61
C ASP C 425 1.51 5.44 -11.00
N THR C 426 2.75 5.60 -11.45
CA THR C 426 2.99 6.31 -12.73
C THR C 426 2.74 5.36 -13.91
N ILE C 427 3.05 4.09 -13.71
CA ILE C 427 2.68 3.01 -14.65
C ILE C 427 1.16 3.01 -14.93
N GLN C 428 0.35 3.08 -13.87
CA GLN C 428 -1.12 3.13 -14.03
C GLN C 428 -1.58 4.40 -14.72
N LEU C 429 -0.92 5.51 -14.42
CA LEU C 429 -1.25 6.79 -15.05
C LEU C 429 -0.90 6.72 -16.52
N TYR C 430 0.24 6.12 -16.86
CA TYR C 430 0.59 5.96 -18.26
C TYR C 430 -0.53 5.20 -19.00
N LYS C 431 -1.02 4.12 -18.39
CA LYS C 431 -2.06 3.28 -19.01
C LYS C 431 -3.38 3.99 -19.20
N SER C 432 -3.76 4.81 -18.22
CA SER C 432 -4.98 5.62 -18.32
C SER C 432 -4.85 6.67 -19.41
N GLU C 433 -3.68 7.31 -19.50
CA GLU C 433 -3.39 8.24 -20.59
C GLU C 433 -3.44 7.57 -21.96
N ARG C 434 -2.88 6.36 -22.05
CA ARG C 434 -2.92 5.58 -23.28
C ARG C 434 -4.35 5.29 -23.76
N GLU C 435 -5.22 4.82 -22.85
CA GLU C 435 -6.63 4.56 -23.19
C GLU C 435 -7.32 5.78 -23.80
N VAL C 436 -7.13 6.95 -23.18
CA VAL C 436 -7.75 8.18 -23.67
C VAL C 436 -7.17 8.55 -25.03
N LEU C 437 -5.85 8.47 -25.16
CA LEU C 437 -5.18 8.91 -26.37
C LEU C 437 -5.48 7.99 -27.54
N VAL C 438 -5.64 6.69 -27.25
CA VAL C 438 -6.08 5.70 -28.25
C VAL C 438 -7.48 6.05 -28.76
N TYR C 439 -8.41 6.33 -27.86
CA TYR C 439 -9.74 6.80 -28.27
C TYR C 439 -9.68 8.08 -29.10
N LEU C 440 -8.88 9.04 -28.65
CA LEU C 440 -8.71 10.31 -29.36
C LEU C 440 -8.10 10.12 -30.75
N THR C 441 -7.21 9.14 -30.89
CA THR C 441 -6.61 8.86 -32.19
C THR C 441 -7.65 8.29 -33.17
N HIS C 442 -8.46 7.32 -32.74
CA HIS C 442 -9.59 6.83 -33.54
C HIS C 442 -10.56 7.95 -33.95
N LEU C 443 -10.81 8.89 -33.06
CA LEU C 443 -11.72 10.01 -33.34
C LEU C 443 -11.22 10.98 -34.40
N ASN C 444 -9.91 11.15 -34.49
CA ASN C 444 -9.29 11.89 -35.61
C ASN C 444 -7.83 11.51 -35.75
N VAL C 445 -7.59 10.48 -36.56
CA VAL C 445 -6.26 9.95 -36.79
C VAL C 445 -5.35 10.96 -37.51
N ILE C 446 -5.92 11.78 -38.39
CA ILE C 446 -5.15 12.81 -39.11
C ILE C 446 -4.59 13.87 -38.14
N ASP C 447 -5.46 14.41 -37.29
CA ASP C 447 -5.07 15.41 -36.28
C ASP C 447 -3.95 14.89 -35.37
N THR C 448 -4.10 13.67 -34.87
CA THR C 448 -3.12 13.07 -33.96
C THR C 448 -1.76 12.93 -34.66
N GLU C 449 -1.76 12.35 -35.84
CA GLU C 449 -0.52 12.20 -36.61
C GLU C 449 0.18 13.55 -36.88
N GLU C 450 -0.57 14.56 -37.30
CA GLU C 450 -0.02 15.88 -37.60
C GLU C 450 0.64 16.53 -36.39
N ILE C 451 -0.05 16.47 -35.25
CA ILE C 451 0.50 16.94 -33.97
C ILE C 451 1.83 16.25 -33.65
N MET C 452 1.88 14.93 -33.80
CA MET C 452 3.05 14.16 -33.42
C MET C 452 4.24 14.38 -34.37
N ILE C 453 3.95 14.47 -35.67
CA ILE C 453 4.98 14.62 -36.69
C ILE C 453 5.64 16.00 -36.64
N SER C 454 4.85 17.06 -36.45
CA SER C 454 5.42 18.41 -36.32
C SER C 454 6.18 18.61 -35.00
N LYS C 455 5.77 17.93 -33.93
CA LYS C 455 6.52 17.94 -32.67
C LYS C 455 7.87 17.26 -32.79
N LEU C 456 7.91 16.19 -33.58
CA LEU C 456 9.14 15.50 -33.89
C LEU C 456 10.07 16.38 -34.72
N ALA C 457 9.51 17.11 -35.67
CA ALA C 457 10.27 18.06 -36.49
C ALA C 457 11.00 19.11 -35.66
N ARG C 458 10.35 19.59 -34.59
CA ARG C 458 10.96 20.57 -33.69
C ARG C 458 11.89 19.97 -32.62
N GLN C 459 12.03 18.63 -32.60
CA GLN C 459 13.13 17.92 -31.93
C GLN C 459 14.33 17.70 -32.86
N ILE C 460 14.08 17.53 -34.16
CA ILE C 460 15.15 17.45 -35.18
C ILE C 460 15.97 18.74 -35.21
N ASP C 461 15.30 19.84 -35.53
CA ASP C 461 15.96 21.16 -35.65
C ASP C 461 16.52 21.72 -34.33
N GLY C 462 16.05 21.21 -33.19
CA GLY C 462 16.54 21.60 -31.87
C GLY C 462 15.83 22.79 -31.24
N SER C 463 14.79 23.32 -31.90
CA SER C 463 14.06 24.48 -31.39
C SER C 463 13.23 24.20 -30.12
N GLU C 464 12.85 22.94 -29.92
CA GLU C 464 12.17 22.50 -28.70
C GLU C 464 12.82 21.25 -28.08
N TRP C 465 14.09 21.00 -28.39
CA TRP C 465 14.81 19.83 -27.89
C TRP C 465 14.95 19.90 -26.38
N SER C 466 14.51 18.83 -25.72
CA SER C 466 14.83 18.57 -24.31
C SER C 466 14.59 17.09 -24.02
N TRP C 467 15.13 16.62 -22.90
CA TRP C 467 14.88 15.26 -22.47
C TRP C 467 13.39 15.02 -22.20
N HIS C 468 12.78 15.94 -21.46
CA HIS C 468 11.34 15.88 -21.21
C HIS C 468 10.54 15.75 -22.51
N ASN C 469 10.86 16.58 -23.51
CA ASN C 469 10.03 16.69 -24.72
C ASN C 469 10.20 15.56 -25.73
N ILE C 470 11.43 15.08 -25.92
CA ILE C 470 11.63 13.89 -26.75
C ILE C 470 10.99 12.65 -26.10
N ASN C 471 11.03 12.60 -24.76
CA ASN C 471 10.45 11.51 -24.00
C ASN C 471 8.92 11.48 -24.12
N THR C 472 8.25 12.58 -23.76
CA THR C 472 6.78 12.59 -23.78
C THR C 472 6.26 12.27 -25.18
N LEU C 473 6.89 12.85 -26.20
CA LEU C 473 6.54 12.57 -27.58
C LEU C 473 6.69 11.10 -27.95
N SER C 474 7.85 10.53 -27.62
CA SER C 474 8.14 9.14 -27.97
C SER C 474 7.20 8.16 -27.26
N TRP C 475 6.89 8.46 -25.99
CA TRP C 475 5.97 7.65 -25.20
C TRP C 475 4.56 7.70 -25.78
N ALA C 476 4.13 8.89 -26.16
CA ALA C 476 2.85 9.08 -26.85
C ALA C 476 2.80 8.33 -28.17
N ILE C 477 3.89 8.38 -28.94
CA ILE C 477 3.98 7.69 -30.24
C ILE C 477 3.81 6.19 -30.05
N GLY C 478 4.48 5.65 -29.04
CA GLY C 478 4.36 4.24 -28.70
C GLY C 478 2.97 3.85 -28.22
N SER C 479 2.34 4.72 -27.44
CA SER C 479 1.07 4.42 -26.79
C SER C 479 -0.10 4.20 -27.76
N ILE C 480 -0.03 4.80 -28.94
CA ILE C 480 -1.12 4.72 -29.93
C ILE C 480 -0.97 3.59 -30.97
N SER C 481 -0.07 2.64 -30.74
CA SER C 481 0.06 1.48 -31.61
C SER C 481 -1.27 0.72 -31.71
N GLY C 482 -1.65 0.37 -32.94
CA GLY C 482 -2.93 -0.29 -33.21
C GLY C 482 -4.07 0.62 -33.64
N THR C 483 -3.85 1.94 -33.63
CA THR C 483 -4.89 2.92 -34.01
C THR C 483 -4.88 3.30 -35.49
N MET C 484 -3.75 3.17 -36.16
CA MET C 484 -3.62 3.59 -37.56
C MET C 484 -3.70 2.40 -38.51
N SER C 485 -4.00 2.68 -39.77
CA SER C 485 -3.98 1.67 -40.83
C SER C 485 -2.56 1.16 -41.05
N GLU C 486 -2.44 -0.05 -41.58
CA GLU C 486 -1.13 -0.64 -41.88
C GLU C 486 -0.26 0.28 -42.78
N ASP C 487 -0.89 0.94 -43.75
CA ASP C 487 -0.17 1.84 -44.67
C ASP C 487 0.27 3.13 -43.97
N THR C 488 -0.65 3.78 -43.26
CA THR C 488 -0.34 4.97 -42.46
C THR C 488 0.72 4.65 -41.39
N GLU C 489 0.57 3.51 -40.72
CA GLU C 489 1.55 3.01 -39.72
C GLU C 489 2.93 2.79 -40.30
N LYS C 490 2.99 2.21 -41.51
CA LYS C 490 4.25 2.00 -42.21
C LYS C 490 5.03 3.31 -42.35
N ARG C 491 4.43 4.31 -42.97
CA ARG C 491 5.11 5.58 -43.24
C ARG C 491 5.44 6.34 -41.93
N PHE C 492 4.49 6.36 -41.00
CA PHE C 492 4.66 6.97 -39.67
C PHE C 492 5.82 6.36 -38.89
N VAL C 493 5.77 5.05 -38.68
CA VAL C 493 6.77 4.34 -37.88
C VAL C 493 8.18 4.46 -38.48
N VAL C 494 8.29 4.31 -39.80
CA VAL C 494 9.59 4.46 -40.50
C VAL C 494 10.12 5.87 -40.31
N THR C 495 9.24 6.86 -40.48
CA THR C 495 9.60 8.27 -40.31
C THR C 495 10.18 8.53 -38.91
N VAL C 496 9.50 8.04 -37.87
CA VAL C 496 9.92 8.36 -36.49
C VAL C 496 11.21 7.60 -36.10
N ILE C 497 11.32 6.35 -36.56
CA ILE C 497 12.53 5.54 -36.29
C ILE C 497 13.76 6.15 -36.97
N LYS C 498 13.63 6.47 -38.27
CA LYS C 498 14.68 7.16 -39.03
C LYS C 498 15.10 8.46 -38.33
N ASP C 499 14.11 9.27 -37.96
CA ASP C 499 14.35 10.55 -37.28
C ASP C 499 14.96 10.40 -35.89
N LEU C 500 14.56 9.37 -35.16
CA LEU C 500 15.11 9.09 -33.82
C LEU C 500 16.55 8.54 -33.91
N LEU C 501 16.83 7.69 -34.88
CA LEU C 501 18.21 7.22 -35.17
C LEU C 501 19.14 8.38 -35.57
N GLY C 502 18.61 9.35 -36.30
CA GLY C 502 19.33 10.60 -36.62
C GLY C 502 19.69 11.43 -35.39
N LEU C 503 18.75 11.53 -34.45
CA LEU C 503 19.01 12.16 -33.15
C LEU C 503 20.03 11.39 -32.31
N CYS C 504 19.98 10.05 -32.36
CA CYS C 504 20.88 9.21 -31.58
C CYS C 504 22.35 9.34 -31.99
N GLU C 505 22.59 9.61 -33.28
CA GLU C 505 23.95 9.87 -33.79
C GLU C 505 24.39 11.31 -33.52
N GLN C 506 23.49 12.28 -33.76
CA GLN C 506 23.85 13.71 -33.61
C GLN C 506 24.29 14.10 -32.19
N LYS C 507 23.43 13.83 -31.20
CA LYS C 507 23.61 14.38 -29.85
C LYS C 507 24.87 13.88 -29.15
N ARG C 508 25.44 14.74 -28.32
CA ARG C 508 26.75 14.47 -27.69
C ARG C 508 26.59 13.91 -26.28
N GLY C 509 27.58 13.14 -25.85
CA GLY C 509 27.62 12.63 -24.49
C GLY C 509 26.75 11.39 -24.31
N LYS C 510 27.09 10.64 -23.26
CA LYS C 510 26.50 9.34 -23.00
C LYS C 510 25.09 9.43 -22.34
N ASP C 511 24.80 10.57 -21.72
CA ASP C 511 23.45 10.85 -21.17
C ASP C 511 22.39 11.01 -22.27
N ASN C 512 22.67 11.84 -23.27
CA ASN C 512 21.74 12.07 -24.39
C ASN C 512 21.47 10.82 -25.23
N LYS C 513 22.50 10.01 -25.46
CA LYS C 513 22.34 8.77 -26.25
C LYS C 513 21.58 7.68 -25.49
N ALA C 514 21.67 7.68 -24.15
CA ALA C 514 20.84 6.81 -23.31
C ALA C 514 19.35 7.16 -23.40
N VAL C 515 19.05 8.46 -23.39
CA VAL C 515 17.68 8.96 -23.52
C VAL C 515 17.07 8.56 -24.86
N VAL C 516 17.75 8.92 -25.95
CA VAL C 516 17.24 8.64 -27.29
C VAL C 516 17.15 7.13 -27.57
N ALA C 517 18.10 6.37 -27.02
CA ALA C 517 18.10 4.90 -27.16
C ALA C 517 16.88 4.27 -26.50
N SER C 518 16.57 4.74 -25.28
CA SER C 518 15.40 4.26 -24.55
C SER C 518 14.10 4.58 -25.31
N ASP C 519 14.04 5.75 -25.92
CA ASP C 519 12.90 6.15 -26.75
C ASP C 519 12.76 5.32 -28.02
N ILE C 520 13.87 5.06 -28.70
CA ILE C 520 13.87 4.19 -29.89
C ILE C 520 13.34 2.82 -29.50
N MET C 521 13.92 2.28 -28.43
CA MET C 521 13.54 0.96 -27.95
C MET C 521 12.08 0.87 -27.54
N TYR C 522 11.55 1.90 -26.89
CA TYR C 522 10.14 1.87 -26.49
C TYR C 522 9.24 1.83 -27.73
N VAL C 523 9.49 2.72 -28.68
CA VAL C 523 8.70 2.80 -29.91
C VAL C 523 8.70 1.48 -30.69
N VAL C 524 9.88 0.96 -31.01
CA VAL C 524 9.95 -0.27 -31.84
C VAL C 524 9.30 -1.47 -31.15
N GLY C 525 9.42 -1.53 -29.82
CA GLY C 525 8.82 -2.61 -29.03
C GLY C 525 7.30 -2.56 -28.99
N GLN C 526 6.73 -1.38 -29.23
CA GLN C 526 5.29 -1.19 -29.29
C GLN C 526 4.64 -1.48 -30.65
N TYR C 527 5.45 -1.63 -31.70
CA TYR C 527 4.95 -1.83 -33.07
C TYR C 527 5.44 -3.17 -33.66
N PRO C 528 5.01 -4.30 -33.05
CA PRO C 528 5.41 -5.60 -33.61
C PRO C 528 4.79 -5.88 -34.99
N ARG C 529 3.55 -5.48 -35.22
CA ARG C 529 2.89 -5.65 -36.53
C ARG C 529 3.74 -5.09 -37.67
N PHE C 530 4.25 -3.88 -37.50
CA PHE C 530 5.12 -3.28 -38.50
C PHE C 530 6.39 -4.10 -38.74
N LEU C 531 7.02 -4.54 -37.65
CA LEU C 531 8.28 -5.29 -37.74
C LEU C 531 8.12 -6.67 -38.38
N LYS C 532 6.96 -7.29 -38.19
CA LYS C 532 6.67 -8.59 -38.79
C LYS C 532 6.66 -8.56 -40.31
N ALA C 533 6.04 -7.52 -40.87
CA ALA C 533 5.93 -7.34 -42.33
C ALA C 533 7.22 -6.84 -43.01
N HIS C 534 8.13 -6.24 -42.23
CA HIS C 534 9.32 -5.59 -42.77
C HIS C 534 10.57 -6.15 -42.11
N TRP C 535 11.00 -7.31 -42.58
CA TRP C 535 12.18 -8.01 -42.03
C TRP C 535 13.44 -7.16 -42.04
N ASN C 536 13.60 -6.35 -43.10
CA ASN C 536 14.72 -5.40 -43.22
C ASN C 536 14.88 -4.59 -41.93
N PHE C 537 13.78 -4.00 -41.48
CA PHE C 537 13.75 -3.18 -40.27
C PHE C 537 13.90 -4.05 -39.02
N LEU C 538 13.16 -5.15 -38.96
CA LEU C 538 13.25 -6.06 -37.82
C LEU C 538 14.70 -6.43 -37.51
N ARG C 539 15.41 -6.92 -38.54
CA ARG C 539 16.84 -7.29 -38.41
C ARG C 539 17.71 -6.13 -37.92
N THR C 540 17.56 -4.97 -38.55
CA THR C 540 18.31 -3.77 -38.15
C THR C 540 17.98 -3.36 -36.72
N VAL C 541 16.69 -3.38 -36.40
CA VAL C 541 16.21 -3.14 -35.02
C VAL C 541 16.97 -4.04 -34.05
N ILE C 542 16.99 -5.34 -34.35
CA ILE C 542 17.61 -6.32 -33.48
C ILE C 542 19.12 -6.14 -33.32
N LEU C 543 19.82 -5.91 -34.43
CA LEU C 543 21.27 -5.63 -34.37
C LEU C 543 21.56 -4.26 -33.74
N LYS C 544 20.60 -3.34 -33.80
CA LYS C 544 20.67 -2.10 -33.01
C LYS C 544 20.48 -2.40 -31.52
N LEU C 545 19.55 -3.29 -31.19
CA LEU C 545 19.41 -3.78 -29.80
C LEU C 545 20.72 -4.44 -29.33
N PHE C 546 21.31 -5.25 -30.20
CA PHE C 546 22.61 -5.87 -29.92
C PHE C 546 23.72 -4.84 -29.76
N GLU C 547 23.64 -3.75 -30.52
CA GLU C 547 24.55 -2.62 -30.36
C GLU C 547 24.39 -1.91 -29.01
N PHE C 548 23.13 -1.76 -28.56
CA PHE C 548 22.83 -1.18 -27.24
C PHE C 548 23.27 -2.07 -26.07
N MET C 549 23.36 -3.38 -26.29
CA MET C 549 23.92 -4.30 -25.30
C MET C 549 25.43 -4.10 -24.99
N HIS C 550 26.12 -3.28 -25.79
CA HIS C 550 27.54 -2.93 -25.55
C HIS C 550 27.77 -1.56 -24.93
N GLU C 551 26.70 -0.79 -24.68
CA GLU C 551 26.84 0.53 -24.10
C GLU C 551 27.14 0.41 -22.61
N THR C 552 27.76 1.46 -22.07
CA THR C 552 28.22 1.46 -20.66
C THR C 552 27.09 1.75 -19.65
N HIS C 553 26.00 2.38 -20.08
CA HIS C 553 24.82 2.53 -19.22
C HIS C 553 24.05 1.21 -19.13
N GLU C 554 23.93 0.71 -17.90
CA GLU C 554 23.35 -0.63 -17.62
C GLU C 554 21.85 -0.66 -17.91
N GLY C 555 21.19 0.48 -17.67
CA GLY C 555 19.80 0.69 -18.08
C GLY C 555 19.52 0.53 -19.57
N VAL C 556 20.41 1.05 -20.40
CA VAL C 556 20.29 0.87 -21.85
C VAL C 556 20.45 -0.61 -22.21
N GLN C 557 21.38 -1.30 -21.53
CA GLN C 557 21.63 -2.73 -21.74
C GLN C 557 20.43 -3.56 -21.31
N ASP C 558 19.93 -3.26 -20.11
CA ASP C 558 18.77 -3.95 -19.53
C ASP C 558 17.55 -3.81 -20.45
N MET C 559 17.32 -2.60 -20.94
CA MET C 559 16.16 -2.31 -21.79
C MET C 559 16.26 -3.00 -23.15
N ALA C 560 17.47 -3.10 -23.71
CA ALA C 560 17.69 -3.86 -24.94
C ALA C 560 17.27 -5.32 -24.77
N CYS C 561 17.67 -5.92 -23.67
CA CYS C 561 17.31 -7.30 -23.36
C CYS C 561 15.80 -7.47 -23.19
N ASP C 562 15.14 -6.54 -22.49
CA ASP C 562 13.67 -6.60 -22.32
C ASP C 562 12.91 -6.30 -23.61
N THR C 563 13.37 -5.33 -24.38
CA THR C 563 12.82 -5.04 -25.69
C THR C 563 12.98 -6.23 -26.66
N PHE C 564 14.11 -6.90 -26.58
CA PHE C 564 14.38 -8.10 -27.37
C PHE C 564 13.35 -9.18 -27.04
N ILE C 565 13.17 -9.45 -25.74
CA ILE C 565 12.09 -10.33 -25.24
C ILE C 565 10.73 -9.93 -25.82
N LYS C 566 10.41 -8.65 -25.73
CA LYS C 566 9.10 -8.11 -26.09
C LYS C 566 8.80 -8.24 -27.57
N ILE C 567 9.76 -7.84 -28.40
CA ILE C 567 9.67 -8.06 -29.86
C ILE C 567 9.58 -9.56 -30.15
N VAL C 568 10.45 -10.34 -29.52
CA VAL C 568 10.56 -11.77 -29.80
C VAL C 568 9.28 -12.56 -29.50
N GLN C 569 8.60 -12.27 -28.39
CA GLN C 569 7.35 -12.99 -28.08
C GLN C 569 6.18 -12.70 -29.03
N LYS C 570 6.30 -11.64 -29.84
CA LYS C 570 5.35 -11.37 -30.93
C LYS C 570 5.86 -11.75 -32.34
N CYS C 571 7.17 -11.68 -32.58
CA CYS C 571 7.77 -11.90 -33.92
C CYS C 571 8.62 -13.19 -34.09
N LYS C 572 8.61 -14.06 -33.08
CA LYS C 572 9.42 -15.31 -33.06
C LYS C 572 9.48 -16.13 -34.37
N TYR C 573 8.35 -16.24 -35.05
CA TYR C 573 8.23 -16.90 -36.37
C TYR C 573 9.23 -16.38 -37.42
N HIS C 574 9.46 -15.08 -37.42
CA HIS C 574 10.35 -14.45 -38.40
C HIS C 574 11.87 -14.67 -38.11
N PHE C 575 12.17 -15.29 -36.96
CA PHE C 575 13.52 -15.77 -36.60
C PHE C 575 13.71 -17.26 -36.86
N VAL C 576 12.63 -18.05 -36.72
CA VAL C 576 12.69 -19.51 -36.83
C VAL C 576 12.92 -19.97 -38.29
N ILE C 577 12.41 -19.20 -39.23
CA ILE C 577 12.47 -19.51 -40.66
C ILE C 577 13.66 -18.83 -41.31
N GLN C 578 14.23 -19.49 -42.32
CA GLN C 578 15.16 -18.84 -43.25
C GLN C 578 14.35 -17.98 -44.22
N GLN C 579 14.54 -16.66 -44.13
CA GLN C 579 13.82 -15.72 -44.98
C GLN C 579 14.51 -15.58 -46.34
N PRO C 580 13.86 -14.90 -47.31
CA PRO C 580 14.58 -14.58 -48.55
C PRO C 580 15.79 -13.67 -48.30
N ARG C 581 16.76 -13.72 -49.22
CA ARG C 581 18.00 -12.91 -49.15
C ARG C 581 18.95 -13.27 -47.98
N GLU C 582 18.79 -14.46 -47.40
CA GLU C 582 19.50 -14.84 -46.17
C GLU C 582 20.13 -16.22 -46.27
N SER C 583 21.35 -16.34 -45.75
CA SER C 583 22.08 -17.61 -45.74
C SER C 583 21.50 -18.63 -44.74
N GLU C 584 20.76 -18.16 -43.74
CA GLU C 584 20.38 -19.00 -42.59
C GLU C 584 19.22 -18.40 -41.78
N PRO C 585 18.47 -19.24 -41.02
CA PRO C 585 17.56 -18.69 -40.02
C PRO C 585 18.28 -17.80 -39.01
N PHE C 586 17.73 -16.62 -38.76
CA PHE C 586 18.37 -15.62 -37.91
C PHE C 586 18.59 -16.13 -36.48
N ILE C 587 17.69 -17.00 -36.02
CA ILE C 587 17.91 -17.74 -34.77
C ILE C 587 19.31 -18.35 -34.69
N GLN C 588 19.72 -19.05 -35.75
CA GLN C 588 20.96 -19.83 -35.74
C GLN C 588 22.21 -18.94 -35.71
N THR C 589 22.13 -17.77 -36.34
CA THR C 589 23.23 -16.78 -36.28
C THR C 589 23.30 -16.03 -34.94
N ILE C 590 22.13 -15.75 -34.35
CA ILE C 590 22.07 -15.24 -32.97
C ILE C 590 22.79 -16.20 -32.04
N ILE C 591 22.42 -17.49 -32.12
CA ILE C 591 22.97 -18.53 -31.23
C ILE C 591 24.51 -18.61 -31.27
N ARG C 592 25.09 -18.61 -32.47
CA ARG C 592 26.54 -18.71 -32.60
C ARG C 592 27.29 -17.42 -32.26
N ASP C 593 26.60 -16.27 -32.34
CA ASP C 593 27.18 -14.98 -31.93
C ASP C 593 27.02 -14.64 -30.44
N ILE C 594 26.33 -15.49 -29.67
CA ILE C 594 25.99 -15.21 -28.26
C ILE C 594 27.19 -14.75 -27.42
N GLN C 595 28.30 -15.49 -27.54
CA GLN C 595 29.56 -15.19 -26.83
C GLN C 595 29.90 -13.70 -26.88
N LYS C 596 29.86 -13.13 -28.08
CA LYS C 596 30.28 -11.76 -28.33
C LYS C 596 29.17 -10.71 -28.23
N THR C 597 27.92 -11.10 -28.50
CA THR C 597 26.76 -10.22 -28.28
C THR C 597 26.60 -9.88 -26.80
N THR C 598 26.80 -10.88 -25.95
CA THR C 598 26.55 -10.78 -24.51
C THR C 598 27.82 -10.57 -23.67
N ALA C 599 28.94 -10.27 -24.33
CA ALA C 599 30.25 -10.15 -23.65
C ALA C 599 30.26 -9.10 -22.54
N ASP C 600 29.64 -7.95 -22.81
CA ASP C 600 29.57 -6.84 -21.82
C ASP C 600 28.27 -6.80 -21.00
N LEU C 601 27.36 -7.76 -21.23
CA LEU C 601 26.17 -7.92 -20.39
C LEU C 601 26.57 -8.54 -19.06
N GLN C 602 25.90 -8.13 -17.99
CA GLN C 602 26.07 -8.79 -16.69
C GLN C 602 25.12 -10.00 -16.62
N PRO C 603 25.44 -11.00 -15.77
CA PRO C 603 24.76 -12.30 -15.80
C PRO C 603 23.23 -12.28 -15.94
N GLN C 604 22.55 -11.47 -15.14
CA GLN C 604 21.08 -11.35 -15.19
C GLN C 604 20.57 -10.96 -16.60
N GLN C 605 21.28 -10.06 -17.27
CA GLN C 605 20.92 -9.64 -18.64
C GLN C 605 21.18 -10.80 -19.63
N VAL C 606 22.26 -11.54 -19.41
CA VAL C 606 22.58 -12.73 -20.20
C VAL C 606 21.47 -13.77 -20.10
N HIS C 607 20.96 -14.01 -18.90
CA HIS C 607 19.87 -14.98 -18.68
C HIS C 607 18.59 -14.57 -19.41
N THR C 608 18.27 -13.28 -19.38
CA THR C 608 17.15 -12.73 -20.16
C THR C 608 17.37 -12.98 -21.65
N PHE C 609 18.59 -12.74 -22.12
CA PHE C 609 18.96 -13.02 -23.52
C PHE C 609 18.67 -14.49 -23.88
N TYR C 610 19.12 -15.42 -23.04
CA TYR C 610 18.89 -16.84 -23.28
C TYR C 610 17.40 -17.22 -23.24
N LYS C 611 16.64 -16.60 -22.35
CA LYS C 611 15.20 -16.82 -22.25
C LYS C 611 14.50 -16.39 -23.54
N ALA C 612 14.90 -15.23 -24.06
CA ALA C 612 14.44 -14.74 -25.36
C ALA C 612 14.73 -15.74 -26.49
N CYS C 613 15.95 -16.27 -26.53
CA CYS C 613 16.29 -17.30 -27.54
C CYS C 613 15.41 -18.54 -27.36
N GLY C 614 15.14 -18.91 -26.11
CA GLY C 614 14.18 -19.96 -25.77
C GLY C 614 12.78 -19.75 -26.35
N ILE C 615 12.27 -18.52 -26.27
CA ILE C 615 10.97 -18.17 -26.87
C ILE C 615 10.98 -18.45 -28.39
N ILE C 616 12.04 -17.99 -29.06
CA ILE C 616 12.20 -18.23 -30.50
C ILE C 616 12.20 -19.72 -30.80
N ILE C 617 13.11 -20.45 -30.16
CA ILE C 617 13.27 -21.90 -30.39
C ILE C 617 11.96 -22.68 -30.24
N SER C 618 11.13 -22.28 -29.27
CA SER C 618 9.82 -22.93 -29.05
C SER C 618 8.76 -22.71 -30.15
N GLU C 619 8.98 -21.75 -31.05
CA GLU C 619 8.12 -21.60 -32.23
C GLU C 619 8.27 -22.79 -33.21
N GLU C 620 9.47 -23.36 -33.27
CA GLU C 620 9.75 -24.54 -34.11
C GLU C 620 9.06 -25.79 -33.57
N ARG C 621 8.13 -26.33 -34.35
CA ARG C 621 7.28 -27.45 -33.91
C ARG C 621 7.78 -28.85 -34.28
N SER C 622 8.66 -28.96 -35.27
CA SER C 622 9.30 -30.24 -35.56
C SER C 622 10.23 -30.61 -34.40
N VAL C 623 9.95 -31.74 -33.76
CA VAL C 623 10.61 -32.13 -32.50
C VAL C 623 12.13 -32.26 -32.65
N ALA C 624 12.58 -32.85 -33.76
CA ALA C 624 14.02 -33.01 -34.05
C ALA C 624 14.80 -31.70 -34.08
N GLU C 625 14.36 -30.74 -34.90
CA GLU C 625 15.02 -29.44 -35.02
C GLU C 625 14.99 -28.62 -33.72
N ARG C 626 13.89 -28.69 -32.97
CA ARG C 626 13.78 -27.97 -31.71
C ARG C 626 14.78 -28.50 -30.67
N ASN C 627 14.79 -29.82 -30.49
CA ASN C 627 15.75 -30.49 -29.61
C ASN C 627 17.21 -30.17 -29.96
N ARG C 628 17.49 -29.98 -31.24
CA ARG C 628 18.83 -29.58 -31.69
C ARG C 628 19.12 -28.11 -31.40
N LEU C 629 18.20 -27.23 -31.82
CA LEU C 629 18.30 -25.79 -31.53
C LEU C 629 18.51 -25.51 -30.05
N LEU C 630 17.82 -26.28 -29.21
CA LEU C 630 18.02 -26.26 -27.78
C LEU C 630 19.46 -26.63 -27.42
N SER C 631 19.95 -27.75 -27.96
CA SER C 631 21.37 -28.18 -27.80
C SER C 631 22.36 -27.09 -28.18
N ASP C 632 22.11 -26.43 -29.32
CA ASP C 632 22.99 -25.36 -29.80
C ASP C 632 23.01 -24.17 -28.84
N LEU C 633 21.81 -23.75 -28.41
CA LEU C 633 21.66 -22.64 -27.45
C LEU C 633 22.46 -22.91 -26.19
N MET C 634 22.28 -24.11 -25.62
CA MET C 634 22.85 -24.46 -24.33
C MET C 634 24.34 -24.85 -24.32
N GLN C 635 25.04 -24.74 -25.46
CA GLN C 635 26.41 -25.27 -25.55
C GLN C 635 27.38 -24.60 -24.56
N LEU C 636 27.37 -23.27 -24.49
CA LEU C 636 28.25 -22.54 -23.57
C LEU C 636 28.02 -22.87 -22.08
N PRO C 637 26.74 -22.87 -21.62
CA PRO C 637 26.43 -23.41 -20.28
C PRO C 637 26.70 -24.90 -20.10
N ASN C 638 26.38 -25.73 -21.10
CA ASN C 638 26.67 -27.18 -21.03
C ASN C 638 28.17 -27.53 -21.04
N MET C 639 28.99 -26.74 -21.74
CA MET C 639 30.44 -26.94 -21.74
C MET C 639 31.05 -26.51 -20.41
N ALA C 640 30.62 -25.35 -19.91
CA ALA C 640 30.98 -24.93 -18.55
C ALA C 640 30.52 -25.96 -17.52
N TRP C 641 29.30 -26.47 -17.70
CA TRP C 641 28.74 -27.55 -16.85
C TRP C 641 29.51 -28.86 -16.96
N ASP C 642 29.89 -29.25 -18.19
CA ASP C 642 30.64 -30.49 -18.43
C ASP C 642 32.07 -30.44 -17.87
N THR C 643 32.72 -29.27 -17.94
CA THR C 643 34.07 -29.13 -17.36
C THR C 643 34.05 -28.88 -15.83
N ILE C 644 32.92 -28.43 -15.30
CA ILE C 644 32.77 -28.20 -13.84
C ILE C 644 32.23 -29.43 -13.10
N VAL C 645 31.49 -30.29 -13.81
CA VAL C 645 31.01 -31.55 -13.24
C VAL C 645 32.16 -32.54 -12.98
N GLU C 646 33.14 -32.56 -13.90
CA GLU C 646 34.30 -33.46 -13.78
C GLU C 646 35.27 -33.06 -12.67
N GLN C 647 35.49 -31.77 -12.49
CA GLN C 647 36.39 -31.26 -11.43
C GLN C 647 35.84 -31.48 -10.01
N SER C 648 34.54 -31.23 -9.83
CA SER C 648 33.89 -31.32 -8.51
C SER C 648 33.60 -32.76 -8.04
N THR C 649 33.57 -33.70 -8.97
CA THR C 649 33.49 -35.15 -8.63
C THR C 649 34.87 -35.83 -8.59
N ALA C 650 35.85 -35.29 -9.32
CA ALA C 650 37.26 -35.72 -9.18
C ALA C 650 37.85 -35.30 -7.82
N ASN C 651 37.35 -34.18 -7.30
CA ASN C 651 37.70 -33.70 -5.95
C ASN C 651 36.62 -32.75 -5.42
N PRO C 652 35.93 -33.10 -4.30
CA PRO C 652 34.97 -32.13 -3.71
C PRO C 652 35.59 -30.88 -3.05
N THR C 653 36.89 -30.69 -3.17
CA THR C 653 37.62 -29.57 -2.59
C THR C 653 37.53 -28.30 -3.46
N LEU C 654 37.25 -28.45 -4.75
CA LEU C 654 37.19 -27.31 -5.70
C LEU C 654 35.93 -26.45 -5.56
N LEU C 655 34.85 -27.05 -5.06
CA LEU C 655 33.58 -26.34 -4.85
C LEU C 655 33.63 -25.34 -3.66
N LEU C 656 34.70 -25.42 -2.85
CA LEU C 656 35.04 -24.38 -1.87
C LEU C 656 35.24 -23.01 -2.52
N ASP C 657 35.87 -23.02 -3.70
CA ASP C 657 36.17 -21.81 -4.48
C ASP C 657 34.89 -21.00 -4.72
N SER C 658 34.89 -19.75 -4.22
CA SER C 658 33.73 -18.87 -4.35
C SER C 658 33.46 -18.45 -5.79
N GLU C 659 34.51 -18.31 -6.59
CA GLU C 659 34.37 -18.03 -8.04
C GLU C 659 33.70 -19.20 -8.79
N THR C 660 33.94 -20.42 -8.34
CA THR C 660 33.33 -21.62 -8.94
C THR C 660 31.82 -21.74 -8.64
N VAL C 661 31.39 -21.38 -7.43
CA VAL C 661 29.96 -21.44 -7.08
C VAL C 661 29.17 -20.41 -7.92
N LYS C 662 29.76 -19.23 -8.13
CA LYS C 662 29.18 -18.18 -8.97
C LYS C 662 28.94 -18.65 -10.41
N ILE C 663 29.91 -19.36 -10.98
CA ILE C 663 29.75 -19.93 -12.33
C ILE C 663 28.65 -21.01 -12.35
N ILE C 664 28.59 -21.83 -11.30
CA ILE C 664 27.57 -22.89 -11.17
C ILE C 664 26.17 -22.33 -11.02
N ALA C 665 26.03 -21.33 -10.14
CA ALA C 665 24.79 -20.58 -9.96
C ALA C 665 24.29 -20.07 -11.31
N ASN C 666 25.15 -19.35 -12.03
CA ASN C 666 24.79 -18.76 -13.33
C ASN C 666 24.50 -19.77 -14.43
N ILE C 667 25.09 -20.97 -14.35
CA ILE C 667 24.76 -22.06 -15.28
C ILE C 667 23.32 -22.53 -15.07
N ILE C 668 22.92 -22.66 -13.80
CA ILE C 668 21.57 -23.13 -13.46
C ILE C 668 20.54 -22.02 -13.74
N LYS C 669 20.88 -20.76 -13.46
CA LYS C 669 20.00 -19.62 -13.81
C LYS C 669 19.73 -19.56 -15.31
N THR C 670 20.75 -19.88 -16.11
CA THR C 670 20.60 -19.92 -17.58
C THR C 670 19.62 -21.02 -17.97
N ASN C 671 19.74 -22.20 -17.36
CA ASN C 671 18.79 -23.30 -17.56
C ASN C 671 17.37 -22.96 -17.08
N VAL C 672 17.26 -22.31 -15.92
CA VAL C 672 15.96 -21.85 -15.40
C VAL C 672 15.32 -20.90 -16.40
N ALA C 673 16.09 -19.89 -16.79
CA ALA C 673 15.65 -18.87 -17.75
C ALA C 673 15.11 -19.47 -19.06
N VAL C 674 15.84 -20.41 -19.64
CA VAL C 674 15.40 -21.08 -20.87
C VAL C 674 14.18 -21.98 -20.63
N CYS C 675 14.18 -22.73 -19.54
CA CYS C 675 13.04 -23.58 -19.16
C CYS C 675 11.76 -22.78 -18.90
N THR C 676 11.90 -21.55 -18.40
CA THR C 676 10.76 -20.66 -18.18
C THR C 676 10.02 -20.43 -19.50
N SER C 677 10.75 -20.04 -20.54
CA SER C 677 10.12 -19.78 -21.84
C SER C 677 9.78 -21.03 -22.67
N MET C 678 10.48 -22.14 -22.47
CA MET C 678 10.24 -23.37 -23.27
C MET C 678 9.32 -24.42 -22.64
N GLY C 679 9.23 -24.43 -21.31
CA GLY C 679 8.31 -25.32 -20.59
C GLY C 679 8.51 -26.81 -20.85
N ALA C 680 7.49 -27.45 -21.38
CA ALA C 680 7.53 -28.89 -21.71
C ALA C 680 8.57 -29.28 -22.76
N ASP C 681 8.97 -28.33 -23.60
CA ASP C 681 10.01 -28.54 -24.63
C ASP C 681 11.44 -28.59 -24.09
N PHE C 682 11.64 -28.19 -22.83
CA PHE C 682 12.95 -28.17 -22.19
C PHE C 682 13.45 -29.57 -21.75
N TYR C 683 12.57 -30.57 -21.75
CA TYR C 683 12.87 -31.90 -21.18
C TYR C 683 14.23 -32.51 -21.59
N PRO C 684 14.56 -32.51 -22.91
CA PRO C 684 15.87 -33.04 -23.32
C PRO C 684 17.06 -32.39 -22.60
N GLN C 685 17.07 -31.07 -22.47
CA GLN C 685 18.14 -30.35 -21.79
C GLN C 685 18.16 -30.63 -20.28
N LEU C 686 16.99 -30.74 -19.66
CA LEU C 686 16.91 -31.12 -18.25
C LEU C 686 17.48 -32.52 -18.02
N GLY C 687 17.02 -33.47 -18.82
CA GLY C 687 17.51 -34.86 -18.77
C GLY C 687 19.02 -35.05 -18.96
N HIS C 688 19.67 -34.11 -19.66
CA HIS C 688 21.12 -34.08 -19.80
C HIS C 688 21.86 -33.81 -18.48
N ILE C 689 21.32 -32.91 -17.67
CA ILE C 689 21.99 -32.45 -16.43
C ILE C 689 21.39 -33.04 -15.15
N TYR C 690 20.25 -33.73 -15.26
CA TYR C 690 19.40 -34.00 -14.10
C TYR C 690 20.05 -34.80 -12.97
N TYR C 691 20.67 -35.93 -13.30
CA TYR C 691 21.30 -36.80 -12.28
C TYR C 691 22.52 -36.15 -11.65
N ASN C 692 23.37 -35.55 -12.48
CA ASN C 692 24.54 -34.81 -11.99
C ASN C 692 24.16 -33.55 -11.20
N MET C 693 23.10 -32.86 -11.64
CA MET C 693 22.56 -31.71 -10.91
C MET C 693 22.11 -32.10 -9.51
N LEU C 694 21.40 -33.22 -9.39
CA LEU C 694 20.94 -33.70 -8.08
C LEU C 694 22.07 -34.25 -7.20
N GLN C 695 23.17 -34.71 -7.82
CA GLN C 695 24.37 -35.07 -7.04
C GLN C 695 25.05 -33.80 -6.53
N LEU C 696 25.17 -32.79 -7.39
CA LEU C 696 25.65 -31.47 -6.97
C LEU C 696 24.82 -30.89 -5.82
N TYR C 697 23.49 -31.02 -5.91
CA TYR C 697 22.58 -30.61 -4.82
C TYR C 697 22.99 -31.27 -3.49
N ARG C 698 23.28 -32.57 -3.52
CA ARG C 698 23.76 -33.30 -2.33
C ARG C 698 25.14 -32.84 -1.86
N ALA C 699 26.04 -32.64 -2.81
CA ALA C 699 27.40 -32.17 -2.53
C ALA C 699 27.40 -30.79 -1.87
N VAL C 700 26.58 -29.90 -2.39
CA VAL C 700 26.39 -28.57 -1.83
C VAL C 700 25.73 -28.63 -0.44
N SER C 701 24.74 -29.51 -0.29
CA SER C 701 24.07 -29.73 1.00
C SER C 701 25.01 -30.16 2.13
N SER C 702 25.94 -31.07 1.84
CA SER C 702 26.91 -31.55 2.84
C SER C 702 27.77 -30.41 3.38
N MET C 703 28.22 -29.53 2.48
CA MET C 703 29.12 -28.45 2.85
C MET C 703 28.44 -27.35 3.64
N ILE C 704 27.19 -27.06 3.30
CA ILE C 704 26.38 -26.14 4.08
C ILE C 704 26.26 -26.67 5.52
N SER C 705 25.88 -27.94 5.67
CA SER C 705 25.77 -28.59 6.99
C SER C 705 27.08 -28.60 7.77
N ALA C 706 28.18 -28.86 7.07
CA ALA C 706 29.52 -28.90 7.67
C ALA C 706 30.00 -27.51 8.10
N GLN C 707 29.74 -26.51 7.26
CA GLN C 707 30.04 -25.10 7.60
C GLN C 707 29.27 -24.62 8.83
N VAL C 708 27.99 -24.96 8.93
CA VAL C 708 27.17 -24.63 10.11
C VAL C 708 27.75 -25.28 11.38
N ALA C 709 28.11 -26.56 11.28
CA ALA C 709 28.72 -27.30 12.40
C ALA C 709 30.04 -26.67 12.90
N ALA C 710 30.93 -26.37 11.96
CA ALA C 710 32.23 -25.78 12.26
C ALA C 710 32.18 -24.30 12.66
N GLU C 711 31.37 -23.51 11.96
CA GLU C 711 31.33 -22.04 12.14
C GLU C 711 30.16 -21.56 13.02
N GLY C 712 29.11 -22.38 13.18
CA GLY C 712 27.90 -21.99 13.90
C GLY C 712 26.81 -21.49 12.95
N LEU C 713 25.66 -21.10 13.52
CA LEU C 713 24.51 -20.59 12.76
C LEU C 713 24.81 -19.37 11.91
N ILE C 714 25.70 -18.50 12.43
CA ILE C 714 26.16 -17.31 11.72
C ILE C 714 26.72 -17.63 10.31
N ALA C 715 27.20 -18.85 10.10
CA ALA C 715 27.59 -19.32 8.76
C ALA C 715 26.51 -19.18 7.69
N THR C 716 25.23 -19.30 8.06
CA THR C 716 24.13 -19.13 7.08
C THR C 716 24.08 -17.72 6.47
N LYS C 717 24.71 -16.74 7.14
CA LYS C 717 24.79 -15.35 6.67
C LYS C 717 25.99 -15.06 5.77
N THR C 718 26.99 -15.94 5.78
CA THR C 718 28.24 -15.69 5.05
C THR C 718 28.00 -15.70 3.55
N PRO C 719 28.80 -14.92 2.79
CA PRO C 719 28.75 -14.99 1.33
C PRO C 719 28.91 -16.39 0.75
N LYS C 720 29.78 -17.20 1.36
CA LYS C 720 30.04 -18.57 0.86
C LYS C 720 28.81 -19.47 0.94
N VAL C 721 28.16 -19.51 2.10
CA VAL C 721 26.98 -20.37 2.32
C VAL C 721 25.78 -19.85 1.53
N ARG C 722 25.58 -18.53 1.52
CA ARG C 722 24.55 -17.89 0.70
C ARG C 722 24.72 -18.24 -0.79
N GLY C 723 25.96 -18.28 -1.25
CA GLY C 723 26.29 -18.76 -2.60
C GLY C 723 25.95 -20.23 -2.83
N LEU C 724 26.28 -21.07 -1.85
CA LEU C 724 25.96 -22.50 -1.92
C LEU C 724 24.46 -22.74 -1.88
N ARG C 725 23.76 -22.04 -0.99
CA ARG C 725 22.30 -22.12 -0.92
C ARG C 725 21.62 -21.59 -2.18
N THR C 726 22.21 -20.60 -2.83
CA THR C 726 21.70 -20.08 -4.10
C THR C 726 21.65 -21.20 -5.15
N ILE C 727 22.67 -22.05 -5.16
CA ILE C 727 22.71 -23.21 -6.06
C ILE C 727 21.55 -24.18 -5.77
N LYS C 728 21.28 -24.45 -4.50
CA LYS C 728 20.16 -25.33 -4.13
C LYS C 728 18.80 -24.73 -4.53
N LYS C 729 18.62 -23.44 -4.26
CA LYS C 729 17.39 -22.73 -4.59
C LYS C 729 17.13 -22.69 -6.09
N GLU C 730 18.17 -22.42 -6.87
CA GLU C 730 18.06 -22.39 -8.34
C GLU C 730 17.78 -23.76 -8.94
N ILE C 731 18.38 -24.82 -8.38
CA ILE C 731 18.08 -26.19 -8.80
C ILE C 731 16.61 -26.52 -8.56
N LEU C 732 16.14 -26.22 -7.34
CA LEU C 732 14.72 -26.34 -7.00
C LEU C 732 13.82 -25.53 -7.95
N LYS C 733 14.22 -24.29 -8.26
CA LYS C 733 13.47 -23.42 -9.19
C LYS C 733 13.33 -24.05 -10.58
N LEU C 734 14.41 -24.64 -11.07
CA LEU C 734 14.41 -25.31 -12.39
C LEU C 734 13.46 -26.50 -12.45
N VAL C 735 13.55 -27.39 -11.47
CA VAL C 735 12.68 -28.56 -11.37
C VAL C 735 11.20 -28.15 -11.21
N GLU C 736 10.96 -27.16 -10.34
CA GLU C 736 9.61 -26.61 -10.16
C GLU C 736 9.11 -26.01 -11.47
N THR C 737 9.95 -25.19 -12.11
CA THR C 737 9.58 -24.54 -13.38
C THR C 737 9.21 -25.58 -14.44
N TYR C 738 10.04 -26.62 -14.58
CA TYR C 738 9.76 -27.64 -15.57
C TYR C 738 8.46 -28.38 -15.27
N ILE C 739 8.34 -28.89 -14.05
CA ILE C 739 7.18 -29.71 -13.67
C ILE C 739 5.84 -28.92 -13.75
N SER C 740 5.88 -27.62 -13.50
CA SER C 740 4.70 -26.74 -13.62
C SER C 740 4.13 -26.68 -15.04
N LYS C 741 5.01 -26.73 -16.04
CA LYS C 741 4.63 -26.65 -17.45
C LYS C 741 4.70 -27.99 -18.19
N ALA C 742 4.99 -29.08 -17.48
CA ALA C 742 5.34 -30.35 -18.12
C ALA C 742 4.15 -30.99 -18.83
N ARG C 743 4.42 -31.55 -20.00
CA ARG C 743 3.40 -32.25 -20.78
C ARG C 743 3.68 -33.76 -20.94
N ASN C 744 4.67 -34.31 -20.26
CA ASN C 744 4.77 -35.78 -20.15
C ASN C 744 4.78 -36.15 -18.67
N LEU C 745 3.58 -36.32 -18.12
CA LEU C 745 3.42 -36.60 -16.70
C LEU C 745 3.87 -38.01 -16.30
N ASP C 746 3.84 -38.95 -17.23
CA ASP C 746 4.40 -40.29 -17.01
C ASP C 746 5.92 -40.25 -16.83
N ASP C 747 6.60 -39.45 -17.65
CA ASP C 747 8.05 -39.23 -17.50
C ASP C 747 8.42 -38.55 -16.18
N VAL C 748 7.57 -37.64 -15.71
CA VAL C 748 7.81 -36.93 -14.44
C VAL C 748 7.78 -37.91 -13.27
N VAL C 749 6.73 -38.72 -13.21
CA VAL C 749 6.57 -39.73 -12.14
C VAL C 749 7.67 -40.79 -12.17
N LYS C 750 8.02 -41.26 -13.36
CA LYS C 750 8.91 -42.42 -13.53
C LYS C 750 10.39 -42.07 -13.54
N VAL C 751 10.73 -40.88 -14.02
CA VAL C 751 12.13 -40.43 -14.13
C VAL C 751 12.51 -39.42 -13.04
N LEU C 752 11.74 -38.34 -12.90
CA LEU C 752 12.15 -37.17 -12.10
C LEU C 752 11.82 -37.24 -10.61
N VAL C 753 10.62 -37.70 -10.27
CA VAL C 753 10.11 -37.58 -8.90
C VAL C 753 10.93 -38.35 -7.85
N GLU C 754 11.17 -39.64 -8.07
CA GLU C 754 11.87 -40.46 -7.05
C GLU C 754 13.26 -39.92 -6.69
N PRO C 755 14.12 -39.60 -7.70
CA PRO C 755 15.42 -38.99 -7.36
C PRO C 755 15.34 -37.61 -6.70
N LEU C 756 14.38 -36.78 -7.12
CA LEU C 756 14.15 -35.48 -6.49
C LEU C 756 13.85 -35.64 -5.00
N LEU C 757 12.89 -36.49 -4.68
CA LEU C 757 12.50 -36.71 -3.29
C LEU C 757 13.62 -37.28 -2.42
N ASN C 758 14.40 -38.21 -2.97
CA ASN C 758 15.56 -38.78 -2.25
C ASN C 758 16.66 -37.73 -2.04
N ALA C 759 16.84 -36.86 -3.04
CA ALA C 759 17.84 -35.80 -2.99
C ALA C 759 17.49 -34.64 -2.04
N VAL C 760 16.20 -34.34 -1.85
CA VAL C 760 15.79 -33.12 -1.12
C VAL C 760 15.09 -33.31 0.24
N LEU C 761 14.29 -34.36 0.38
CA LEU C 761 13.38 -34.45 1.53
C LEU C 761 14.07 -34.65 2.88
N GLU C 762 14.97 -35.63 2.96
CA GLU C 762 15.67 -35.90 4.22
C GLU C 762 16.73 -34.83 4.52
N ASP C 763 17.34 -34.26 3.49
CA ASP C 763 18.21 -33.10 3.63
C ASP C 763 17.46 -31.92 4.31
N TYR C 764 16.22 -31.67 3.89
CA TYR C 764 15.38 -30.63 4.51
C TYR C 764 15.06 -31.01 5.97
N MET C 765 14.53 -32.21 6.17
CA MET C 765 14.15 -32.70 7.49
C MET C 765 15.32 -32.67 8.52
N ASN C 766 16.52 -33.05 8.06
CA ASN C 766 17.68 -33.26 8.94
C ASN C 766 18.67 -32.09 9.01
N ASN C 767 18.35 -30.98 8.38
CA ASN C 767 19.08 -29.73 8.61
C ASN C 767 18.45 -28.99 9.79
N VAL C 768 19.26 -28.18 10.48
CA VAL C 768 18.74 -27.25 11.50
C VAL C 768 17.81 -26.22 10.84
N PRO C 769 16.82 -25.71 11.60
CA PRO C 769 15.85 -24.76 11.04
C PRO C 769 16.41 -23.68 10.10
N ASP C 770 17.43 -22.96 10.54
CA ASP C 770 18.01 -21.85 9.75
C ASP C 770 18.67 -22.26 8.43
N ALA C 771 18.99 -23.53 8.27
CA ALA C 771 19.55 -24.05 7.02
C ALA C 771 18.51 -24.59 6.04
N ARG C 772 17.27 -24.75 6.48
CA ARG C 772 16.21 -25.26 5.60
C ARG C 772 15.74 -24.19 4.61
N ASP C 773 15.67 -24.58 3.34
CA ASP C 773 15.20 -23.71 2.26
C ASP C 773 13.68 -23.86 2.07
N ALA C 774 12.94 -22.76 2.21
CA ALA C 774 11.50 -22.71 1.94
C ALA C 774 11.12 -23.14 0.51
N GLU C 775 12.03 -22.95 -0.42
CA GLU C 775 11.87 -23.36 -1.82
C GLU C 775 11.67 -24.88 -1.99
N VAL C 776 12.13 -25.68 -1.02
CA VAL C 776 11.81 -27.10 -1.02
C VAL C 776 10.30 -27.30 -0.99
N LEU C 777 9.63 -26.61 -0.07
CA LEU C 777 8.18 -26.71 0.10
C LEU C 777 7.45 -26.23 -1.16
N ASN C 778 7.94 -25.13 -1.74
CA ASN C 778 7.41 -24.59 -2.99
C ASN C 778 7.50 -25.62 -4.09
N CYS C 779 8.67 -26.23 -4.23
CA CYS C 779 8.89 -27.28 -5.23
C CYS C 779 7.92 -28.44 -5.06
N MET C 780 7.74 -28.91 -3.82
CA MET C 780 6.83 -30.04 -3.55
C MET C 780 5.36 -29.71 -3.84
N THR C 781 4.97 -28.46 -3.58
CA THR C 781 3.63 -27.97 -3.90
C THR C 781 3.30 -28.20 -5.39
N THR C 782 4.22 -27.79 -6.27
CA THR C 782 4.06 -28.03 -7.72
C THR C 782 4.06 -29.52 -8.07
N VAL C 783 4.92 -30.29 -7.43
CA VAL C 783 4.95 -31.75 -7.61
C VAL C 783 3.57 -32.35 -7.27
N VAL C 784 3.03 -31.99 -6.10
CA VAL C 784 1.74 -32.51 -5.67
C VAL C 784 0.62 -31.97 -6.56
N GLU C 785 0.67 -30.67 -6.87
CA GLU C 785 -0.28 -30.03 -7.78
C GLU C 785 -0.41 -30.77 -9.12
N LYS C 786 0.72 -31.10 -9.74
CA LYS C 786 0.70 -31.67 -11.10
C LYS C 786 0.62 -33.18 -11.17
N VAL C 787 1.29 -33.90 -10.26
CA VAL C 787 1.30 -35.36 -10.29
C VAL C 787 0.93 -36.05 -8.96
N GLY C 788 0.40 -35.31 -8.00
CA GLY C 788 0.05 -35.86 -6.69
C GLY C 788 -0.81 -37.12 -6.76
N HIS C 789 -1.84 -37.06 -7.61
CA HIS C 789 -2.74 -38.20 -7.88
C HIS C 789 -2.07 -39.49 -8.38
N MET C 790 -0.90 -39.36 -9.01
CA MET C 790 -0.10 -40.51 -9.50
C MET C 790 0.94 -41.08 -8.51
N ILE C 791 1.14 -40.43 -7.36
CA ILE C 791 2.19 -40.83 -6.39
C ILE C 791 1.72 -40.78 -4.93
N PRO C 792 0.63 -41.50 -4.57
CA PRO C 792 0.10 -41.43 -3.21
C PRO C 792 1.13 -41.70 -2.10
N GLN C 793 2.07 -42.61 -2.36
CA GLN C 793 3.14 -42.92 -1.40
C GLN C 793 4.16 -41.80 -1.30
N GLY C 794 4.56 -41.25 -2.45
CA GLY C 794 5.40 -40.06 -2.51
C GLY C 794 4.86 -38.85 -1.74
N VAL C 795 3.54 -38.66 -1.75
CA VAL C 795 2.89 -37.57 -1.01
C VAL C 795 2.94 -37.85 0.50
N ILE C 796 2.67 -39.09 0.90
CA ILE C 796 2.81 -39.52 2.30
C ILE C 796 4.23 -39.19 2.78
N LEU C 797 5.22 -39.57 1.97
CA LEU C 797 6.64 -39.28 2.23
C LEU C 797 6.93 -37.78 2.36
N ILE C 798 6.34 -36.96 1.49
CA ILE C 798 6.52 -35.50 1.56
C ILE C 798 6.03 -35.00 2.91
N LEU C 799 4.81 -35.39 3.29
CA LEU C 799 4.25 -35.01 4.59
C LEU C 799 5.18 -35.41 5.72
N GLN C 800 5.62 -36.66 5.75
CA GLN C 800 6.47 -37.16 6.83
C GLN C 800 7.76 -36.35 7.00
N SER C 801 8.34 -35.92 5.89
CA SER C 801 9.60 -35.19 5.89
C SER C 801 9.46 -33.72 6.34
N VAL C 802 8.40 -33.03 5.89
CA VAL C 802 8.28 -31.57 6.09
C VAL C 802 7.24 -31.10 7.11
N PHE C 803 6.26 -31.95 7.44
CA PHE C 803 5.08 -31.49 8.18
C PHE C 803 5.36 -31.10 9.64
N GLU C 804 5.76 -32.06 10.47
CA GLU C 804 6.03 -31.78 11.90
C GLU C 804 7.20 -30.81 12.11
N CYS C 805 8.28 -30.96 11.34
CA CYS C 805 9.46 -30.10 11.52
C CYS C 805 9.19 -28.65 11.09
N THR C 806 8.53 -28.44 9.94
CA THR C 806 8.16 -27.08 9.53
C THR C 806 7.15 -26.44 10.47
N LEU C 807 6.14 -27.21 10.89
CA LEU C 807 5.17 -26.72 11.87
C LEU C 807 5.86 -26.22 13.17
N ASP C 808 6.86 -26.97 13.64
CA ASP C 808 7.60 -26.59 14.84
C ASP C 808 8.35 -25.28 14.69
N MET C 809 8.81 -24.97 13.48
CA MET C 809 9.44 -23.68 13.20
C MET C 809 8.46 -22.51 13.30
N ILE C 810 7.21 -22.73 12.89
CA ILE C 810 6.22 -21.65 12.71
C ILE C 810 5.15 -21.50 13.80
N ASN C 811 5.17 -22.35 14.83
CA ASN C 811 4.11 -22.32 15.88
C ASN C 811 4.50 -21.71 17.25
N LYS C 812 5.63 -20.99 17.31
CA LYS C 812 6.03 -20.25 18.53
C LYS C 812 5.50 -18.81 18.50
N ASP C 813 5.40 -18.25 17.30
CA ASP C 813 4.98 -16.87 17.07
C ASP C 813 4.44 -16.74 15.64
N PHE C 814 3.97 -15.55 15.30
CA PHE C 814 3.43 -15.28 13.96
C PHE C 814 4.44 -14.73 12.95
N THR C 815 5.66 -14.42 13.40
CA THR C 815 6.64 -13.62 12.65
C THR C 815 7.82 -14.39 12.04
N GLU C 816 8.29 -15.40 12.76
CA GLU C 816 9.53 -16.12 12.45
C GLU C 816 9.35 -17.02 11.22
N TYR C 817 10.38 -17.08 10.37
CA TYR C 817 10.37 -17.89 9.14
C TYR C 817 9.19 -17.59 8.21
N PRO C 818 9.05 -16.32 7.78
CA PRO C 818 7.84 -15.89 7.05
C PRO C 818 7.57 -16.64 5.75
N GLU C 819 8.60 -16.88 4.95
CA GLU C 819 8.46 -17.63 3.70
C GLU C 819 8.17 -19.14 3.90
N HIS C 820 8.61 -19.71 5.02
CA HIS C 820 8.29 -21.12 5.34
C HIS C 820 6.79 -21.27 5.66
N ARG C 821 6.34 -20.40 6.56
CA ARG C 821 4.92 -20.17 6.89
C ARG C 821 4.00 -20.21 5.67
N VAL C 822 4.32 -19.36 4.69
CA VAL C 822 3.53 -19.17 3.48
C VAL C 822 3.54 -20.43 2.61
N GLU C 823 4.74 -20.96 2.34
CA GLU C 823 4.89 -22.16 1.50
C GLU C 823 4.35 -23.43 2.16
N PHE C 824 4.39 -23.48 3.48
CA PHE C 824 3.84 -24.59 4.28
C PHE C 824 2.34 -24.76 4.08
N TYR C 825 1.59 -23.67 4.19
CA TYR C 825 0.13 -23.76 4.06
C TYR C 825 -0.33 -23.91 2.61
N LYS C 826 0.46 -23.37 1.67
CA LYS C 826 0.26 -23.67 0.25
C LYS C 826 0.42 -25.16 -0.04
N LEU C 827 1.40 -25.80 0.60
CA LEU C 827 1.62 -27.23 0.43
C LEU C 827 0.47 -28.07 0.99
N LEU C 828 0.08 -27.77 2.23
CA LEU C 828 -1.04 -28.49 2.86
C LEU C 828 -2.36 -28.27 2.15
N LYS C 829 -2.58 -27.06 1.63
CA LYS C 829 -3.75 -26.78 0.76
C LYS C 829 -3.83 -27.76 -0.41
N VAL C 830 -2.77 -27.86 -1.21
CA VAL C 830 -2.80 -28.73 -2.39
C VAL C 830 -2.90 -30.22 -2.04
N ILE C 831 -2.20 -30.65 -0.99
CA ILE C 831 -2.32 -32.05 -0.54
C ILE C 831 -3.76 -32.35 -0.12
N ASN C 832 -4.40 -31.42 0.59
CA ASN C 832 -5.76 -31.60 1.06
C ASN C 832 -6.78 -31.63 -0.11
N GLU C 833 -6.51 -30.87 -1.17
CA GLU C 833 -7.31 -30.93 -2.41
C GLU C 833 -7.08 -32.21 -3.21
N LYS C 834 -5.82 -32.47 -3.55
CA LYS C 834 -5.45 -33.44 -4.59
C LYS C 834 -5.14 -34.85 -4.07
N SER C 835 -4.71 -34.96 -2.82
CA SER C 835 -4.27 -36.24 -2.27
C SER C 835 -4.63 -36.36 -0.79
N PHE C 836 -5.90 -36.11 -0.50
CA PHE C 836 -6.45 -36.18 0.87
C PHE C 836 -6.19 -37.52 1.57
N ALA C 837 -6.05 -38.59 0.80
CA ALA C 837 -5.67 -39.91 1.32
C ALA C 837 -4.43 -39.88 2.23
N ALA C 838 -3.45 -39.05 1.87
CA ALA C 838 -2.24 -38.84 2.69
C ALA C 838 -2.53 -38.46 4.15
N PHE C 839 -3.55 -37.62 4.37
CA PHE C 839 -3.97 -37.24 5.74
C PHE C 839 -4.72 -38.36 6.46
N LEU C 840 -5.46 -39.19 5.73
CA LEU C 840 -6.07 -40.41 6.30
C LEU C 840 -5.05 -41.43 6.83
N GLU C 841 -3.85 -41.44 6.24
CA GLU C 841 -2.74 -42.33 6.66
C GLU C 841 -1.81 -41.75 7.74
N LEU C 842 -2.10 -40.53 8.21
CA LEU C 842 -1.38 -39.97 9.36
C LEU C 842 -1.85 -40.67 10.64
N PRO C 843 -0.93 -40.96 11.57
CA PRO C 843 -1.38 -41.44 12.89
C PRO C 843 -2.21 -40.36 13.63
N PRO C 844 -3.17 -40.79 14.47
CA PRO C 844 -4.09 -39.87 15.15
C PRO C 844 -3.49 -38.62 15.81
N ALA C 845 -2.28 -38.75 16.37
CA ALA C 845 -1.58 -37.62 17.01
C ALA C 845 -1.08 -36.59 15.98
N ALA C 846 -0.65 -37.07 14.82
CA ALA C 846 -0.22 -36.21 13.72
C ALA C 846 -1.39 -35.53 13.03
N PHE C 847 -2.51 -36.25 12.89
CA PHE C 847 -3.75 -35.65 12.38
C PHE C 847 -4.26 -34.55 13.29
N LYS C 848 -4.05 -34.72 14.59
CA LYS C 848 -4.39 -33.69 15.57
C LYS C 848 -3.54 -32.43 15.36
N LEU C 849 -2.25 -32.59 15.03
CA LEU C 849 -1.39 -31.46 14.68
C LEU C 849 -1.78 -30.79 13.35
N PHE C 850 -2.38 -31.55 12.44
CA PHE C 850 -2.94 -31.00 11.19
C PHE C 850 -4.06 -30.02 11.49
N VAL C 851 -4.99 -30.45 12.35
CA VAL C 851 -6.07 -29.59 12.82
C VAL C 851 -5.53 -28.37 13.57
N ASP C 852 -4.56 -28.56 14.46
CA ASP C 852 -3.90 -27.45 15.16
C ASP C 852 -3.25 -26.46 14.20
N ALA C 853 -2.64 -26.98 13.14
CA ALA C 853 -1.97 -26.14 12.14
C ALA C 853 -2.95 -25.28 11.36
N ILE C 854 -4.11 -25.86 11.04
CA ILE C 854 -5.18 -25.15 10.30
C ILE C 854 -5.73 -23.99 11.13
N CYS C 855 -6.08 -24.28 12.38
CA CYS C 855 -6.58 -23.26 13.32
C CYS C 855 -5.53 -22.19 13.67
N TRP C 856 -4.26 -22.59 13.70
CA TRP C 856 -3.15 -21.65 13.85
C TRP C 856 -3.10 -20.65 12.68
N ALA C 857 -3.36 -21.15 11.47
CA ALA C 857 -3.42 -20.31 10.27
C ALA C 857 -4.54 -19.27 10.30
N PHE C 858 -5.69 -19.62 10.88
CA PHE C 858 -6.83 -18.67 11.05
C PHE C 858 -6.42 -17.41 11.77
N LYS C 859 -5.59 -17.59 12.78
CA LYS C 859 -5.20 -16.54 13.69
C LYS C 859 -4.12 -15.61 13.16
N HIS C 860 -3.59 -15.90 11.97
CA HIS C 860 -2.64 -15.01 11.30
C HIS C 860 -3.35 -13.79 10.72
N ASN C 861 -2.72 -12.61 10.88
CA ASN C 861 -3.12 -11.40 10.14
C ASN C 861 -2.42 -11.31 8.78
N ASN C 862 -1.41 -12.15 8.59
CA ASN C 862 -0.78 -12.37 7.29
C ASN C 862 -1.81 -13.03 6.37
N ARG C 863 -2.21 -12.32 5.32
CA ARG C 863 -3.26 -12.80 4.42
C ARG C 863 -2.87 -13.97 3.51
N ASP C 864 -1.57 -14.12 3.22
CA ASP C 864 -1.10 -15.30 2.48
C ASP C 864 -1.47 -16.57 3.28
N VAL C 865 -1.21 -16.52 4.59
CA VAL C 865 -1.48 -17.63 5.50
C VAL C 865 -2.96 -17.79 5.85
N GLU C 866 -3.60 -16.68 6.23
CA GLU C 866 -4.99 -16.65 6.67
C GLU C 866 -5.96 -17.27 5.64
N VAL C 867 -5.84 -16.82 4.39
CA VAL C 867 -6.73 -17.26 3.32
C VAL C 867 -6.58 -18.75 3.02
N ASN C 868 -5.34 -19.24 2.98
CA ASN C 868 -5.08 -20.66 2.81
C ASN C 868 -5.56 -21.50 4.02
N GLY C 869 -5.42 -20.95 5.22
CA GLY C 869 -5.92 -21.63 6.43
C GLY C 869 -7.42 -21.89 6.40
N LEU C 870 -8.19 -20.85 6.09
CA LEU C 870 -9.65 -20.96 5.98
C LEU C 870 -10.11 -21.83 4.81
N GLN C 871 -9.38 -21.78 3.69
CA GLN C 871 -9.68 -22.64 2.55
C GLN C 871 -9.46 -24.12 2.88
N ILE C 872 -8.36 -24.43 3.55
CA ILE C 872 -8.07 -25.80 4.00
C ILE C 872 -9.18 -26.32 4.90
N ALA C 873 -9.58 -25.53 5.90
CA ALA C 873 -10.70 -25.90 6.80
C ALA C 873 -11.96 -26.25 6.00
N LEU C 874 -12.24 -25.43 5.00
CA LEU C 874 -13.42 -25.58 4.16
C LEU C 874 -13.34 -26.81 3.25
N ASP C 875 -12.17 -27.03 2.64
CA ASP C 875 -11.92 -28.22 1.81
C ASP C 875 -11.87 -29.50 2.64
N LEU C 876 -11.30 -29.40 3.84
CA LEU C 876 -11.23 -30.53 4.77
C LEU C 876 -12.62 -31.00 5.17
N VAL C 877 -13.46 -30.06 5.61
CA VAL C 877 -14.85 -30.34 5.99
C VAL C 877 -15.60 -30.99 4.82
N LYS C 878 -15.38 -30.46 3.63
CA LYS C 878 -15.94 -31.02 2.41
C LYS C 878 -15.39 -32.42 2.07
N ASN C 879 -14.09 -32.65 2.26
CA ASN C 879 -13.48 -34.01 2.11
C ASN C 879 -14.10 -35.02 3.07
N ILE C 880 -14.22 -34.63 4.34
CA ILE C 880 -14.80 -35.50 5.38
C ILE C 880 -16.23 -35.88 5.05
N GLU C 881 -17.03 -34.87 4.68
CA GLU C 881 -18.43 -35.06 4.28
C GLU C 881 -18.59 -36.07 3.13
N ARG C 882 -17.68 -36.02 2.17
CA ARG C 882 -17.73 -36.91 1.00
C ARG C 882 -17.53 -38.39 1.31
N MET C 883 -16.82 -38.69 2.39
CA MET C 883 -16.61 -40.07 2.85
C MET C 883 -17.91 -40.75 3.29
N GLY C 884 -18.87 -39.96 3.76
CA GLY C 884 -20.17 -40.47 4.20
C GLY C 884 -20.15 -40.99 5.62
N ASN C 885 -21.05 -41.93 5.90
CA ASN C 885 -21.22 -42.52 7.24
C ASN C 885 -20.22 -43.67 7.44
N VAL C 886 -18.97 -43.31 7.72
CA VAL C 886 -17.89 -44.29 8.00
C VAL C 886 -17.14 -43.88 9.28
N PRO C 887 -16.41 -44.83 9.92
CA PRO C 887 -15.77 -44.52 11.22
C PRO C 887 -14.82 -43.33 11.27
N PHE C 888 -14.10 -43.04 10.19
CA PHE C 888 -13.15 -41.93 10.19
C PHE C 888 -13.86 -40.57 10.28
N ALA C 889 -14.93 -40.41 9.50
CA ALA C 889 -15.72 -39.17 9.47
C ALA C 889 -16.54 -38.98 10.75
N ASN C 890 -17.14 -40.06 11.25
CA ASN C 890 -17.83 -40.03 12.54
C ASN C 890 -16.88 -39.63 13.66
N GLU C 891 -15.66 -40.18 13.63
CA GLU C 891 -14.63 -39.87 14.63
C GLU C 891 -14.14 -38.42 14.49
N PHE C 892 -13.92 -37.99 13.26
CA PHE C 892 -13.53 -36.62 12.95
C PHE C 892 -14.50 -35.59 13.56
N HIS C 893 -15.79 -35.81 13.40
CA HIS C 893 -16.80 -34.88 13.90
C HIS C 893 -16.86 -34.81 15.44
N LYS C 894 -16.76 -35.97 16.10
CA LYS C 894 -16.70 -36.00 17.57
C LYS C 894 -15.44 -35.34 18.14
N ASN C 895 -14.30 -35.52 17.47
CA ASN C 895 -13.04 -34.96 17.95
C ASN C 895 -12.86 -33.47 17.62
N TYR C 896 -13.32 -33.05 16.43
CA TYR C 896 -12.92 -31.76 15.87
C TYR C 896 -14.01 -30.77 15.45
N PHE C 897 -15.28 -31.19 15.39
CA PHE C 897 -16.35 -30.30 14.92
C PHE C 897 -16.44 -29.01 15.74
N PHE C 898 -16.58 -29.16 17.05
CA PHE C 898 -16.68 -28.01 17.94
C PHE C 898 -15.38 -27.22 18.05
N ILE C 899 -14.26 -27.89 17.86
CA ILE C 899 -12.99 -27.20 17.74
C ILE C 899 -13.01 -26.25 16.54
N PHE C 900 -13.49 -26.70 15.37
CA PHE C 900 -13.59 -25.81 14.21
C PHE C 900 -14.62 -24.69 14.40
N VAL C 901 -15.76 -25.02 15.01
CA VAL C 901 -16.82 -24.04 15.26
C VAL C 901 -16.36 -22.91 16.22
N SER C 902 -15.71 -23.28 17.32
CA SER C 902 -15.31 -22.28 18.31
C SER C 902 -14.08 -21.48 17.86
N GLU C 903 -13.16 -22.12 17.15
CA GLU C 903 -12.00 -21.43 16.58
C GLU C 903 -12.40 -20.44 15.48
N THR C 904 -13.41 -20.81 14.68
CA THR C 904 -13.97 -19.87 13.69
C THR C 904 -14.66 -18.70 14.38
N PHE C 905 -15.50 -18.98 15.39
CA PHE C 905 -16.11 -17.93 16.22
C PHE C 905 -15.11 -16.99 16.90
N PHE C 906 -13.99 -17.54 17.37
CA PHE C 906 -12.98 -16.73 18.05
C PHE C 906 -12.40 -15.66 17.12
N VAL C 907 -11.99 -16.06 15.91
CA VAL C 907 -11.46 -15.10 14.91
C VAL C 907 -12.52 -14.15 14.35
N LEU C 908 -13.75 -14.62 14.22
CA LEU C 908 -14.87 -13.74 13.87
C LEU C 908 -15.07 -12.59 14.86
N THR C 909 -14.93 -12.88 16.15
CA THR C 909 -15.37 -11.97 17.21
C THR C 909 -14.29 -11.20 17.97
N ASP C 910 -13.01 -11.45 17.71
CA ASP C 910 -11.95 -10.79 18.49
C ASP C 910 -11.47 -9.42 17.96
N SER C 911 -12.03 -8.96 16.85
CA SER C 911 -11.70 -7.64 16.23
C SER C 911 -10.30 -7.51 15.61
N ASP C 912 -9.48 -8.57 15.67
CA ASP C 912 -8.10 -8.56 15.16
C ASP C 912 -7.93 -9.39 13.87
N HIS C 913 -9.03 -9.87 13.28
CA HIS C 913 -8.97 -10.67 12.03
C HIS C 913 -10.09 -10.29 11.08
N LYS C 914 -10.36 -8.99 10.96
CA LYS C 914 -11.51 -8.50 10.18
C LYS C 914 -11.34 -8.74 8.67
N SER C 915 -10.11 -8.78 8.19
CA SER C 915 -9.82 -9.05 6.76
C SER C 915 -10.31 -10.41 6.24
N GLY C 916 -10.49 -11.40 7.12
CA GLY C 916 -10.98 -12.74 6.71
C GLY C 916 -12.45 -13.01 6.99
N PHE C 917 -13.22 -11.95 7.27
CA PHE C 917 -14.59 -12.08 7.73
C PHE C 917 -15.46 -12.94 6.81
N SER C 918 -15.30 -12.72 5.50
CA SER C 918 -16.15 -13.35 4.49
C SER C 918 -15.94 -14.86 4.43
N LYS C 919 -14.68 -15.26 4.46
CA LYS C 919 -14.27 -16.66 4.48
C LYS C 919 -14.57 -17.34 5.80
N GLN C 920 -14.40 -16.62 6.90
CA GLN C 920 -14.75 -17.11 8.24
C GLN C 920 -16.23 -17.42 8.31
N ALA C 921 -17.02 -16.49 7.81
CA ALA C 921 -18.48 -16.60 7.78
C ALA C 921 -18.95 -17.82 6.96
N LEU C 922 -18.39 -17.96 5.75
CA LEU C 922 -18.65 -19.10 4.86
C LEU C 922 -18.33 -20.44 5.53
N LEU C 923 -17.17 -20.52 6.18
CA LEU C 923 -16.79 -21.71 6.95
C LEU C 923 -17.77 -22.00 8.08
N LEU C 924 -18.15 -20.97 8.82
CA LEU C 924 -19.09 -21.17 9.92
C LEU C 924 -20.44 -21.62 9.39
N MET C 925 -20.83 -21.07 8.24
CA MET C 925 -22.09 -21.43 7.60
C MET C 925 -22.09 -22.90 7.19
N LYS C 926 -21.00 -23.36 6.59
CA LYS C 926 -20.82 -24.76 6.22
C LYS C 926 -20.97 -25.71 7.44
N LEU C 927 -20.27 -25.38 8.52
CA LEU C 927 -20.30 -26.20 9.74
C LEU C 927 -21.68 -26.29 10.37
N ILE C 928 -22.36 -25.15 10.49
CA ILE C 928 -23.72 -25.12 11.03
C ILE C 928 -24.71 -25.88 10.11
N SER C 929 -24.58 -25.68 8.80
CA SER C 929 -25.45 -26.35 7.82
C SER C 929 -25.30 -27.87 7.79
N LEU C 930 -24.11 -28.38 8.13
CA LEU C 930 -23.91 -29.83 8.28
C LEU C 930 -24.84 -30.44 9.33
N VAL C 931 -25.04 -29.74 10.43
CA VAL C 931 -25.91 -30.21 11.51
C VAL C 931 -27.37 -29.98 11.13
N TYR C 932 -27.68 -28.79 10.62
CA TYR C 932 -29.04 -28.43 10.16
C TYR C 932 -29.58 -29.37 9.07
N ASP C 933 -28.70 -29.88 8.20
CA ASP C 933 -29.06 -30.90 7.20
C ASP C 933 -28.86 -32.38 7.65
N ASN C 934 -28.56 -32.58 8.93
CA ASN C 934 -28.31 -33.93 9.50
C ASN C 934 -27.25 -34.79 8.77
N LYS C 935 -26.23 -34.13 8.22
CA LYS C 935 -25.15 -34.84 7.53
C LYS C 935 -24.09 -35.44 8.46
N ILE C 936 -24.23 -35.24 9.77
CA ILE C 936 -23.41 -35.89 10.79
C ILE C 936 -24.22 -37.03 11.39
N SER C 937 -23.81 -38.26 11.11
CA SER C 937 -24.61 -39.46 11.43
C SER C 937 -24.56 -39.91 12.90
N VAL C 938 -23.59 -39.39 13.65
CA VAL C 938 -23.32 -39.78 15.04
C VAL C 938 -23.69 -38.61 15.97
N PRO C 939 -23.97 -38.90 17.27
CA PRO C 939 -24.06 -37.81 18.24
C PRO C 939 -22.75 -37.06 18.43
N LEU C 940 -22.82 -35.73 18.42
CA LEU C 940 -21.66 -34.87 18.74
C LEU C 940 -21.42 -34.78 20.24
N TYR C 941 -22.48 -34.98 21.02
CA TYR C 941 -22.38 -35.01 22.48
C TYR C 941 -21.85 -36.34 23.01
N GLN C 942 -21.17 -36.27 24.15
CA GLN C 942 -20.70 -37.44 24.90
C GLN C 942 -21.91 -38.14 25.53
N GLU C 943 -21.82 -39.45 25.69
CA GLU C 943 -22.94 -40.26 26.18
C GLU C 943 -23.20 -39.93 27.66
N ALA C 944 -24.47 -39.65 27.97
CA ALA C 944 -24.92 -39.23 29.32
C ALA C 944 -24.42 -37.84 29.79
N GLU C 945 -24.36 -36.88 28.86
CA GLU C 945 -24.34 -35.44 29.20
C GLU C 945 -25.66 -34.71 28.81
N VAL C 946 -26.47 -35.33 27.95
CA VAL C 946 -27.83 -34.87 27.62
C VAL C 946 -28.74 -36.10 27.43
N PRO C 947 -30.08 -35.90 27.39
CA PRO C 947 -31.00 -37.03 27.11
C PRO C 947 -30.69 -37.80 25.82
N GLN C 948 -31.05 -39.08 25.79
CA GLN C 948 -30.62 -40.01 24.73
C GLN C 948 -31.12 -39.65 23.32
N GLY C 949 -32.40 -39.30 23.21
CA GLY C 949 -33.01 -38.98 21.91
C GLY C 949 -32.64 -37.65 21.24
N THR C 950 -32.08 -36.72 22.01
CA THR C 950 -31.90 -35.32 21.57
C THR C 950 -30.96 -35.17 20.38
N SER C 951 -31.37 -34.35 19.43
CA SER C 951 -30.67 -34.20 18.17
C SER C 951 -29.39 -33.36 18.30
N ASN C 952 -28.54 -33.47 17.29
CA ASN C 952 -27.35 -32.62 17.16
C ASN C 952 -27.71 -31.15 16.99
N GLN C 953 -28.88 -30.87 16.39
CA GLN C 953 -29.43 -29.50 16.28
C GLN C 953 -29.61 -28.86 17.63
N VAL C 954 -30.31 -29.57 18.50
CA VAL C 954 -30.60 -29.10 19.86
C VAL C 954 -29.31 -28.95 20.66
N TYR C 955 -28.43 -29.94 20.56
CA TYR C 955 -27.16 -29.88 21.26
C TYR C 955 -26.23 -28.77 20.75
N LEU C 956 -26.23 -28.53 19.44
CA LEU C 956 -25.42 -27.46 18.83
C LEU C 956 -25.78 -26.10 19.44
N SER C 957 -27.09 -25.83 19.48
CA SER C 957 -27.61 -24.60 20.09
C SER C 957 -27.21 -24.41 21.55
N GLN C 958 -27.30 -25.47 22.35
CA GLN C 958 -26.93 -25.41 23.79
C GLN C 958 -25.43 -25.19 24.00
N TYR C 959 -24.62 -25.91 23.24
CA TYR C 959 -23.17 -25.73 23.24
C TYR C 959 -22.81 -24.27 22.96
N LEU C 960 -23.37 -23.74 21.87
CA LEU C 960 -23.07 -22.37 21.43
C LEU C 960 -23.64 -21.30 22.35
N ALA C 961 -24.84 -21.52 22.88
CA ALA C 961 -25.41 -20.66 23.92
C ALA C 961 -24.44 -20.55 25.10
N ASN C 962 -24.01 -21.71 25.59
CA ASN C 962 -23.04 -21.79 26.68
C ASN C 962 -21.68 -21.16 26.33
N MET C 963 -21.16 -21.48 25.17
CA MET C 963 -19.88 -20.90 24.73
C MET C 963 -19.95 -19.36 24.70
N LEU C 964 -21.00 -18.82 24.11
CA LEU C 964 -21.17 -17.37 23.99
C LEU C 964 -21.50 -16.69 25.32
N SER C 965 -22.24 -17.37 26.19
CA SER C 965 -22.54 -16.86 27.51
C SER C 965 -21.27 -16.62 28.31
N ASN C 966 -20.34 -17.58 28.27
CA ASN C 966 -19.09 -17.47 29.02
C ASN C 966 -18.09 -16.50 28.38
N ALA C 967 -18.01 -16.48 27.06
CA ALA C 967 -17.07 -15.57 26.36
C ALA C 967 -17.58 -14.12 26.28
N PHE C 968 -18.89 -13.93 26.35
CA PHE C 968 -19.51 -12.60 26.31
C PHE C 968 -20.55 -12.48 27.42
N PRO C 969 -20.09 -12.44 28.70
CA PRO C 969 -21.01 -12.47 29.86
C PRO C 969 -21.97 -11.28 29.98
N HIS C 970 -21.63 -10.16 29.34
CA HIS C 970 -22.52 -8.99 29.32
C HIS C 970 -23.75 -9.10 28.40
N LEU C 971 -23.80 -10.13 27.55
CA LEU C 971 -25.00 -10.41 26.77
C LEU C 971 -26.02 -11.12 27.65
N THR C 972 -27.29 -10.80 27.44
CA THR C 972 -28.41 -11.49 28.07
C THR C 972 -28.61 -12.83 27.36
N SER C 973 -29.12 -13.83 28.08
CA SER C 973 -29.50 -15.12 27.50
C SER C 973 -30.40 -14.98 26.26
N GLU C 974 -31.29 -13.99 26.32
CA GLU C 974 -32.21 -13.66 25.24
C GLU C 974 -31.49 -13.21 23.95
N GLN C 975 -30.53 -12.28 24.08
CA GLN C 975 -29.70 -11.85 22.95
C GLN C 975 -29.01 -13.02 22.27
N ILE C 976 -28.41 -13.88 23.10
CA ILE C 976 -27.72 -15.08 22.62
C ILE C 976 -28.69 -16.05 21.94
N ALA C 977 -29.84 -16.29 22.55
CA ALA C 977 -30.85 -17.20 22.00
C ALA C 977 -31.40 -16.75 20.65
N SER C 978 -31.71 -15.46 20.51
CA SER C 978 -32.22 -14.89 19.26
C SER C 978 -31.17 -14.86 18.16
N PHE C 979 -29.94 -14.52 18.54
CA PHE C 979 -28.80 -14.54 17.61
C PHE C 979 -28.61 -15.92 17.00
N LEU C 980 -28.52 -16.95 17.84
CA LEU C 980 -28.36 -18.33 17.38
C LEU C 980 -29.54 -18.88 16.58
N SER C 981 -30.75 -18.46 16.95
CA SER C 981 -31.96 -18.82 16.21
C SER C 981 -31.91 -18.26 14.80
N ALA C 982 -31.62 -16.97 14.69
CA ALA C 982 -31.45 -16.30 13.39
C ALA C 982 -30.29 -16.90 12.57
N LEU C 983 -29.14 -17.13 13.22
CA LEU C 983 -27.95 -17.69 12.55
C LEU C 983 -28.21 -19.08 11.97
N THR C 984 -28.95 -19.91 12.71
CA THR C 984 -29.25 -21.28 12.27
C THR C 984 -30.27 -21.33 11.12
N LYS C 985 -31.27 -20.45 11.13
CA LYS C 985 -32.23 -20.34 10.03
C LYS C 985 -31.65 -19.78 8.73
N GLN C 986 -30.57 -19.02 8.84
CA GLN C 986 -29.97 -18.31 7.71
C GLN C 986 -28.73 -19.00 7.15
N CYS C 987 -28.50 -20.26 7.51
CA CYS C 987 -27.26 -20.96 7.12
C CYS C 987 -27.24 -21.51 5.68
N LYS C 988 -28.26 -21.20 4.87
CA LYS C 988 -28.16 -21.39 3.41
C LYS C 988 -28.03 -20.07 2.66
N ASP C 989 -28.11 -18.94 3.37
CA ASP C 989 -28.21 -17.62 2.76
C ASP C 989 -27.04 -16.73 3.22
N LEU C 990 -25.93 -16.82 2.49
CA LEU C 990 -24.67 -16.25 2.95
C LEU C 990 -24.76 -14.77 3.29
N VAL C 991 -25.37 -13.96 2.42
CA VAL C 991 -25.37 -12.51 2.63
C VAL C 991 -26.17 -12.09 3.89
N VAL C 992 -27.20 -12.87 4.21
CA VAL C 992 -28.05 -12.62 5.36
C VAL C 992 -27.32 -13.07 6.65
N PHE C 993 -26.87 -14.32 6.65
CA PHE C 993 -25.97 -14.89 7.68
C PHE C 993 -24.84 -13.92 8.08
N LYS C 994 -24.17 -13.34 7.08
CA LYS C 994 -23.13 -12.34 7.30
C LYS C 994 -23.67 -11.09 7.98
N GLY C 995 -24.84 -10.61 7.55
CA GLY C 995 -25.51 -9.49 8.19
C GLY C 995 -25.80 -9.78 9.66
N THR C 996 -26.23 -10.99 9.97
CA THR C 996 -26.50 -11.38 11.35
C THR C 996 -25.23 -11.46 12.19
N LEU C 997 -24.15 -11.97 11.61
CA LEU C 997 -22.86 -11.94 12.25
C LEU C 997 -22.40 -10.51 12.52
N ARG C 998 -22.56 -9.62 11.55
CA ARG C 998 -22.21 -8.21 11.72
C ARG C 998 -23.01 -7.54 12.82
N ASP C 999 -24.29 -7.87 12.91
CA ASP C 999 -25.15 -7.38 13.98
C ASP C 999 -24.67 -7.80 15.36
N PHE C 1000 -24.30 -9.07 15.47
CA PHE C 1000 -23.69 -9.61 16.68
C PHE C 1000 -22.40 -8.88 17.08
N LEU C 1001 -21.54 -8.57 16.10
CA LEU C 1001 -20.30 -7.86 16.38
C LEU C 1001 -20.51 -6.45 16.91
N VAL C 1002 -21.60 -5.80 16.47
CA VAL C 1002 -22.03 -4.54 17.06
C VAL C 1002 -22.50 -4.76 18.51
N GLN C 1003 -23.38 -5.72 18.71
CA GLN C 1003 -23.97 -5.97 20.04
C GLN C 1003 -22.97 -6.37 21.14
N ILE C 1004 -21.88 -7.05 20.77
CA ILE C 1004 -20.86 -7.43 21.78
C ILE C 1004 -19.99 -6.25 22.24
N LYS C 1005 -20.03 -5.13 21.53
CA LYS C 1005 -19.32 -3.92 21.91
C LYS C 1005 -20.13 -2.97 22.80
N GLU C 1006 -21.38 -3.32 23.09
CA GLU C 1006 -22.22 -2.51 23.97
C GLU C 1006 -22.98 -3.40 24.95
N VAL C 1007 -23.71 -2.76 25.85
CA VAL C 1007 -24.63 -3.44 26.76
C VAL C 1007 -26.07 -3.09 26.38
N GLY C 1008 -26.97 -4.07 26.46
CA GLY C 1008 -28.40 -3.84 26.26
C GLY C 1008 -28.92 -3.84 24.82
N GLY C 1009 -28.19 -4.50 23.92
CA GLY C 1009 -28.65 -4.67 22.56
C GLY C 1009 -29.97 -5.43 22.47
N ASP C 1010 -30.86 -4.94 21.62
CA ASP C 1010 -32.20 -5.47 21.48
C ASP C 1010 -32.14 -6.83 20.76
N PRO C 1011 -32.64 -7.91 21.40
CA PRO C 1011 -32.68 -9.24 20.77
C PRO C 1011 -33.50 -9.34 19.49
N THR C 1012 -34.53 -8.49 19.34
CA THR C 1012 -35.36 -8.49 18.14
C THR C 1012 -34.65 -7.95 16.88
N ASP C 1013 -33.50 -7.28 17.04
CA ASP C 1013 -32.64 -6.89 15.92
C ASP C 1013 -32.33 -8.07 14.99
N TYR C 1014 -32.22 -9.28 15.55
CA TYR C 1014 -31.93 -10.51 14.80
C TYR C 1014 -33.09 -11.05 13.95
N LEU C 1015 -34.29 -10.48 14.11
CA LEU C 1015 -35.43 -10.72 13.21
C LEU C 1015 -35.48 -9.79 11.99
N PHE C 1016 -34.42 -9.03 11.73
CA PHE C 1016 -34.39 -8.02 10.67
C PHE C 1016 -34.70 -8.59 9.28
N ALA C 1017 -34.11 -9.75 8.97
CA ALA C 1017 -34.27 -10.38 7.64
C ALA C 1017 -35.65 -11.02 7.45
PG GTP D . 0.14 0.99 15.52
O1G GTP D . -0.36 -0.26 16.18
O2G GTP D . 1.27 1.67 16.25
O3G GTP D . -0.97 1.91 15.09
O3B GTP D . 0.82 0.43 14.15
PB GTP D . 1.82 1.23 13.17
O1B GTP D . 2.76 2.17 13.92
O2B GTP D . 0.97 1.83 12.09
O3A GTP D . 2.69 0.02 12.53
PA GTP D . 4.29 -0.08 12.68
O1A GTP D . 4.60 -0.25 14.14
O2A GTP D . 4.95 1.06 11.92
O5' GTP D . 4.72 -1.44 11.97
C5' GTP D . 4.23 -1.86 10.72
C4' GTP D . 4.86 -3.19 10.30
O4' GTP D . 4.91 -3.16 8.88
C3' GTP D . 6.31 -3.37 10.77
O3' GTP D . 6.65 -4.76 10.86
C2' GTP D . 7.10 -2.71 9.67
O2' GTP D . 8.45 -3.20 9.56
C1' GTP D . 6.25 -2.98 8.43
N9 GTP D . 6.34 -1.86 7.45
C8 GTP D . 6.21 -0.54 7.67
N7 GTP D . 6.35 0.17 6.52
C5 GTP D . 6.56 -0.71 5.53
C6 GTP D . 6.78 -0.64 4.07
O6 GTP D . 6.80 0.46 3.47
N1 GTP D . 6.94 -1.81 3.42
C2 GTP D . 6.92 -3.01 4.04
N2 GTP D . 7.11 -4.15 3.34
N3 GTP D . 6.73 -3.14 5.37
C4 GTP D . 6.55 -2.05 6.15
MG MG E . 2.80 2.69 15.84
C1 EDO F . -11.77 3.01 14.02
O1 EDO F . -11.52 3.00 12.61
C2 EDO F . -11.44 4.39 14.60
O2 EDO F . -11.73 5.44 13.66
CL CL G . -6.53 -7.62 1.76
CL CL H . 6.91 -2.42 -6.74
C1 GOL I . -0.26 -23.08 18.36
O1 GOL I . -0.20 -22.96 19.80
C2 GOL I . -0.31 -24.55 17.97
O2 GOL I . -1.61 -25.07 18.29
C3 GOL I . -0.03 -24.76 16.48
O3 GOL I . 0.86 -25.86 16.23
CL CL J . -32.57 -12.82 29.21
CL CL K . 5.54 -14.71 -34.55
CL CL L . -10.64 22.01 23.37
CL CL M . -41.65 19.39 -0.60
CL CL N . -18.68 -4.20 26.47
C ACT O . -16.58 10.48 -14.09
O ACT O . -15.72 11.35 -14.39
OXT ACT O . -17.54 10.75 -13.32
CH3 ACT O . -16.45 9.09 -14.65
C ACT P . -21.07 30.04 -19.27
O ACT P . -21.26 29.45 -20.35
OXT ACT P . -22.02 30.53 -18.61
CH3 ACT P . -19.66 30.18 -18.75
C1 GOL Q . -36.04 -0.86 16.55
O1 GOL Q . -36.15 -2.28 16.55
C2 GOL Q . -34.96 -0.38 17.52
O2 GOL Q . -35.30 -0.74 18.87
C3 GOL Q . -33.58 -0.94 17.12
O3 GOL Q . -33.06 -1.92 18.02
C1 GOL R . -31.71 20.63 22.72
O1 GOL R . -33.02 21.02 22.27
C2 GOL R . -30.64 20.99 21.68
O2 GOL R . -31.02 22.17 20.95
C3 GOL R . -29.29 21.22 22.34
O3 GOL R . -28.31 21.67 21.39
#